data_6ZX9
#
_entry.id   6ZX9
#
_cell.length_a   265.898
_cell.length_b   95.540
_cell.length_c   98.348
_cell.angle_alpha   90.000
_cell.angle_beta   90.000
_cell.angle_gamma   90.000
#
_symmetry.space_group_name_H-M   'P 21 21 2'
#
loop_
_entity.id
_entity.type
_entity.pdbx_description
1 polymer 'DNA damage-binding protein 1'
2 polymer 'DDB1- and CUL4-associated factor 1'
3 polymer 'Vpr protein fused to T4 lysozyme'
4 non-polymer GLYCEROL
5 non-polymer 'ZINC ION'
6 water water
#
loop_
_entity_poly.entity_id
_entity_poly.type
_entity_poly.pdbx_seq_one_letter_code
_entity_poly.pdbx_strand_id
1 'polypeptide(L)'
;GSMSYNYVVTAQKPTAVNGCVTGHFTSAEDLNLLIAKNTRLEIYVVTAEGLRPVKEVGMYGKIAVMELFRPKGESKDLLF
ILTAKYNACILEYKQSGESIDIITRAHGNVQDRIGRPSETGIIGIIDPECRMIGLRLYDGLFKVIPLDRDNKELKAFNIR
LEELHVIDVKFLYGCQAPTICFVYQDPQGRHVKTYEVSLREKEFNKGPWKQENVEAEASMVIAVPEPFGGAIIIGQESIT
YHNGDKYLAIAPPIIKQSTIVCHNRVDPNGSRYLLGDMEGRLFMLLLEKEEQMDGTVTLKDLRVELLGETSIAECLTYLD
NGVVFVGSRLGDSQLVKLNVDSNEQGSYVVAMETFTNLGPIVDMCVVDLERQGQGQLVTCSGAFKEGSLRIIRNGIGIHE
HASIDLPGIKGLWPLRSDPNRETDDTLVLSFVGQTRVLMLNGEEVEETELMGFVDDQQTFFCGNVAHQQLIQITSASVRL
VSQEPKALVSEWKEPQAKNISVASCNSSQVVVAVGRALYYLQIHPQELRQISHTEMEHEVACLDITPLGDSNGLSPLCAI
GLWTDISARILKLPSFELLHKEMLGGEIIPRSILMTTFESSHYLLCALGDGALFYFGLNIETGLLSDRKKVTLGTQPTVL
RTFRSLSTTNVFACSDRPTVIYSSNHKLVFSNVNLKEVNYMCPLNSDGYPDSLALANNSTLTIGTIDEIQKLHIRTVPLY
ESPRKICYQEVSQCFGVLSSRIEVQDTSGGTTALRPSASTQALSSSVSSSKLFSSSTAPHETSFGEEVEVHNLLIIDQHT
FEVLHAHQFLQNEYALSLVSCKLGKDPNTYFIVGTAMVYPEEAEPKQGRIVVFQYSDGKLQTVAEKEVKGAVYSMVEFNG
KLLASINSTVRLYEWTTEKELRTECNHYNNIMALYLKTKGDFILVGDLMRSVLLLAYKPMEGNFEEIARDFNPNWMSAVE
ILDDDNFLGAENAFNLFVCQKDSAATTDEERQHLQEVGLFHLGEFVNVFCHGSLVMQNLGETSTPTQGSVLFGTVNGMIG
LVTSLSESWYNLLLDMQNRLNKVIKSVGKIEHSFWRSFHTERKTEPATGFIDGDLIESFLDISRPKMQEVVANLQYDDGS
GMKREATADDLIKVVEELTRIH
;
A
2 'polypeptide(L)'
;MAPINFTSRLNRRASFPKYGGVDGGCFDRHLIFSRFRPISVFREANEDESGFTCCAFSARERFLMLGTCTGQLKLYNVFS
GQEEASYNCHNSAITHLEPSRDGSLLLTSATWSQPLSALWGMKSVFDMKHSFTEDHYVEFSKHSQDRVIGTKGDIAHIYD
IQTGNKLLTLFNPDLANNYKRNCATFNPTDDLVLNDGVLWDVRSAQAIHKFDKFNMNISGVFHPNGLEVIINTEIWDLRT
FHLLHTVPALDQCRVVFNHTGTVMYGAMLQADDEDDLMEERMKSPFGSSFRTFNATDYKPIATIDVKRNIFDLCTDTKDC
YLAVIENQGSMDALNMDTVCRLYEVGRQRLAEELALVPRG
;
B
3 'polypeptide(L)'
;NIFEMLRIDHGLRLKIYKDTEGYYTIGIGHLLTKSPSLNAAKSELDKAIGRNTNGVITKDEAEKLFNQDVDAAVRGILRN
AKLKPVYDSLDAVRRAALINMVFQMGETGVAGFTNSLRMLQQKRWDEAAVNLAKSRWYNQTPNRAKRVITTFRTGTWDAY
KNLAAAMERVPPSHRPPWHSRVVPTTMQQAQQAMWDLNEEAEKHFSREELRGIWNDVTELPADPNWTVDQAAIACAIDYI
RRTQTLLFRHYREGCYHR
;
C
#
loop_
_chem_comp.id
_chem_comp.type
_chem_comp.name
_chem_comp.formula
GOL non-polymer GLYCEROL 'C3 H8 O3'
ZN non-polymer 'ZINC ION' 'Zn 2'
#
# COMPACT_ATOMS: atom_id res chain seq x y z
N GLY A 1 -20.49 5.58 -10.91
CA GLY A 1 -19.09 5.87 -10.61
C GLY A 1 -18.13 4.96 -11.35
N SER A 2 -16.85 5.33 -11.34
CA SER A 2 -15.81 4.61 -12.05
C SER A 2 -15.13 3.60 -11.13
N MET A 3 -14.42 2.64 -11.74
CA MET A 3 -13.64 1.68 -10.97
C MET A 3 -12.49 1.16 -11.83
N SER A 4 -11.38 0.86 -11.16
CA SER A 4 -10.23 0.17 -11.73
C SER A 4 -10.32 -1.32 -11.44
N TYR A 5 -9.55 -2.12 -12.18
CA TYR A 5 -9.55 -3.57 -12.05
C TYR A 5 -8.11 -4.06 -12.02
N ASN A 6 -7.54 -4.15 -10.82
CA ASN A 6 -6.15 -4.55 -10.64
C ASN A 6 -6.07 -5.86 -9.85
N TYR A 7 -4.94 -6.54 -9.98
CA TYR A 7 -4.73 -7.82 -9.31
C TYR A 7 -3.31 -7.84 -8.78
N VAL A 8 -3.16 -8.28 -7.53
CA VAL A 8 -1.90 -8.21 -6.81
C VAL A 8 -1.61 -9.56 -6.16
N VAL A 9 -0.40 -10.06 -6.37
CA VAL A 9 -0.01 -11.39 -5.91
C VAL A 9 1.41 -11.32 -5.34
N THR A 10 1.71 -12.25 -4.44
CA THR A 10 3.01 -12.31 -3.78
C THR A 10 4.00 -13.09 -4.63
N ALA A 11 5.12 -12.46 -4.97
CA ALA A 11 6.21 -13.14 -5.66
C ALA A 11 7.21 -13.73 -4.67
N GLN A 12 7.45 -13.03 -3.57
CA GLN A 12 8.36 -13.48 -2.52
C GLN A 12 7.71 -13.18 -1.18
N LYS A 13 7.53 -14.21 -0.35
CA LYS A 13 6.99 -13.99 0.98
C LYS A 13 7.95 -13.12 1.80
N PRO A 14 7.42 -12.36 2.76
CA PRO A 14 8.30 -11.57 3.63
C PRO A 14 9.31 -12.46 4.33
N THR A 15 10.55 -11.97 4.42
CA THR A 15 11.64 -12.74 4.99
C THR A 15 12.17 -12.18 6.31
N ALA A 16 11.86 -10.92 6.63
CA ALA A 16 12.27 -10.35 7.90
C ALA A 16 11.61 -11.09 9.05
N VAL A 17 12.29 -11.12 10.19
CA VAL A 17 11.76 -11.74 11.40
C VAL A 17 11.26 -10.64 12.32
N ASN A 18 9.95 -10.65 12.59
CA ASN A 18 9.34 -9.66 13.46
C ASN A 18 9.20 -10.14 14.89
N GLY A 19 9.29 -11.45 15.12
CA GLY A 19 9.22 -11.98 16.46
C GLY A 19 9.48 -13.47 16.47
N CYS A 20 10.02 -13.98 17.56
CA CYS A 20 10.22 -15.41 17.71
C CYS A 20 10.06 -15.79 19.17
N VAL A 21 9.55 -16.99 19.41
CA VAL A 21 9.21 -17.45 20.74
C VAL A 21 9.45 -18.96 20.78
N THR A 22 9.68 -19.47 21.98
CA THR A 22 10.10 -20.85 22.19
C THR A 22 9.17 -21.51 23.20
N GLY A 23 9.04 -22.83 23.09
CA GLY A 23 8.15 -23.55 24.00
C GLY A 23 7.72 -24.88 23.42
N HIS A 24 6.61 -25.39 23.94
CA HIS A 24 6.13 -26.74 23.66
C HIS A 24 4.72 -26.68 23.07
N PHE A 25 4.66 -26.50 21.75
CA PHE A 25 3.42 -26.22 21.05
C PHE A 25 2.90 -27.38 20.23
N THR A 26 3.78 -28.15 19.58
CA THR A 26 3.33 -29.31 18.83
C THR A 26 3.08 -30.52 19.73
N SER A 27 3.80 -30.61 20.84
CA SER A 27 3.57 -31.63 21.86
C SER A 27 4.30 -31.21 23.12
N ALA A 28 3.94 -31.85 24.23
CA ALA A 28 4.57 -31.52 25.51
C ALA A 28 6.04 -31.94 25.53
N GLU A 29 6.41 -32.96 24.76
CA GLU A 29 7.74 -33.52 24.88
C GLU A 29 8.79 -32.70 24.13
N ASP A 30 8.51 -32.34 22.88
CA ASP A 30 9.52 -31.70 22.06
C ASP A 30 9.49 -30.17 22.19
N LEU A 31 10.57 -29.55 21.72
CA LEU A 31 10.83 -28.13 21.88
C LEU A 31 10.63 -27.43 20.55
N ASN A 32 9.72 -26.47 20.52
CA ASN A 32 9.38 -25.75 19.29
C ASN A 32 10.07 -24.39 19.25
N LEU A 33 10.34 -23.94 18.02
CA LEU A 33 10.68 -22.55 17.74
C LEU A 33 9.61 -22.00 16.82
N LEU A 34 8.97 -20.90 17.23
CA LEU A 34 7.97 -20.23 16.42
C LEU A 34 8.56 -18.92 15.91
N ILE A 35 8.44 -18.68 14.61
CA ILE A 35 8.91 -17.45 13.99
C ILE A 35 7.72 -16.72 13.38
N ALA A 36 7.64 -15.42 13.62
CA ALA A 36 6.62 -14.57 13.01
C ALA A 36 7.29 -13.73 11.93
N LYS A 37 6.87 -13.90 10.68
CA LYS A 37 7.35 -13.07 9.58
C LYS A 37 6.15 -12.29 9.06
N ASN A 38 5.78 -11.26 9.82
CA ASN A 38 4.77 -10.25 9.54
C ASN A 38 3.36 -10.78 9.33
N THR A 39 3.26 -11.92 8.67
CA THR A 39 1.96 -12.35 8.17
C THR A 39 1.92 -13.87 8.16
N ARG A 40 3.10 -14.48 8.22
CA ARG A 40 3.23 -15.92 8.22
C ARG A 40 3.81 -16.35 9.56
N LEU A 41 3.34 -17.50 10.04
CA LEU A 41 3.83 -18.09 11.27
C LEU A 41 4.50 -19.41 10.90
N GLU A 42 5.74 -19.57 11.34
CA GLU A 42 6.52 -20.76 11.05
C GLU A 42 6.76 -21.53 12.33
N ILE A 43 6.39 -22.80 12.33
CA ILE A 43 6.56 -23.69 13.48
C ILE A 43 7.69 -24.65 13.16
N TYR A 44 8.64 -24.77 14.07
CA TYR A 44 9.73 -25.72 13.93
C TYR A 44 9.83 -26.57 15.19
N VAL A 45 10.39 -27.76 15.03
CA VAL A 45 10.81 -28.59 16.15
C VAL A 45 12.32 -28.45 16.26
N VAL A 46 12.80 -28.14 17.46
CA VAL A 46 14.23 -28.01 17.70
C VAL A 46 14.86 -29.39 17.79
N THR A 47 15.99 -29.57 17.14
CA THR A 47 16.68 -30.85 17.06
C THR A 47 18.17 -30.62 17.27
N ALA A 48 18.92 -31.72 17.39
CA ALA A 48 20.36 -31.64 17.21
C ALA A 48 20.70 -31.33 15.76
N GLU A 49 19.76 -31.60 14.85
CA GLU A 49 19.96 -31.35 13.43
C GLU A 49 20.00 -29.86 13.12
N GLY A 50 19.32 -29.05 13.92
CA GLY A 50 19.05 -27.67 13.59
C GLY A 50 17.60 -27.38 13.88
N LEU A 51 16.84 -27.01 12.85
CA LEU A 51 15.40 -26.75 12.97
C LEU A 51 14.67 -27.64 11.99
N ARG A 52 13.75 -28.46 12.49
CA ARG A 52 12.91 -29.29 11.63
C ARG A 52 11.66 -28.51 11.26
N PRO A 53 11.47 -28.12 10.00
CA PRO A 53 10.22 -27.46 9.61
C PRO A 53 9.04 -28.41 9.77
N VAL A 54 7.99 -27.93 10.43
CA VAL A 54 6.86 -28.76 10.84
C VAL A 54 5.56 -28.28 10.20
N LYS A 55 5.31 -26.98 10.23
CA LYS A 55 4.08 -26.41 9.67
C LYS A 55 4.23 -24.91 9.51
N GLU A 56 3.96 -24.38 8.32
CA GLU A 56 3.89 -22.95 8.10
C GLU A 56 2.46 -22.56 7.78
N VAL A 57 1.93 -21.59 8.49
CA VAL A 57 0.59 -21.10 8.27
C VAL A 57 0.65 -19.59 8.07
N GLY A 58 -0.40 -19.07 7.44
CA GLY A 58 -0.51 -17.64 7.24
C GLY A 58 -1.77 -17.10 7.88
N MET A 59 -1.79 -15.81 8.12
CA MET A 59 -2.91 -15.20 8.80
C MET A 59 -3.35 -13.97 8.04
N TYR A 60 -4.61 -13.62 8.24
CA TYR A 60 -5.19 -12.41 7.67
C TYR A 60 -4.95 -11.24 8.61
N GLY A 61 -3.68 -10.96 8.84
CA GLY A 61 -3.28 -9.94 9.79
C GLY A 61 -1.78 -9.88 9.93
N LYS A 62 -1.32 -8.74 10.45
CA LYS A 62 0.08 -8.55 10.80
C LYS A 62 0.27 -8.98 12.25
N ILE A 63 1.14 -9.96 12.48
CA ILE A 63 1.33 -10.51 13.81
C ILE A 63 2.07 -9.48 14.67
N ALA A 64 1.37 -8.89 15.62
CA ALA A 64 1.96 -7.89 16.51
C ALA A 64 2.36 -8.45 17.87
N VAL A 65 1.71 -9.53 18.32
CA VAL A 65 2.05 -10.20 19.57
C VAL A 65 1.98 -11.70 19.32
N MET A 66 2.92 -12.45 19.90
CA MET A 66 2.97 -13.90 19.74
C MET A 66 3.62 -14.49 20.98
N GLU A 67 2.83 -15.14 21.83
CA GLU A 67 3.34 -15.63 23.09
C GLU A 67 2.68 -16.95 23.46
N LEU A 68 3.49 -17.92 23.84
CA LEU A 68 3.01 -19.24 24.25
C LEU A 68 2.73 -19.26 25.74
N PHE A 69 1.72 -20.05 26.12
CA PHE A 69 1.33 -20.16 27.52
C PHE A 69 0.67 -21.51 27.74
N ARG A 70 0.71 -21.97 28.99
CA ARG A 70 0.13 -23.25 29.37
C ARG A 70 -0.92 -23.04 30.46
N PRO A 71 -2.21 -23.03 30.12
CA PRO A 71 -3.23 -23.01 31.16
C PRO A 71 -3.20 -24.32 31.94
N LYS A 72 -3.52 -24.23 33.22
CA LYS A 72 -3.55 -25.42 34.05
C LYS A 72 -4.65 -26.36 33.60
N GLY A 73 -4.32 -27.64 33.46
CA GLY A 73 -5.22 -28.63 32.89
C GLY A 73 -4.95 -28.94 31.44
N GLU A 74 -4.10 -28.17 30.77
CA GLU A 74 -3.74 -28.39 29.38
C GLU A 74 -2.42 -29.14 29.30
N SER A 75 -2.32 -30.06 28.33
CA SER A 75 -1.16 -30.94 28.25
C SER A 75 0.02 -30.30 27.53
N LYS A 76 -0.22 -29.33 26.66
CA LYS A 76 0.84 -28.65 25.93
C LYS A 76 0.47 -27.18 25.77
N ASP A 77 1.38 -26.40 25.20
CA ASP A 77 1.20 -24.95 25.16
C ASP A 77 0.09 -24.55 24.18
N LEU A 78 -0.50 -23.40 24.46
CA LEU A 78 -1.39 -22.71 23.54
C LEU A 78 -0.71 -21.43 23.07
N LEU A 79 -1.15 -20.92 21.93
CA LEU A 79 -0.54 -19.76 21.30
C LEU A 79 -1.51 -18.60 21.29
N PHE A 80 -1.08 -17.45 21.83
CA PHE A 80 -1.83 -16.21 21.73
C PHE A 80 -1.19 -15.32 20.66
N ILE A 81 -2.01 -14.88 19.71
CA ILE A 81 -1.59 -13.96 18.67
C ILE A 81 -2.52 -12.75 18.70
N LEU A 82 -1.94 -11.55 18.59
CA LEU A 82 -2.72 -10.34 18.42
C LEU A 82 -2.28 -9.68 17.11
N THR A 83 -3.28 -9.31 16.30
CA THR A 83 -3.08 -8.72 14.99
C THR A 83 -2.92 -7.21 15.11
N ALA A 84 -2.19 -6.61 14.17
CA ALA A 84 -2.05 -5.15 14.13
C ALA A 84 -3.41 -4.47 14.03
N LYS A 85 -4.37 -5.09 13.34
CA LYS A 85 -5.75 -4.61 13.30
C LYS A 85 -6.56 -5.07 14.50
N TYR A 86 -5.91 -5.65 15.51
CA TYR A 86 -6.48 -6.01 16.81
C TYR A 86 -7.31 -7.28 16.78
N ASN A 87 -7.14 -8.13 15.77
CA ASN A 87 -7.69 -9.48 15.84
C ASN A 87 -6.92 -10.28 16.87
N ALA A 88 -7.62 -10.83 17.86
CA ALA A 88 -7.02 -11.63 18.91
C ALA A 88 -7.51 -13.07 18.80
N CYS A 89 -6.60 -14.02 18.99
CA CYS A 89 -6.97 -15.42 18.94
C CYS A 89 -6.06 -16.24 19.85
N ILE A 90 -6.58 -17.38 20.29
CA ILE A 90 -5.79 -18.39 20.99
C ILE A 90 -5.82 -19.64 20.13
N LEU A 91 -4.67 -20.28 19.96
CA LEU A 91 -4.51 -21.33 18.97
C LEU A 91 -3.97 -22.60 19.61
N GLU A 92 -4.40 -23.73 19.09
CA GLU A 92 -3.89 -25.02 19.51
C GLU A 92 -3.43 -25.80 18.29
N TYR A 93 -2.35 -26.55 18.45
CA TYR A 93 -1.78 -27.35 17.38
C TYR A 93 -2.25 -28.78 17.52
N LYS A 94 -2.94 -29.28 16.50
CA LYS A 94 -3.48 -30.64 16.49
C LYS A 94 -2.95 -31.38 15.29
N GLN A 95 -2.39 -32.57 15.53
CA GLN A 95 -1.89 -33.44 14.48
C GLN A 95 -2.79 -34.67 14.44
N SER A 96 -3.67 -34.72 13.44
CA SER A 96 -4.54 -35.88 13.22
C SER A 96 -3.82 -36.87 12.31
N GLY A 97 -2.77 -37.46 12.86
CA GLY A 97 -1.92 -38.38 12.10
C GLY A 97 -1.09 -37.67 11.05
N GLU A 98 -1.39 -37.91 9.77
CA GLU A 98 -0.64 -37.32 8.68
C GLU A 98 -0.95 -35.83 8.48
N SER A 99 -2.12 -35.36 8.91
CA SER A 99 -2.56 -34.01 8.64
C SER A 99 -2.39 -33.13 9.88
N ILE A 100 -2.01 -31.87 9.66
CA ILE A 100 -1.74 -30.90 10.72
C ILE A 100 -2.73 -29.76 10.58
N ASP A 101 -3.35 -29.36 11.68
CA ASP A 101 -4.21 -28.20 11.65
C ASP A 101 -4.11 -27.42 12.95
N ILE A 102 -4.03 -26.10 12.82
CA ILE A 102 -4.04 -25.17 13.93
C ILE A 102 -5.48 -24.72 14.13
N ILE A 103 -6.07 -25.08 15.27
CA ILE A 103 -7.47 -24.77 15.55
C ILE A 103 -7.56 -23.51 16.40
N THR A 104 -8.57 -22.71 16.11
CA THR A 104 -8.83 -21.46 16.82
C THR A 104 -9.65 -21.79 18.06
N ARG A 105 -9.04 -21.66 19.24
CA ARG A 105 -9.69 -22.01 20.50
C ARG A 105 -10.54 -20.87 21.05
N ALA A 106 -10.11 -19.63 20.85
CA ALA A 106 -10.89 -18.45 21.19
C ALA A 106 -10.46 -17.33 20.27
N HIS A 107 -11.37 -16.40 19.99
CA HIS A 107 -11.03 -15.32 19.08
C HIS A 107 -11.99 -14.15 19.25
N GLY A 108 -11.50 -12.96 18.91
CA GLY A 108 -12.27 -11.74 18.99
C GLY A 108 -11.38 -10.57 18.65
N ASN A 109 -12.02 -9.42 18.43
CA ASN A 109 -11.31 -8.19 18.11
C ASN A 109 -11.38 -7.28 19.32
N VAL A 110 -10.21 -6.89 19.83
CA VAL A 110 -10.16 -6.02 21.01
C VAL A 110 -9.68 -4.63 20.60
N GLN A 111 -10.62 -3.81 20.14
CA GLN A 111 -10.29 -2.47 19.66
C GLN A 111 -11.17 -1.48 20.42
N ASP A 112 -10.54 -0.43 20.95
CA ASP A 112 -11.27 0.67 21.56
C ASP A 112 -11.45 1.74 20.50
N ARG A 113 -12.71 2.11 20.27
CA ARG A 113 -13.00 3.07 19.20
C ARG A 113 -12.49 4.47 19.51
N ILE A 114 -12.12 4.75 20.76
CA ILE A 114 -11.40 5.97 21.10
C ILE A 114 -10.14 5.55 21.83
N GLY A 115 -9.02 5.53 21.11
CA GLY A 115 -7.76 5.12 21.70
C GLY A 115 -6.58 5.79 21.06
N ARG A 116 -5.64 6.26 21.88
CA ARG A 116 -4.41 6.83 21.36
C ARG A 116 -3.33 5.77 21.37
N PRO A 117 -2.98 5.17 20.23
CA PRO A 117 -1.94 4.15 20.21
C PRO A 117 -0.62 4.68 20.76
N SER A 118 0.05 3.84 21.55
CA SER A 118 1.16 4.30 22.36
C SER A 118 2.42 4.49 21.53
N GLU A 119 3.36 5.22 22.12
CA GLU A 119 4.67 5.44 21.49
C GLU A 119 5.36 4.11 21.20
N THR A 120 5.56 3.29 22.22
CA THR A 120 6.29 2.04 22.08
C THR A 120 5.44 0.89 21.53
N GLY A 121 4.28 1.19 20.95
CA GLY A 121 3.51 0.19 20.23
C GLY A 121 2.78 -0.80 21.13
N ILE A 122 2.16 -1.78 20.48
CA ILE A 122 1.42 -2.80 21.19
C ILE A 122 2.36 -3.65 22.02
N ILE A 123 2.01 -3.85 23.28
CA ILE A 123 2.70 -4.77 24.17
C ILE A 123 1.68 -5.80 24.64
N GLY A 124 2.06 -7.07 24.61
CA GLY A 124 1.21 -8.14 25.11
C GLY A 124 1.94 -9.03 26.07
N ILE A 125 1.44 -9.16 27.30
CA ILE A 125 2.09 -9.94 28.35
C ILE A 125 1.08 -10.88 28.97
N ILE A 126 1.58 -11.99 29.50
CA ILE A 126 0.78 -13.01 30.17
C ILE A 126 1.43 -13.35 31.50
N ASP A 127 0.64 -13.36 32.57
CA ASP A 127 1.21 -13.54 33.90
C ASP A 127 1.71 -14.97 34.07
N PRO A 128 2.63 -15.21 35.00
CA PRO A 128 3.18 -16.57 35.16
C PRO A 128 2.12 -17.61 35.46
N GLU A 129 1.00 -17.21 36.05
CA GLU A 129 -0.08 -18.13 36.39
C GLU A 129 -0.99 -18.44 35.21
N CYS A 130 -0.79 -17.81 34.06
CA CYS A 130 -1.69 -17.94 32.91
C CYS A 130 -3.13 -17.57 33.29
N ARG A 131 -3.27 -16.57 34.15
CA ARG A 131 -4.59 -16.21 34.63
C ARG A 131 -5.18 -15.01 33.89
N MET A 132 -4.38 -14.33 33.07
CA MET A 132 -4.87 -13.19 32.31
C MET A 132 -3.94 -12.98 31.12
N ILE A 133 -4.44 -12.21 30.15
CA ILE A 133 -3.61 -11.61 29.10
C ILE A 133 -3.71 -10.11 29.25
N GLY A 134 -2.55 -9.45 29.34
CA GLY A 134 -2.49 -8.01 29.49
C GLY A 134 -2.07 -7.37 28.16
N LEU A 135 -2.85 -6.39 27.72
CA LEU A 135 -2.55 -5.64 26.51
C LEU A 135 -2.38 -4.18 26.86
N ARG A 136 -1.29 -3.58 26.41
CA ARG A 136 -1.12 -2.13 26.40
C ARG A 136 -1.31 -1.71 24.95
N LEU A 137 -2.55 -1.36 24.61
CA LEU A 137 -2.88 -0.96 23.25
C LEU A 137 -2.88 0.55 23.08
N TYR A 138 -3.36 1.28 24.10
CA TYR A 138 -3.48 2.73 24.03
C TYR A 138 -2.96 3.33 25.33
N ASP A 139 -2.82 4.65 25.33
CA ASP A 139 -2.37 5.35 26.52
C ASP A 139 -3.50 5.48 27.54
N GLY A 140 -3.15 5.38 28.81
CA GLY A 140 -4.13 5.48 29.87
C GLY A 140 -5.05 4.29 30.03
N LEU A 141 -4.84 3.21 29.27
CA LEU A 141 -5.68 2.03 29.34
C LEU A 141 -4.81 0.78 29.40
N PHE A 142 -5.32 -0.22 30.13
CA PHE A 142 -4.68 -1.53 30.22
C PHE A 142 -5.75 -2.60 30.05
N LYS A 143 -5.80 -3.19 28.87
CA LYS A 143 -6.82 -4.19 28.56
C LYS A 143 -6.45 -5.52 29.21
N VAL A 144 -7.46 -6.24 29.71
CA VAL A 144 -7.27 -7.51 30.39
C VAL A 144 -8.23 -8.53 29.80
N ILE A 145 -7.72 -9.68 29.41
CA ILE A 145 -8.52 -10.79 28.90
C ILE A 145 -8.39 -11.95 29.88
N PRO A 146 -9.42 -12.20 30.69
CA PRO A 146 -9.37 -13.37 31.59
C PRO A 146 -9.29 -14.65 30.78
N LEU A 147 -8.57 -15.63 31.32
CA LEU A 147 -8.19 -16.82 30.57
C LEU A 147 -8.87 -18.10 31.06
N ASP A 148 -9.91 -17.99 31.88
CA ASP A 148 -10.67 -19.18 32.22
C ASP A 148 -11.43 -19.67 30.99
N ARG A 149 -11.57 -21.00 30.89
CA ARG A 149 -11.88 -21.64 29.61
C ARG A 149 -13.27 -21.30 29.07
N ASP A 150 -14.10 -20.57 29.81
CA ASP A 150 -15.37 -20.12 29.24
C ASP A 150 -15.15 -19.08 28.15
N ASN A 151 -14.04 -18.34 28.20
CA ASN A 151 -13.88 -17.09 27.45
C ASN A 151 -13.50 -17.37 25.99
N LYS A 152 -14.44 -17.98 25.28
CA LYS A 152 -14.23 -18.39 23.89
C LYS A 152 -14.30 -17.23 22.91
N GLU A 153 -14.67 -16.03 23.35
CA GLU A 153 -14.69 -14.85 22.51
C GLU A 153 -13.68 -13.80 22.94
N LEU A 154 -12.78 -14.13 23.87
CA LEU A 154 -11.75 -13.22 24.35
C LEU A 154 -12.36 -11.89 24.79
N LYS A 155 -13.39 -11.98 25.63
CA LYS A 155 -14.01 -10.79 26.18
C LYS A 155 -13.05 -10.11 27.14
N ALA A 156 -12.77 -8.84 26.88
CA ALA A 156 -11.77 -8.10 27.63
C ALA A 156 -12.44 -7.03 28.48
N PHE A 157 -11.61 -6.23 29.15
CA PHE A 157 -12.03 -5.21 30.08
C PHE A 157 -10.85 -4.29 30.32
N ASN A 158 -11.09 -2.99 30.31
CA ASN A 158 -10.01 -2.02 30.46
C ASN A 158 -9.91 -1.54 31.90
N ILE A 159 -8.70 -1.16 32.28
CA ILE A 159 -8.42 -0.57 33.58
C ILE A 159 -7.78 0.79 33.35
N ARG A 160 -8.34 1.82 33.96
CA ARG A 160 -7.80 3.16 33.77
C ARG A 160 -6.40 3.25 34.36
N LEU A 161 -5.42 3.52 33.50
CA LEU A 161 -4.03 3.61 33.89
C LEU A 161 -3.64 5.08 34.02
N GLU A 162 -3.28 5.49 35.23
CA GLU A 162 -2.98 6.90 35.50
C GLU A 162 -1.77 7.35 34.69
N GLU A 163 -0.68 6.59 34.73
CA GLU A 163 0.51 6.93 33.96
C GLU A 163 0.25 6.75 32.48
N LEU A 164 0.51 7.79 31.70
CA LEU A 164 0.02 7.87 30.33
C LEU A 164 1.07 7.56 29.28
N HIS A 165 2.34 7.44 29.65
CA HIS A 165 3.43 7.19 28.70
C HIS A 165 4.29 6.08 29.27
N VAL A 166 3.94 4.84 28.93
CA VAL A 166 4.60 3.65 29.44
C VAL A 166 5.60 3.19 28.39
N ILE A 167 6.81 2.88 28.84
CA ILE A 167 7.86 2.43 27.94
C ILE A 167 7.80 0.92 27.71
N ASP A 168 7.85 0.12 28.78
CA ASP A 168 7.74 -1.33 28.69
C ASP A 168 7.05 -1.84 29.94
N VAL A 169 6.44 -3.03 29.84
CA VAL A 169 5.70 -3.61 30.95
C VAL A 169 5.83 -5.13 30.91
N LYS A 170 5.89 -5.73 32.09
CA LYS A 170 5.96 -7.18 32.25
C LYS A 170 5.21 -7.58 33.51
N PHE A 171 4.74 -8.83 33.54
CA PHE A 171 4.24 -9.43 34.77
C PHE A 171 5.41 -9.99 35.57
N LEU A 172 5.40 -9.74 36.87
CA LEU A 172 6.46 -10.22 37.74
C LEU A 172 6.23 -11.68 38.14
N TYR A 173 7.32 -12.35 38.49
CA TYR A 173 7.25 -13.69 39.06
C TYR A 173 7.26 -13.62 40.59
N GLY A 174 6.77 -14.69 41.20
CA GLY A 174 6.85 -14.83 42.65
C GLY A 174 6.09 -13.77 43.42
N CYS A 175 4.90 -13.41 42.96
CA CYS A 175 4.10 -12.40 43.61
C CYS A 175 2.83 -13.00 44.21
N GLN A 176 2.42 -12.44 45.34
CA GLN A 176 1.19 -12.86 46.02
C GLN A 176 0.00 -12.87 45.06
N ALA A 177 -0.14 -11.81 44.27
CA ALA A 177 -1.18 -11.66 43.27
C ALA A 177 -0.54 -11.24 41.96
N PRO A 178 -1.26 -11.38 40.84
CA PRO A 178 -0.76 -10.85 39.57
C PRO A 178 -0.31 -9.39 39.69
N THR A 179 0.92 -9.14 39.23
CA THR A 179 1.54 -7.84 39.40
C THR A 179 2.27 -7.44 38.11
N ILE A 180 1.98 -6.24 37.61
CA ILE A 180 2.70 -5.69 36.47
C ILE A 180 3.81 -4.80 36.98
N CYS A 181 4.90 -4.74 36.21
CA CYS A 181 6.04 -3.88 36.50
C CYS A 181 6.41 -3.16 35.21
N PHE A 182 6.44 -1.83 35.26
CA PHE A 182 6.59 -1.04 34.04
C PHE A 182 7.44 0.18 34.29
N VAL A 183 8.20 0.55 33.27
CA VAL A 183 8.87 1.85 33.22
C VAL A 183 7.93 2.84 32.54
N TYR A 184 7.84 4.04 33.09
CA TYR A 184 7.00 5.09 32.54
C TYR A 184 7.73 6.42 32.63
N GLN A 185 7.26 7.40 31.85
CA GLN A 185 7.95 8.67 31.70
C GLN A 185 6.98 9.82 31.98
N ASP A 186 7.40 10.75 32.83
CA ASP A 186 6.62 11.93 33.22
C ASP A 186 7.56 13.13 33.28
N PRO A 187 7.09 14.35 33.56
CA PRO A 187 8.01 15.51 33.52
C PRO A 187 9.17 15.44 34.50
N GLN A 188 9.11 14.60 35.53
CA GLN A 188 10.22 14.55 36.50
C GLN A 188 11.37 13.71 35.99
N GLY A 189 11.07 12.63 35.27
CA GLY A 189 12.08 11.75 34.70
C GLY A 189 11.38 10.54 34.14
N ARG A 190 11.98 9.35 34.26
CA ARG A 190 11.23 8.12 34.06
C ARG A 190 11.53 7.18 35.22
N HIS A 191 10.57 6.29 35.47
CA HIS A 191 10.48 5.61 36.76
C HIS A 191 9.99 4.19 36.55
N VAL A 192 10.10 3.38 37.60
CA VAL A 192 9.57 2.02 37.63
C VAL A 192 8.48 1.96 38.68
N LYS A 193 7.33 1.41 38.30
CA LYS A 193 6.21 1.33 39.22
C LYS A 193 5.58 -0.05 39.08
N THR A 194 4.92 -0.47 40.15
CA THR A 194 4.21 -1.74 40.17
C THR A 194 2.77 -1.52 40.57
N TYR A 195 1.88 -2.31 39.98
CA TYR A 195 0.51 -2.44 40.42
C TYR A 195 0.16 -3.92 40.50
N GLU A 196 -0.73 -4.24 41.43
CA GLU A 196 -1.38 -5.54 41.41
C GLU A 196 -2.66 -5.44 40.61
N VAL A 197 -3.01 -6.50 39.90
CA VAL A 197 -4.18 -6.51 39.04
C VAL A 197 -5.24 -7.38 39.70
N SER A 198 -6.31 -6.74 40.17
CA SER A 198 -7.45 -7.44 40.74
C SER A 198 -8.36 -7.88 39.59
N LEU A 199 -8.47 -9.18 39.38
CA LEU A 199 -9.28 -9.69 38.29
C LEU A 199 -10.75 -9.74 38.67
N ARG A 200 -11.04 -9.92 39.96
CA ARG A 200 -12.41 -10.05 40.43
C ARG A 200 -13.05 -8.69 40.74
N GLU A 201 -12.23 -7.69 41.11
CA GLU A 201 -12.70 -6.30 41.20
C GLU A 201 -12.46 -5.50 39.93
N LYS A 202 -11.53 -5.93 39.07
CA LYS A 202 -11.21 -5.25 37.81
C LYS A 202 -10.66 -3.84 38.07
N GLU A 203 -9.59 -3.79 38.86
CA GLU A 203 -8.92 -2.52 39.12
C GLU A 203 -7.46 -2.78 39.50
N PHE A 204 -6.75 -1.70 39.79
CA PHE A 204 -5.38 -1.73 40.26
C PHE A 204 -5.34 -1.55 41.77
N ASN A 205 -4.47 -2.30 42.43
CA ASN A 205 -4.15 -2.10 43.83
C ASN A 205 -2.69 -1.71 43.95
N LYS A 206 -2.34 -1.10 45.08
CA LYS A 206 -0.96 -0.67 45.32
C LYS A 206 0.00 -1.84 45.12
N GLY A 207 1.13 -1.56 44.47
CA GLY A 207 2.06 -2.59 44.09
C GLY A 207 2.97 -2.99 45.23
N PRO A 208 3.70 -4.10 45.03
CA PRO A 208 4.61 -4.60 46.06
C PRO A 208 5.65 -3.58 46.48
N TRP A 209 6.48 -3.11 45.56
CA TRP A 209 7.55 -2.19 45.93
C TRP A 209 7.30 -0.80 45.38
N LYS A 210 7.87 0.18 46.09
CA LYS A 210 7.79 1.58 45.74
C LYS A 210 8.36 1.82 44.35
N GLN A 211 8.21 3.04 43.89
CA GLN A 211 8.84 3.45 42.65
C GLN A 211 10.22 4.04 42.91
N GLU A 212 11.13 3.80 41.98
CA GLU A 212 12.45 4.44 41.97
C GLU A 212 12.60 5.21 40.68
N ASN A 213 13.64 6.05 40.62
CA ASN A 213 13.88 6.92 39.46
C ASN A 213 15.01 6.33 38.62
N VAL A 214 14.64 5.72 37.48
CA VAL A 214 15.59 5.04 36.61
C VAL A 214 16.28 5.97 35.62
N GLU A 215 17.24 5.39 34.89
CA GLU A 215 17.96 6.01 33.79
C GLU A 215 17.07 6.80 32.85
N ALA A 216 17.61 7.86 32.25
CA ALA A 216 16.84 8.67 31.32
C ALA A 216 16.35 7.85 30.12
N GLU A 217 17.13 6.85 29.70
CA GLU A 217 16.80 6.06 28.52
C GLU A 217 16.53 4.60 28.86
N ALA A 218 15.97 4.34 30.05
CA ALA A 218 15.57 2.99 30.40
C ALA A 218 14.44 2.55 29.49
N SER A 219 14.62 1.39 28.84
CA SER A 219 13.71 1.04 27.75
C SER A 219 13.16 -0.38 27.76
N MET A 220 13.68 -1.30 28.58
CA MET A 220 13.14 -2.65 28.64
C MET A 220 13.17 -3.18 30.07
N VAL A 221 12.07 -3.81 30.48
CA VAL A 221 11.96 -4.46 31.78
C VAL A 221 12.01 -5.98 31.56
N ILE A 222 12.80 -6.66 32.39
CA ILE A 222 12.91 -8.11 32.34
C ILE A 222 12.38 -8.66 33.65
N ALA A 223 11.44 -9.62 33.55
CA ALA A 223 10.87 -10.26 34.72
C ALA A 223 11.78 -11.43 35.12
N VAL A 224 12.45 -11.31 36.26
CA VAL A 224 13.34 -12.37 36.72
C VAL A 224 12.49 -13.45 37.41
N PRO A 225 12.68 -14.72 37.04
CA PRO A 225 11.88 -15.79 37.67
C PRO A 225 12.29 -16.07 39.11
N GLU A 226 11.55 -16.96 39.78
CA GLU A 226 11.93 -17.37 41.12
C GLU A 226 13.23 -18.16 41.08
N PRO A 227 13.97 -18.22 42.21
CA PRO A 227 13.65 -17.73 43.55
C PRO A 227 13.88 -16.25 43.75
N PHE A 228 14.48 -15.59 42.75
CA PHE A 228 14.95 -14.22 42.95
C PHE A 228 13.84 -13.20 42.74
N GLY A 229 13.09 -13.32 41.66
CA GLY A 229 12.05 -12.37 41.36
C GLY A 229 12.57 -10.97 41.13
N GLY A 230 11.68 -10.01 40.94
CA GLY A 230 12.10 -8.66 40.69
C GLY A 230 12.20 -8.35 39.21
N ALA A 231 12.80 -7.20 38.91
CA ALA A 231 12.89 -6.68 37.55
C ALA A 231 14.30 -6.21 37.26
N ILE A 232 14.80 -6.58 36.09
CA ILE A 232 16.01 -5.98 35.51
C ILE A 232 15.56 -4.96 34.48
N ILE A 233 16.27 -3.84 34.40
CA ILE A 233 15.87 -2.74 33.54
C ILE A 233 17.08 -2.28 32.75
N ILE A 234 16.99 -2.42 31.42
CA ILE A 234 18.06 -2.10 30.51
C ILE A 234 17.93 -0.66 30.07
N GLY A 235 19.03 0.08 30.13
CA GLY A 235 19.08 1.42 29.59
C GLY A 235 20.23 1.59 28.62
N GLN A 236 20.54 2.82 28.23
CA GLN A 236 21.64 3.04 27.31
C GLN A 236 22.99 3.03 28.00
N GLU A 237 23.04 3.31 29.30
CA GLU A 237 24.30 3.31 30.03
C GLU A 237 24.31 2.45 31.28
N SER A 238 23.15 2.09 31.83
CA SER A 238 23.10 1.31 33.06
C SER A 238 22.19 0.10 32.89
N ILE A 239 22.47 -0.92 33.69
CA ILE A 239 21.57 -2.05 33.90
C ILE A 239 21.31 -2.14 35.39
N THR A 240 20.05 -2.06 35.79
CA THR A 240 19.69 -2.04 37.21
C THR A 240 18.78 -3.21 37.54
N TYR A 241 18.78 -3.56 38.82
CA TYR A 241 17.91 -4.59 39.37
C TYR A 241 17.06 -3.98 40.47
N HIS A 242 15.79 -4.39 40.53
CA HIS A 242 14.84 -3.82 41.48
C HIS A 242 13.98 -4.91 42.09
N ASN A 243 13.84 -4.88 43.41
CA ASN A 243 12.95 -5.80 44.11
C ASN A 243 12.44 -5.07 45.35
N GLY A 244 11.92 -5.83 46.31
CA GLY A 244 11.25 -5.30 47.49
C GLY A 244 11.88 -4.03 48.05
N ASP A 245 13.13 -4.13 48.51
CA ASP A 245 13.96 -2.92 48.62
C ASP A 245 15.41 -3.24 48.27
N LYS A 246 15.65 -4.37 47.63
CA LYS A 246 16.95 -4.66 47.04
C LYS A 246 17.14 -3.82 45.79
N TYR A 247 18.38 -3.38 45.56
CA TYR A 247 18.68 -2.66 44.33
C TYR A 247 20.16 -2.70 44.04
N LEU A 248 20.49 -2.87 42.76
CA LEU A 248 21.86 -2.80 42.26
C LEU A 248 21.88 -2.08 40.93
N ALA A 249 23.03 -1.50 40.63
CA ALA A 249 23.24 -0.79 39.37
C ALA A 249 24.65 -1.09 38.90
N ILE A 250 24.78 -1.42 37.63
CA ILE A 250 26.06 -1.43 36.95
C ILE A 250 25.96 -0.52 35.75
N ALA A 251 27.09 0.07 35.36
CA ALA A 251 27.19 0.89 34.16
C ALA A 251 28.48 0.50 33.44
N PRO A 252 28.52 -0.68 32.84
CA PRO A 252 29.72 -1.09 32.10
C PRO A 252 29.91 -0.19 30.89
N PRO A 253 31.13 0.27 30.65
CA PRO A 253 31.37 1.14 29.49
C PRO A 253 31.06 0.46 28.16
N ILE A 254 31.16 -0.86 28.10
CA ILE A 254 31.02 -1.60 26.84
C ILE A 254 29.68 -1.32 26.18
N ILE A 255 28.61 -1.17 26.97
CA ILE A 255 27.27 -1.06 26.42
C ILE A 255 26.88 0.35 26.03
N LYS A 256 27.69 1.36 26.40
CA LYS A 256 27.37 2.73 26.00
C LYS A 256 27.51 2.92 24.49
N GLN A 257 28.31 2.08 23.85
CA GLN A 257 28.66 2.22 22.45
C GLN A 257 27.45 2.05 21.53
N SER A 258 26.46 1.26 21.95
CA SER A 258 25.30 0.98 21.11
C SER A 258 24.15 0.54 21.99
N THR A 259 22.93 0.86 21.54
CA THR A 259 21.73 0.62 22.34
C THR A 259 21.35 -0.85 22.32
N ILE A 260 21.21 -1.44 23.51
CA ILE A 260 20.70 -2.80 23.64
C ILE A 260 19.20 -2.80 23.33
N VAL A 261 18.76 -3.72 22.48
CA VAL A 261 17.40 -3.66 21.96
C VAL A 261 16.59 -4.93 22.18
N CYS A 262 17.19 -6.08 22.48
CA CYS A 262 16.41 -7.28 22.75
C CYS A 262 17.14 -8.13 23.80
N HIS A 263 16.41 -9.10 24.34
CA HIS A 263 16.93 -9.91 25.45
C HIS A 263 16.25 -11.28 25.43
N ASN A 264 16.87 -12.23 26.13
CA ASN A 264 16.32 -13.58 26.20
C ASN A 264 16.88 -14.31 27.42
N ARG A 265 16.00 -14.99 28.15
CA ARG A 265 16.43 -15.88 29.22
C ARG A 265 17.10 -17.13 28.65
N VAL A 266 18.26 -17.48 29.20
CA VAL A 266 18.92 -18.74 28.85
C VAL A 266 18.42 -19.88 29.72
N ASP A 267 18.48 -19.72 31.05
CA ASP A 267 18.08 -20.77 31.96
C ASP A 267 16.85 -20.37 32.76
N PRO A 268 15.99 -21.32 33.11
CA PRO A 268 14.78 -20.98 33.88
C PRO A 268 15.06 -20.41 35.25
N ASN A 269 16.29 -20.52 35.76
CA ASN A 269 16.64 -19.91 37.04
C ASN A 269 16.80 -18.41 36.94
N GLY A 270 16.85 -17.87 35.73
CA GLY A 270 17.03 -16.45 35.53
C GLY A 270 18.42 -15.94 35.82
N SER A 271 19.41 -16.82 35.96
CA SER A 271 20.76 -16.37 36.29
C SER A 271 21.49 -15.82 35.07
N ARG A 272 21.07 -16.15 33.86
CA ARG A 272 21.75 -15.66 32.66
C ARG A 272 20.76 -15.22 31.60
N TYR A 273 21.13 -14.14 30.91
CA TYR A 273 20.32 -13.51 29.89
C TYR A 273 21.19 -13.15 28.71
N LEU A 274 20.64 -13.28 27.50
CA LEU A 274 21.29 -12.79 26.31
C LEU A 274 20.80 -11.38 26.01
N LEU A 275 21.73 -10.51 25.60
CA LEU A 275 21.41 -9.14 25.24
C LEU A 275 22.01 -8.86 23.87
N GLY A 276 21.21 -8.29 22.98
CA GLY A 276 21.67 -7.89 21.66
C GLY A 276 21.53 -6.39 21.49
N ASP A 277 22.50 -5.78 20.82
CA ASP A 277 22.48 -4.33 20.61
C ASP A 277 22.37 -4.02 19.13
N MET A 278 22.30 -2.73 18.82
CA MET A 278 21.93 -2.28 17.48
C MET A 278 23.08 -2.37 16.47
N GLU A 279 24.31 -2.63 16.91
CA GLU A 279 25.39 -2.89 15.98
C GLU A 279 25.83 -4.35 16.00
N GLY A 280 24.97 -5.24 16.51
CA GLY A 280 25.11 -6.67 16.33
C GLY A 280 25.79 -7.43 17.44
N ARG A 281 26.21 -6.75 18.51
CA ARG A 281 26.95 -7.41 19.56
C ARG A 281 26.02 -8.24 20.44
N LEU A 282 26.50 -9.41 20.84
CA LEU A 282 25.74 -10.33 21.69
C LEU A 282 26.42 -10.39 23.05
N PHE A 283 25.68 -10.07 24.10
CA PHE A 283 26.18 -10.04 25.46
C PHE A 283 25.52 -11.14 26.29
N MET A 284 26.25 -11.60 27.31
CA MET A 284 25.67 -12.42 28.36
C MET A 284 25.55 -11.56 29.61
N LEU A 285 24.33 -11.46 30.14
CA LEU A 285 24.08 -10.80 31.41
C LEU A 285 23.97 -11.87 32.49
N LEU A 286 24.89 -11.83 33.45
CA LEU A 286 24.97 -12.82 34.51
C LEU A 286 24.61 -12.18 35.84
N LEU A 287 23.69 -12.81 36.56
CA LEU A 287 23.32 -12.39 37.90
C LEU A 287 24.04 -13.27 38.91
N GLU A 288 24.92 -12.68 39.69
CA GLU A 288 25.68 -13.44 40.68
C GLU A 288 24.86 -13.59 41.96
N LYS A 289 24.79 -14.83 42.44
CA LYS A 289 24.03 -15.23 43.62
C LYS A 289 24.97 -15.68 44.74
N GLU A 290 24.46 -15.68 45.96
CA GLU A 290 25.29 -15.97 47.12
C GLU A 290 24.76 -17.12 47.96
N VAL A 297 20.86 -17.39 50.03
CA VAL A 297 21.44 -16.95 48.77
C VAL A 297 20.66 -15.75 48.25
N THR A 298 21.37 -14.80 47.64
CA THR A 298 20.73 -13.61 47.10
C THR A 298 21.63 -12.98 46.05
N LEU A 299 21.09 -12.00 45.35
CA LEU A 299 21.77 -11.41 44.20
C LEU A 299 22.88 -10.48 44.68
N LYS A 300 24.13 -10.86 44.38
CA LYS A 300 25.27 -10.07 44.80
C LYS A 300 25.58 -8.95 43.81
N ASP A 301 25.48 -9.23 42.51
CA ASP A 301 26.01 -8.29 41.52
C ASP A 301 25.50 -8.66 40.14
N LEU A 302 25.74 -7.74 39.20
CA LEU A 302 25.41 -7.91 37.78
C LEU A 302 26.68 -7.81 36.97
N ARG A 303 26.79 -8.63 35.92
CA ARG A 303 27.99 -8.61 35.10
CA ARG A 303 28.00 -8.67 35.10
C ARG A 303 27.64 -8.84 33.63
N VAL A 304 28.20 -7.99 32.78
CA VAL A 304 28.03 -8.07 31.34
C VAL A 304 29.31 -8.64 30.74
N GLU A 305 29.18 -9.59 29.83
CA GLU A 305 30.34 -10.09 29.11
C GLU A 305 30.03 -10.18 27.62
N LEU A 306 30.91 -9.60 26.82
CA LEU A 306 30.77 -9.64 25.36
C LEU A 306 31.13 -11.03 24.84
N LEU A 307 30.25 -11.59 24.01
CA LEU A 307 30.43 -12.93 23.47
C LEU A 307 30.91 -12.94 22.03
N GLY A 308 30.56 -11.92 21.26
CA GLY A 308 30.84 -11.91 19.84
C GLY A 308 29.77 -11.12 19.12
N GLU A 309 29.68 -11.37 17.81
CA GLU A 309 28.83 -10.59 16.92
C GLU A 309 27.88 -11.51 16.17
N THR A 310 26.62 -11.12 16.11
CA THR A 310 25.61 -11.77 15.28
C THR A 310 25.11 -10.77 14.25
N SER A 311 24.12 -11.19 13.46
CA SER A 311 23.31 -10.23 12.73
C SER A 311 22.62 -9.30 13.72
N ILE A 312 22.35 -8.07 13.28
CA ILE A 312 21.58 -7.14 14.09
C ILE A 312 20.26 -7.83 14.42
N ALA A 313 20.02 -8.05 15.71
CA ALA A 313 18.94 -8.93 16.14
C ALA A 313 17.68 -8.10 16.42
N GLU A 314 16.58 -8.46 15.75
CA GLU A 314 15.27 -8.00 16.18
C GLU A 314 14.82 -8.76 17.42
N CYS A 315 15.17 -10.04 17.50
CA CYS A 315 14.84 -10.86 18.66
C CYS A 315 15.80 -12.04 18.75
N LEU A 316 15.97 -12.52 19.98
CA LEU A 316 16.86 -13.62 20.29
C LEU A 316 16.07 -14.72 21.00
N THR A 317 16.50 -15.96 20.81
CA THR A 317 15.94 -17.06 21.59
C THR A 317 16.98 -18.17 21.68
N TYR A 318 17.37 -18.49 22.91
CA TYR A 318 18.24 -19.64 23.14
C TYR A 318 17.43 -20.92 23.00
N LEU A 319 17.90 -21.86 22.18
CA LEU A 319 17.15 -23.09 21.96
C LEU A 319 17.61 -24.20 22.90
N ASP A 320 18.84 -24.66 22.71
CA ASP A 320 19.41 -25.74 23.52
C ASP A 320 20.83 -26.02 23.03
N ASN A 321 21.64 -26.59 23.93
CA ASN A 321 23.03 -26.94 23.64
C ASN A 321 23.80 -25.78 23.02
N GLY A 322 23.63 -24.59 23.59
CA GLY A 322 24.36 -23.43 23.13
C GLY A 322 23.99 -22.92 21.76
N VAL A 323 22.87 -23.38 21.19
CA VAL A 323 22.40 -22.89 19.90
C VAL A 323 21.42 -21.76 20.14
N VAL A 324 21.63 -20.64 19.45
CA VAL A 324 20.81 -19.45 19.59
C VAL A 324 20.27 -19.08 18.22
N PHE A 325 18.95 -18.88 18.13
CA PHE A 325 18.34 -18.34 16.92
C PHE A 325 18.37 -16.82 16.99
N VAL A 326 18.97 -16.20 15.97
CA VAL A 326 19.01 -14.75 15.87
C VAL A 326 17.97 -14.35 14.83
N GLY A 327 16.85 -13.78 15.30
CA GLY A 327 15.84 -13.26 14.41
C GLY A 327 16.17 -11.84 13.97
N SER A 328 16.39 -11.66 12.67
CA SER A 328 16.83 -10.38 12.14
C SER A 328 15.81 -9.85 11.13
N ARG A 329 15.65 -8.53 11.11
CA ARG A 329 14.91 -7.88 10.03
C ARG A 329 15.74 -6.87 9.25
N LEU A 330 16.88 -6.43 9.79
CA LEU A 330 17.81 -5.63 9.02
C LEU A 330 18.83 -6.49 8.26
N GLY A 331 18.92 -7.78 8.57
CA GLY A 331 19.85 -8.65 7.88
C GLY A 331 19.39 -10.09 7.89
N ASP A 332 20.28 -11.01 7.54
CA ASP A 332 19.93 -12.42 7.50
C ASP A 332 19.67 -12.93 8.91
N SER A 333 18.63 -13.75 9.05
CA SER A 333 18.49 -14.48 10.30
C SER A 333 19.56 -15.57 10.38
N GLN A 334 19.84 -15.99 11.61
CA GLN A 334 20.97 -16.85 11.88
C GLN A 334 20.59 -17.94 12.86
N LEU A 335 21.28 -19.08 12.73
CA LEU A 335 21.37 -20.08 13.77
C LEU A 335 22.82 -20.08 14.22
N VAL A 336 23.04 -19.79 15.51
CA VAL A 336 24.37 -19.46 16.02
C VAL A 336 24.68 -20.31 17.23
N LYS A 337 25.95 -20.68 17.39
CA LYS A 337 26.41 -21.52 18.50
C LYS A 337 27.25 -20.68 19.45
N LEU A 338 26.93 -20.77 20.75
CA LEU A 338 27.76 -20.23 21.81
C LEU A 338 28.73 -21.31 22.28
N ASN A 339 30.03 -21.02 22.19
CA ASN A 339 31.06 -21.97 22.56
C ASN A 339 31.64 -21.64 23.92
N VAL A 340 32.11 -22.68 24.61
CA VAL A 340 32.84 -22.46 25.85
C VAL A 340 34.21 -21.87 25.56
N ASP A 341 34.82 -22.29 24.45
CA ASP A 341 36.13 -21.80 24.05
C ASP A 341 36.00 -20.72 22.99
N SER A 342 36.79 -19.66 23.14
CA SER A 342 36.85 -18.61 22.13
C SER A 342 37.84 -19.00 21.03
N ASN A 343 37.69 -18.37 19.87
CA ASN A 343 38.56 -18.62 18.74
C ASN A 343 39.75 -17.65 18.77
N GLU A 344 40.50 -17.59 17.66
CA GLU A 344 41.61 -16.65 17.49
C GLU A 344 41.23 -15.26 18.01
N GLN A 345 40.17 -14.70 17.41
CA GLN A 345 39.75 -13.33 17.65
C GLN A 345 39.20 -13.10 19.05
N GLY A 346 38.95 -14.15 19.82
CA GLY A 346 38.32 -14.01 21.11
C GLY A 346 36.81 -14.00 21.08
N SER A 347 36.20 -14.58 20.04
CA SER A 347 34.76 -14.68 19.95
C SER A 347 34.29 -16.07 20.34
N TYR A 348 33.23 -16.13 21.12
CA TYR A 348 32.56 -17.39 21.46
C TYR A 348 31.41 -17.69 20.51
N VAL A 349 31.15 -16.80 19.56
CA VAL A 349 29.98 -16.87 18.69
C VAL A 349 30.42 -17.39 17.33
N VAL A 350 29.88 -18.53 16.92
CA VAL A 350 30.20 -19.17 15.65
C VAL A 350 28.89 -19.41 14.91
N ALA A 351 28.79 -18.88 13.69
CA ALA A 351 27.56 -19.03 12.93
C ALA A 351 27.41 -20.46 12.42
N MET A 352 26.20 -21.01 12.54
CA MET A 352 25.91 -22.36 12.09
C MET A 352 25.13 -22.38 10.77
N GLU A 353 24.23 -21.43 10.57
CA GLU A 353 23.32 -21.46 9.43
C GLU A 353 22.78 -20.07 9.18
N THR A 354 22.68 -19.69 7.91
CA THR A 354 22.22 -18.37 7.50
C THR A 354 20.89 -18.49 6.79
N PHE A 355 19.98 -17.57 7.09
CA PHE A 355 18.64 -17.58 6.50
C PHE A 355 18.42 -16.26 5.76
N THR A 356 18.05 -16.37 4.48
CA THR A 356 17.99 -15.20 3.60
C THR A 356 16.91 -14.23 4.04
N ASN A 357 17.29 -12.96 4.15
CA ASN A 357 16.36 -11.87 4.40
C ASN A 357 16.63 -10.79 3.36
N LEU A 358 15.61 -10.46 2.57
CA LEU A 358 15.74 -9.41 1.58
C LEU A 358 15.44 -8.03 2.14
N GLY A 359 14.85 -7.95 3.33
CA GLY A 359 14.42 -6.69 3.88
C GLY A 359 15.50 -5.98 4.68
N PRO A 360 15.43 -4.64 4.72
CA PRO A 360 14.47 -3.85 3.94
C PRO A 360 14.89 -3.77 2.49
N ILE A 361 13.94 -3.79 1.56
CA ILE A 361 14.22 -3.47 0.17
C ILE A 361 14.07 -1.96 0.06
N VAL A 362 15.20 -1.26 0.06
CA VAL A 362 15.17 0.20 0.01
C VAL A 362 15.03 0.69 -1.41
N ASP A 363 15.56 -0.05 -2.38
CA ASP A 363 15.42 0.25 -3.79
C ASP A 363 15.67 -1.04 -4.57
N MET A 364 15.29 -1.01 -5.85
CA MET A 364 15.45 -2.17 -6.70
C MET A 364 15.39 -1.73 -8.14
N CYS A 365 15.78 -2.63 -9.04
CA CYS A 365 15.66 -2.40 -10.47
C CYS A 365 15.68 -3.75 -11.15
N VAL A 366 15.17 -3.78 -12.39
CA VAL A 366 15.12 -4.99 -13.20
C VAL A 366 16.12 -4.84 -14.34
N VAL A 367 16.87 -5.93 -14.58
CA VAL A 367 17.91 -5.94 -15.60
C VAL A 367 17.90 -7.31 -16.28
N ASP A 368 18.11 -7.30 -17.60
CA ASP A 368 18.28 -8.53 -18.37
C ASP A 368 19.77 -8.82 -18.56
N LEU A 369 20.42 -9.18 -17.45
CA LEU A 369 21.87 -9.39 -17.47
C LEU A 369 22.29 -10.55 -18.37
N GLU A 370 21.94 -11.77 -17.97
CA GLU A 370 22.58 -12.96 -18.53
C GLU A 370 21.95 -13.37 -19.85
N ARG A 371 20.66 -13.63 -19.85
CA ARG A 371 19.91 -13.87 -21.08
C ARG A 371 19.08 -12.66 -21.39
N GLN A 372 18.41 -12.72 -22.53
CA GLN A 372 17.50 -11.69 -22.98
C GLN A 372 16.08 -12.21 -22.84
N GLY A 373 15.17 -11.33 -22.41
CA GLY A 373 13.78 -11.69 -22.20
C GLY A 373 13.42 -12.17 -20.81
N GLN A 374 14.38 -12.27 -19.89
CA GLN A 374 14.09 -12.70 -18.52
C GLN A 374 14.81 -11.79 -17.53
N GLY A 375 14.08 -10.89 -16.91
CA GLY A 375 14.69 -9.94 -16.00
C GLY A 375 15.09 -10.56 -14.68
N GLN A 376 16.17 -10.03 -14.11
CA GLN A 376 16.52 -10.23 -12.73
C GLN A 376 16.24 -8.97 -11.93
N LEU A 377 15.88 -9.14 -10.67
CA LEU A 377 15.83 -8.03 -9.73
C LEU A 377 17.18 -7.87 -9.05
N VAL A 378 17.63 -6.63 -8.93
CA VAL A 378 18.80 -6.30 -8.11
C VAL A 378 18.33 -5.29 -7.08
N THR A 379 18.35 -5.69 -5.82
CA THR A 379 17.79 -4.90 -4.73
C THR A 379 18.87 -4.27 -3.88
N CYS A 380 18.56 -3.11 -3.32
CA CYS A 380 19.29 -2.57 -2.17
C CYS A 380 18.62 -3.12 -0.92
N SER A 381 19.31 -4.01 -0.21
CA SER A 381 18.74 -4.72 0.93
C SER A 381 19.57 -4.48 2.18
N GLY A 382 18.93 -4.67 3.34
CA GLY A 382 19.61 -4.62 4.62
C GLY A 382 19.88 -3.20 5.07
N ALA A 383 20.36 -3.07 6.32
CA ALA A 383 20.45 -1.73 6.91
C ALA A 383 21.87 -1.25 7.13
N PHE A 384 22.66 -1.82 8.05
CA PHE A 384 23.94 -1.12 8.22
C PHE A 384 25.17 -1.97 7.94
N LYS A 385 25.53 -2.86 8.86
CA LYS A 385 26.59 -3.80 8.54
C LYS A 385 26.05 -4.98 7.77
N GLU A 386 24.72 -5.11 7.74
CA GLU A 386 24.00 -6.12 6.99
C GLU A 386 23.68 -5.69 5.56
N GLY A 387 23.95 -4.44 5.21
CA GLY A 387 23.54 -3.95 3.90
C GLY A 387 24.19 -4.74 2.78
N SER A 388 23.42 -4.96 1.72
CA SER A 388 23.87 -5.85 0.65
C SER A 388 23.12 -5.50 -0.63
N LEU A 389 23.60 -6.09 -1.72
CA LEU A 389 22.83 -6.22 -2.95
C LEU A 389 22.33 -7.65 -3.05
N ARG A 390 21.10 -7.81 -3.53
CA ARG A 390 20.51 -9.12 -3.73
C ARG A 390 20.09 -9.24 -5.18
N ILE A 391 20.58 -10.27 -5.86
CA ILE A 391 20.21 -10.55 -7.24
C ILE A 391 19.19 -11.67 -7.23
N ILE A 392 17.98 -11.36 -7.66
CA ILE A 392 16.85 -12.29 -7.60
C ILE A 392 16.60 -12.81 -9.01
N ARG A 393 16.78 -14.11 -9.20
CA ARG A 393 16.61 -14.73 -10.50
C ARG A 393 15.61 -15.89 -10.40
N ASN A 394 14.71 -15.96 -11.38
CA ASN A 394 13.78 -17.06 -11.49
C ASN A 394 14.43 -18.18 -12.30
N GLY A 395 14.32 -19.41 -11.81
CA GLY A 395 14.84 -20.54 -12.54
C GLY A 395 15.01 -21.77 -11.67
N ILE A 396 15.72 -22.74 -12.22
CA ILE A 396 16.03 -24.01 -11.56
C ILE A 396 17.55 -24.09 -11.39
N GLY A 397 17.99 -24.53 -10.22
CA GLY A 397 19.40 -24.54 -9.88
C GLY A 397 19.95 -25.94 -9.78
N ILE A 398 21.23 -26.09 -10.13
CA ILE A 398 21.92 -27.36 -10.04
C ILE A 398 22.86 -27.33 -8.84
N HIS A 399 23.00 -28.46 -8.18
CA HIS A 399 23.91 -28.64 -7.07
C HIS A 399 25.14 -29.36 -7.58
N GLU A 400 26.12 -28.59 -8.08
CA GLU A 400 27.36 -29.17 -8.57
C GLU A 400 28.01 -30.05 -7.51
N HIS A 401 28.37 -31.27 -7.91
CA HIS A 401 29.13 -32.16 -7.05
C HIS A 401 30.42 -32.65 -7.68
N ALA A 402 30.74 -32.23 -8.90
CA ALA A 402 31.99 -32.62 -9.55
C ALA A 402 32.21 -31.78 -10.79
N SER A 403 33.45 -31.77 -11.26
CA SER A 403 33.85 -30.95 -12.40
C SER A 403 35.19 -31.46 -12.92
N ILE A 404 35.21 -31.93 -14.17
CA ILE A 404 36.42 -32.44 -14.81
C ILE A 404 36.63 -31.71 -16.13
N ASP A 405 37.85 -31.26 -16.38
CA ASP A 405 38.14 -30.37 -17.50
C ASP A 405 38.50 -31.17 -18.76
N LEU A 406 37.53 -31.96 -19.21
CA LEU A 406 37.69 -32.81 -20.39
C LEU A 406 37.01 -32.14 -21.59
N PRO A 407 37.76 -31.51 -22.49
CA PRO A 407 37.15 -30.63 -23.48
C PRO A 407 36.62 -31.37 -24.70
N GLY A 408 35.66 -30.74 -25.36
CA GLY A 408 35.22 -31.17 -26.67
C GLY A 408 34.28 -32.36 -26.72
N ILE A 409 33.43 -32.52 -25.71
CA ILE A 409 32.53 -33.66 -25.67
C ILE A 409 31.40 -33.45 -26.69
N LYS A 410 31.11 -34.49 -27.47
CA LYS A 410 30.01 -34.47 -28.41
C LYS A 410 28.82 -35.32 -27.99
N GLY A 411 29.00 -36.23 -27.04
CA GLY A 411 27.92 -37.10 -26.60
C GLY A 411 28.23 -37.67 -25.24
N LEU A 412 27.19 -38.24 -24.62
CA LEU A 412 27.30 -38.67 -23.25
C LEU A 412 26.14 -39.62 -22.94
N TRP A 413 26.45 -40.73 -22.27
CA TRP A 413 25.44 -41.76 -22.00
C TRP A 413 25.73 -42.48 -20.70
N PRO A 414 24.71 -42.73 -19.87
CA PRO A 414 24.90 -43.53 -18.67
C PRO A 414 24.73 -45.01 -18.95
N LEU A 415 25.70 -45.83 -18.54
CA LEU A 415 25.73 -47.23 -18.92
C LEU A 415 25.98 -48.08 -17.69
N ARG A 416 25.17 -49.12 -17.51
CA ARG A 416 25.39 -50.06 -16.42
C ARG A 416 26.39 -51.12 -16.85
N SER A 417 27.25 -51.50 -15.91
CA SER A 417 28.38 -52.39 -16.17
C SER A 417 28.15 -53.81 -15.70
N ASP A 418 27.42 -53.98 -14.61
CA ASP A 418 27.24 -55.26 -13.94
C ASP A 418 25.75 -55.55 -13.86
N PRO A 419 25.26 -56.64 -14.47
CA PRO A 419 23.81 -56.89 -14.44
C PRO A 419 23.27 -57.14 -13.05
N ASN A 420 24.09 -57.65 -12.14
CA ASN A 420 23.60 -58.01 -10.81
C ASN A 420 23.24 -56.79 -9.96
N ARG A 421 23.68 -55.59 -10.33
CA ARG A 421 23.34 -54.37 -9.60
C ARG A 421 22.42 -53.48 -10.44
N GLU A 422 21.66 -52.63 -9.72
CA GLU A 422 20.58 -51.81 -10.23
C GLU A 422 20.97 -50.39 -10.64
N THR A 423 22.23 -49.98 -10.47
CA THR A 423 22.59 -48.57 -10.60
C THR A 423 23.61 -48.33 -11.69
N ASP A 424 23.47 -47.20 -12.40
CA ASP A 424 24.42 -46.75 -13.41
C ASP A 424 25.79 -46.54 -12.80
N ASP A 425 26.77 -47.38 -13.15
CA ASP A 425 28.13 -47.19 -12.66
C ASP A 425 29.14 -47.31 -13.79
N THR A 426 28.83 -46.66 -14.91
CA THR A 426 29.77 -46.41 -15.98
C THR A 426 29.22 -45.20 -16.74
N LEU A 427 30.06 -44.61 -17.58
CA LEU A 427 29.64 -43.47 -18.36
C LEU A 427 30.58 -43.30 -19.55
N VAL A 428 29.98 -43.12 -20.72
CA VAL A 428 30.70 -43.09 -21.97
C VAL A 428 30.53 -41.71 -22.60
N LEU A 429 31.62 -41.19 -23.16
CA LEU A 429 31.65 -39.87 -23.78
C LEU A 429 32.08 -39.96 -25.24
N SER A 430 31.48 -39.11 -26.05
CA SER A 430 31.78 -39.00 -27.47
C SER A 430 32.58 -37.74 -27.73
N PHE A 431 33.65 -37.88 -28.49
CA PHE A 431 34.45 -36.77 -29.00
C PHE A 431 34.49 -36.88 -30.53
N VAL A 432 34.88 -35.80 -31.19
CA VAL A 432 34.73 -35.75 -32.65
C VAL A 432 35.68 -36.77 -33.27
N GLY A 433 35.12 -37.90 -33.69
CA GLY A 433 35.88 -38.93 -34.35
C GLY A 433 36.21 -40.16 -33.53
N GLN A 434 35.92 -40.15 -32.22
CA GLN A 434 36.33 -41.28 -31.41
C GLN A 434 35.71 -41.18 -30.01
N THR A 435 35.92 -42.22 -29.19
CA THR A 435 35.11 -42.48 -28.00
C THR A 435 35.99 -42.94 -26.84
N ARG A 436 35.66 -42.48 -25.62
CA ARG A 436 36.29 -42.96 -24.39
C ARG A 436 35.23 -43.39 -23.41
N VAL A 437 35.60 -44.31 -22.52
CA VAL A 437 34.74 -44.78 -21.44
C VAL A 437 35.45 -44.50 -20.12
N LEU A 438 34.67 -44.13 -19.09
CA LEU A 438 35.21 -43.92 -17.76
C LEU A 438 34.36 -44.66 -16.74
N MET A 439 35.05 -45.25 -15.76
CA MET A 439 34.38 -45.90 -14.63
C MET A 439 34.08 -44.86 -13.56
N LEU A 440 33.00 -45.09 -12.81
CA LEU A 440 32.49 -44.11 -11.85
C LEU A 440 32.38 -44.73 -10.47
N ASN A 441 33.47 -45.37 -10.04
CA ASN A 441 33.59 -45.85 -8.67
C ASN A 441 33.57 -44.68 -7.69
N GLY A 442 32.81 -44.84 -6.61
CA GLY A 442 32.80 -43.87 -5.54
C GLY A 442 32.33 -42.48 -5.94
N GLU A 443 33.25 -41.51 -5.95
CA GLU A 443 32.93 -40.13 -6.28
C GLU A 443 33.77 -39.57 -7.42
N GLU A 444 34.83 -40.26 -7.82
CA GLU A 444 35.84 -39.69 -8.71
C GLU A 444 36.19 -40.72 -9.78
N VAL A 445 36.44 -40.25 -11.00
CA VAL A 445 36.38 -41.10 -12.18
C VAL A 445 37.77 -41.23 -12.82
N GLU A 446 37.92 -42.29 -13.60
CA GLU A 446 39.21 -42.76 -14.10
C GLU A 446 38.94 -43.63 -15.32
N GLU A 447 39.84 -43.56 -16.31
CA GLU A 447 39.55 -44.04 -17.66
C GLU A 447 39.64 -45.55 -17.76
N THR A 448 38.67 -46.15 -18.48
CA THR A 448 38.65 -47.57 -18.77
C THR A 448 38.32 -47.80 -20.23
N GLU A 449 38.09 -49.05 -20.61
CA GLU A 449 37.28 -49.37 -21.78
C GLU A 449 36.68 -50.74 -21.57
N LEU A 450 35.37 -50.86 -21.79
CA LEU A 450 34.72 -52.15 -21.83
C LEU A 450 34.89 -52.70 -23.24
N MET A 451 35.64 -53.79 -23.37
CA MET A 451 35.88 -54.37 -24.68
C MET A 451 34.57 -54.85 -25.31
N GLY A 452 34.53 -54.79 -26.63
CA GLY A 452 33.29 -54.79 -27.38
C GLY A 452 32.86 -53.41 -27.82
N PHE A 453 33.40 -52.37 -27.21
CA PHE A 453 33.19 -51.00 -27.64
C PHE A 453 34.38 -50.53 -28.46
N VAL A 454 34.09 -49.79 -29.55
CA VAL A 454 35.14 -49.24 -30.39
C VAL A 454 35.66 -47.94 -29.78
N ASP A 455 36.84 -47.54 -30.21
CA ASP A 455 37.35 -46.20 -29.92
C ASP A 455 37.84 -45.45 -31.15
N ASP A 456 37.90 -46.09 -32.32
CA ASP A 456 38.36 -45.39 -33.51
C ASP A 456 37.27 -44.59 -34.22
N GLN A 457 36.00 -44.79 -33.85
CA GLN A 457 34.91 -44.05 -34.47
C GLN A 457 34.09 -43.35 -33.40
N GLN A 458 33.33 -42.35 -33.84
CA GLN A 458 32.56 -41.48 -32.96
C GLN A 458 31.26 -42.17 -32.53
N THR A 459 31.09 -42.35 -31.22
CA THR A 459 29.89 -43.00 -30.71
C THR A 459 28.68 -42.09 -30.85
N PHE A 460 27.58 -42.65 -31.39
CA PHE A 460 26.33 -41.92 -31.53
C PHE A 460 25.30 -42.31 -30.49
N PHE A 461 25.46 -43.47 -29.84
CA PHE A 461 24.60 -43.92 -28.76
C PHE A 461 25.21 -45.18 -28.14
N CYS A 462 24.91 -45.39 -26.86
CA CYS A 462 25.15 -46.67 -26.19
C CYS A 462 24.32 -46.71 -24.92
N GLY A 463 24.06 -47.92 -24.45
CA GLY A 463 23.27 -48.07 -23.25
C GLY A 463 22.84 -49.51 -23.02
N ASN A 464 22.04 -49.67 -21.97
CA ASN A 464 21.52 -50.99 -21.58
C ASN A 464 20.40 -51.40 -22.53
N VAL A 465 20.58 -52.50 -23.24
CA VAL A 465 19.53 -53.02 -24.11
C VAL A 465 19.02 -54.35 -23.58
N ALA A 466 18.01 -54.90 -24.23
CA ALA A 466 17.31 -56.08 -23.73
C ALA A 466 18.24 -57.30 -23.71
N HIS A 467 17.87 -58.26 -22.86
CA HIS A 467 18.56 -59.54 -22.72
C HIS A 467 20.00 -59.36 -22.20
N GLN A 468 20.12 -58.58 -21.13
CA GLN A 468 21.34 -58.47 -20.33
C GLN A 468 22.58 -58.25 -21.20
N GLN A 469 22.55 -57.14 -21.93
CA GLN A 469 23.59 -56.84 -22.90
C GLN A 469 23.51 -55.37 -23.28
N LEU A 470 24.52 -54.92 -24.04
CA LEU A 470 24.72 -53.50 -24.28
C LEU A 470 24.99 -53.24 -25.76
N ILE A 471 24.49 -52.10 -26.23
CA ILE A 471 24.67 -51.70 -27.61
C ILE A 471 25.56 -50.46 -27.66
N GLN A 472 26.20 -50.26 -28.81
CA GLN A 472 26.86 -49.00 -29.10
C GLN A 472 26.81 -48.76 -30.60
N ILE A 473 26.16 -47.67 -30.99
CA ILE A 473 26.02 -47.30 -32.40
C ILE A 473 27.05 -46.22 -32.70
N THR A 474 27.82 -46.43 -33.77
CA THR A 474 28.84 -45.47 -34.17
C THR A 474 28.65 -45.02 -35.61
N SER A 475 29.63 -44.30 -36.16
CA SER A 475 29.54 -43.81 -37.52
C SER A 475 29.66 -44.92 -38.55
N ALA A 476 30.10 -46.10 -38.15
CA ALA A 476 30.28 -47.22 -39.04
C ALA A 476 29.88 -48.55 -38.46
N SER A 477 29.05 -48.58 -37.41
CA SER A 477 28.66 -49.89 -36.91
C SER A 477 27.65 -49.75 -35.78
N VAL A 478 26.69 -50.66 -35.76
CA VAL A 478 25.96 -50.99 -34.55
C VAL A 478 26.63 -52.21 -33.94
N ARG A 479 27.07 -52.07 -32.69
CA ARG A 479 27.85 -53.10 -32.01
C ARG A 479 27.11 -53.54 -30.76
N LEU A 480 26.83 -54.83 -30.65
CA LEU A 480 26.07 -55.37 -29.54
C LEU A 480 26.98 -56.29 -28.73
N VAL A 481 26.98 -56.08 -27.41
CA VAL A 481 27.97 -56.64 -26.50
C VAL A 481 27.24 -57.28 -25.33
N SER A 482 27.44 -58.59 -25.13
CA SER A 482 26.92 -59.21 -23.93
C SER A 482 27.70 -58.69 -22.71
N GLN A 483 27.14 -58.91 -21.53
CA GLN A 483 27.71 -58.30 -20.33
C GLN A 483 28.56 -59.27 -19.50
N GLU A 484 27.97 -60.37 -19.04
CA GLU A 484 28.69 -61.22 -18.10
C GLU A 484 29.99 -61.79 -18.67
N PRO A 485 30.12 -62.13 -19.97
CA PRO A 485 31.47 -62.32 -20.53
C PRO A 485 32.06 -61.04 -21.10
N LYS A 486 31.21 -60.10 -21.51
CA LYS A 486 31.63 -58.81 -22.07
C LYS A 486 32.49 -59.01 -23.32
N ALA A 487 31.83 -59.53 -24.36
CA ALA A 487 32.46 -59.70 -25.66
C ALA A 487 31.57 -59.08 -26.74
N LEU A 488 32.17 -58.80 -27.88
CA LEU A 488 31.42 -58.33 -29.05
C LEU A 488 30.60 -59.48 -29.59
N VAL A 489 29.28 -59.39 -29.44
CA VAL A 489 28.41 -60.54 -29.59
C VAL A 489 27.53 -60.47 -30.84
N SER A 490 27.39 -59.29 -31.45
CA SER A 490 26.79 -59.15 -32.76
C SER A 490 27.20 -57.79 -33.31
N GLU A 491 27.09 -57.63 -34.62
CA GLU A 491 27.52 -56.37 -35.24
C GLU A 491 26.80 -56.19 -36.57
N TRP A 492 26.14 -55.04 -36.73
CA TRP A 492 25.47 -54.70 -37.98
C TRP A 492 26.33 -53.78 -38.84
N LYS A 493 26.02 -53.74 -40.14
CA LYS A 493 26.68 -52.78 -41.00
C LYS A 493 25.82 -52.56 -42.23
N GLU A 494 25.76 -51.30 -42.64
CA GLU A 494 25.12 -50.97 -43.91
C GLU A 494 25.75 -51.82 -45.01
N PRO A 495 24.97 -52.26 -45.98
CA PRO A 495 25.47 -53.23 -46.96
C PRO A 495 26.72 -52.79 -47.73
N GLN A 496 26.73 -51.58 -48.30
CA GLN A 496 27.90 -51.06 -49.00
C GLN A 496 28.85 -50.32 -48.06
N ALA A 497 28.70 -50.51 -46.75
CA ALA A 497 29.62 -49.98 -45.74
C ALA A 497 29.67 -48.44 -45.73
N LYS A 498 28.55 -47.76 -46.00
CA LYS A 498 28.51 -46.30 -45.95
C LYS A 498 28.54 -45.81 -44.50
N ASN A 499 28.46 -44.51 -44.28
CA ASN A 499 28.53 -44.04 -42.90
C ASN A 499 27.14 -43.92 -42.28
N ILE A 500 27.00 -44.39 -41.03
CA ILE A 500 25.77 -44.12 -40.28
C ILE A 500 25.73 -42.64 -39.93
N SER A 501 24.69 -41.94 -40.39
CA SER A 501 24.56 -40.52 -40.12
C SER A 501 23.78 -40.26 -38.82
N VAL A 502 22.54 -40.74 -38.75
CA VAL A 502 21.70 -40.56 -37.58
C VAL A 502 21.51 -41.90 -36.89
N ALA A 503 21.23 -41.86 -35.59
CA ALA A 503 20.99 -43.05 -34.81
C ALA A 503 19.95 -42.77 -33.74
N SER A 504 19.24 -43.83 -33.34
CA SER A 504 18.31 -43.79 -32.23
C SER A 504 18.09 -45.23 -31.77
N CYS A 505 17.64 -45.39 -30.53
CA CYS A 505 17.65 -46.70 -29.91
C CYS A 505 16.85 -46.66 -28.62
N ASN A 506 16.36 -47.83 -28.22
CA ASN A 506 15.78 -48.05 -26.90
C ASN A 506 16.11 -49.48 -26.50
N SER A 507 15.38 -50.02 -25.52
CA SER A 507 15.74 -51.33 -24.97
C SER A 507 15.72 -52.41 -26.05
N SER A 508 14.66 -52.46 -26.85
CA SER A 508 14.44 -53.56 -27.78
C SER A 508 14.61 -53.20 -29.25
N GLN A 509 14.87 -51.93 -29.58
CA GLN A 509 14.74 -51.48 -30.95
C GLN A 509 15.87 -50.54 -31.33
N VAL A 510 16.29 -50.59 -32.60
CA VAL A 510 17.28 -49.69 -33.16
C VAL A 510 16.78 -49.18 -34.50
N VAL A 511 16.83 -47.87 -34.70
CA VAL A 511 16.60 -47.24 -36.00
C VAL A 511 17.78 -46.33 -36.28
N VAL A 512 18.44 -46.55 -37.42
CA VAL A 512 19.59 -45.75 -37.82
C VAL A 512 19.36 -45.26 -39.24
N ALA A 513 20.04 -44.17 -39.58
CA ALA A 513 19.94 -43.57 -40.90
C ALA A 513 21.32 -43.51 -41.54
N VAL A 514 21.38 -43.86 -42.82
CA VAL A 514 22.55 -43.60 -43.67
C VAL A 514 22.03 -42.78 -44.85
N GLY A 515 22.23 -41.46 -44.80
CA GLY A 515 21.71 -40.59 -45.83
C GLY A 515 20.20 -40.52 -45.85
N ARG A 516 19.58 -40.98 -46.92
CA ARG A 516 18.13 -40.98 -47.03
C ARG A 516 17.51 -42.31 -46.60
N ALA A 517 18.32 -43.27 -46.20
CA ALA A 517 17.83 -44.59 -45.82
C ALA A 517 17.64 -44.69 -44.31
N LEU A 518 16.76 -45.60 -43.92
CA LEU A 518 16.55 -45.98 -42.53
C LEU A 518 16.60 -47.48 -42.45
N TYR A 519 17.15 -48.00 -41.35
CA TYR A 519 17.10 -49.43 -41.09
C TYR A 519 16.53 -49.65 -39.68
N TYR A 520 15.53 -50.51 -39.58
CA TYR A 520 14.93 -50.86 -38.30
C TYR A 520 15.45 -52.24 -37.91
N LEU A 521 16.08 -52.33 -36.74
CA LEU A 521 16.70 -53.54 -36.26
C LEU A 521 16.20 -53.84 -34.86
N GLN A 522 15.92 -55.11 -34.58
CA GLN A 522 15.51 -55.54 -33.26
C GLN A 522 16.69 -56.18 -32.53
N ILE A 523 16.66 -56.08 -31.21
CA ILE A 523 17.71 -56.64 -30.36
C ILE A 523 17.16 -57.93 -29.75
N HIS A 524 17.72 -59.05 -30.20
CA HIS A 524 17.43 -60.38 -29.71
C HIS A 524 18.71 -60.98 -29.17
N PRO A 525 18.64 -62.07 -28.39
CA PRO A 525 19.87 -62.63 -27.79
C PRO A 525 20.98 -62.87 -28.80
N GLN A 526 22.07 -62.11 -28.65
CA GLN A 526 23.28 -62.32 -29.45
C GLN A 526 23.04 -62.02 -30.94
N GLU A 527 22.05 -61.19 -31.25
CA GLU A 527 21.64 -60.98 -32.63
C GLU A 527 21.16 -59.55 -32.82
N LEU A 528 21.56 -58.95 -33.94
CA LEU A 528 20.97 -57.72 -34.45
C LEU A 528 20.19 -58.09 -35.70
N ARG A 529 18.88 -58.30 -35.54
CA ARG A 529 18.02 -58.75 -36.62
C ARG A 529 17.48 -57.53 -37.36
N GLN A 530 17.94 -57.33 -38.60
CA GLN A 530 17.42 -56.25 -39.43
C GLN A 530 15.99 -56.57 -39.83
N ILE A 531 15.05 -55.76 -39.38
CA ILE A 531 13.63 -56.04 -39.57
C ILE A 531 13.11 -55.41 -40.85
N SER A 532 13.51 -54.18 -41.17
CA SER A 532 12.96 -53.52 -42.34
C SER A 532 13.84 -52.34 -42.73
N HIS A 533 13.63 -51.86 -43.95
CA HIS A 533 14.44 -50.82 -44.57
C HIS A 533 13.56 -49.98 -45.47
N THR A 534 13.88 -48.69 -45.56
CA THR A 534 13.13 -47.80 -46.43
C THR A 534 14.04 -46.66 -46.88
N GLU A 535 13.59 -45.96 -47.92
CA GLU A 535 14.25 -44.76 -48.41
C GLU A 535 13.30 -43.59 -48.19
N MET A 536 13.75 -42.60 -47.42
CA MET A 536 12.92 -41.43 -47.14
C MET A 536 13.02 -40.43 -48.29
N GLU A 537 11.96 -39.62 -48.43
CA GLU A 537 11.90 -38.61 -49.48
C GLU A 537 13.14 -37.73 -49.51
N HIS A 538 13.59 -37.29 -48.35
CA HIS A 538 14.71 -36.36 -48.25
C HIS A 538 15.67 -36.84 -47.17
N GLU A 539 16.81 -36.15 -47.05
CA GLU A 539 17.86 -36.62 -46.15
C GLU A 539 17.41 -36.55 -44.70
N VAL A 540 17.81 -37.55 -43.92
CA VAL A 540 17.34 -37.71 -42.55
C VAL A 540 18.16 -36.83 -41.62
N ALA A 541 17.47 -36.00 -40.83
CA ALA A 541 18.12 -35.06 -39.92
C ALA A 541 18.15 -35.54 -38.47
N CYS A 542 17.07 -36.16 -37.99
CA CYS A 542 17.02 -36.61 -36.60
C CYS A 542 15.97 -37.71 -36.48
N LEU A 543 16.10 -38.52 -35.44
CA LEU A 543 15.26 -39.69 -35.22
C LEU A 543 14.93 -39.84 -33.74
N ASP A 544 13.76 -40.41 -33.46
CA ASP A 544 13.42 -40.79 -32.10
C ASP A 544 12.41 -41.94 -32.10
N ILE A 545 12.67 -42.93 -31.25
CA ILE A 545 11.79 -44.10 -31.13
C ILE A 545 11.44 -44.35 -29.67
N THR A 546 11.35 -43.30 -28.86
CA THR A 546 11.01 -43.45 -27.46
C THR A 546 9.64 -44.12 -27.31
N PRO A 547 9.54 -45.27 -26.65
CA PRO A 547 8.24 -45.94 -26.49
C PRO A 547 7.40 -45.25 -25.44
N LEU A 548 6.20 -44.83 -25.83
CA LEU A 548 5.31 -44.08 -24.94
C LEU A 548 4.13 -44.94 -24.47
N GLY A 549 3.42 -44.42 -23.48
CA GLY A 549 2.08 -44.90 -23.16
C GLY A 549 2.06 -46.35 -22.71
N ASP A 550 1.10 -47.10 -23.26
CA ASP A 550 0.85 -48.48 -22.89
C ASP A 550 2.18 -49.22 -22.85
N SER A 551 2.58 -49.66 -21.66
CA SER A 551 3.99 -49.94 -21.41
C SER A 551 4.38 -51.25 -22.07
N ASN A 552 5.04 -51.15 -23.22
CA ASN A 552 5.54 -52.29 -23.96
C ASN A 552 7.05 -52.44 -23.90
N GLY A 553 7.78 -51.32 -23.94
CA GLY A 553 9.19 -51.32 -24.26
C GLY A 553 9.49 -51.34 -25.74
N LEU A 554 8.48 -51.58 -26.57
CA LEU A 554 8.63 -51.67 -28.02
C LEU A 554 7.71 -50.65 -28.67
N SER A 555 8.31 -49.68 -29.37
CA SER A 555 7.55 -48.55 -29.91
C SER A 555 6.97 -48.90 -31.27
N PRO A 556 5.68 -48.66 -31.50
CA PRO A 556 5.12 -48.76 -32.84
C PRO A 556 5.35 -47.53 -33.70
N LEU A 557 6.05 -46.52 -33.19
CA LEU A 557 6.21 -45.24 -33.88
C LEU A 557 7.69 -44.90 -34.04
N CYS A 558 7.97 -44.09 -35.06
CA CYS A 558 9.30 -43.53 -35.28
C CYS A 558 9.14 -42.07 -35.66
N ALA A 559 9.66 -41.18 -34.82
CA ALA A 559 9.68 -39.76 -35.13
C ALA A 559 10.93 -39.42 -35.93
N ILE A 560 10.76 -38.62 -36.97
CA ILE A 560 11.85 -38.33 -37.90
C ILE A 560 11.72 -36.90 -38.40
N GLY A 561 12.85 -36.20 -38.48
CA GLY A 561 12.92 -34.87 -39.04
C GLY A 561 13.82 -34.89 -40.27
N LEU A 562 13.38 -34.19 -41.31
CA LEU A 562 14.03 -34.30 -42.62
C LEU A 562 14.56 -32.97 -43.14
N TRP A 563 15.53 -33.11 -44.04
CA TRP A 563 16.09 -32.02 -44.83
C TRP A 563 15.13 -31.59 -45.93
N THR A 564 15.33 -30.36 -46.42
CA THR A 564 14.88 -29.83 -47.71
C THR A 564 13.37 -29.64 -47.81
N ASP A 565 12.65 -30.32 -46.94
CA ASP A 565 11.32 -29.93 -46.50
C ASP A 565 11.41 -30.03 -44.99
N ILE A 566 11.02 -28.98 -44.28
CA ILE A 566 11.19 -28.98 -42.84
C ILE A 566 9.94 -29.65 -42.30
N SER A 567 9.96 -30.98 -42.38
CA SER A 567 8.85 -31.83 -41.96
C SER A 567 9.25 -32.59 -40.72
N ALA A 568 8.30 -32.72 -39.80
CA ALA A 568 8.36 -33.70 -38.73
C ALA A 568 7.37 -34.79 -39.09
N ARG A 569 7.86 -36.02 -39.21
CA ARG A 569 7.04 -37.15 -39.64
C ARG A 569 7.02 -38.20 -38.54
N ILE A 570 5.83 -38.72 -38.24
CA ILE A 570 5.69 -39.87 -37.37
C ILE A 570 5.38 -41.08 -38.24
N LEU A 571 6.31 -42.03 -38.25
CA LEU A 571 6.20 -43.23 -39.07
C LEU A 571 5.82 -44.42 -38.19
N LYS A 572 5.20 -45.41 -38.82
CA LYS A 572 4.79 -46.63 -38.14
C LYS A 572 5.86 -47.70 -38.29
N LEU A 573 6.22 -48.33 -37.20
CA LEU A 573 7.14 -49.44 -37.39
C LEU A 573 6.38 -50.76 -37.41
N PRO A 574 6.84 -51.76 -38.18
CA PRO A 574 8.04 -51.78 -39.02
C PRO A 574 7.83 -51.35 -40.48
N SER A 575 6.60 -51.00 -40.85
CA SER A 575 6.30 -50.73 -42.25
C SER A 575 6.84 -49.39 -42.73
N PHE A 576 7.19 -48.49 -41.83
CA PHE A 576 7.57 -47.11 -42.15
C PHE A 576 6.45 -46.35 -42.85
N GLU A 577 5.20 -46.78 -42.63
CA GLU A 577 4.04 -46.05 -43.13
C GLU A 577 4.05 -44.62 -42.60
N LEU A 578 3.83 -43.66 -43.50
CA LEU A 578 3.68 -42.28 -43.09
C LEU A 578 2.32 -42.09 -42.41
N LEU A 579 2.34 -41.79 -41.11
CA LEU A 579 1.12 -41.54 -40.37
C LEU A 579 0.79 -40.06 -40.25
N HIS A 580 1.80 -39.20 -40.32
CA HIS A 580 1.59 -37.76 -40.18
C HIS A 580 2.80 -37.03 -40.72
N LYS A 581 2.55 -35.95 -41.46
CA LYS A 581 3.60 -35.07 -41.97
C LYS A 581 3.23 -33.64 -41.58
N GLU A 582 3.96 -33.09 -40.60
CA GLU A 582 3.84 -31.68 -40.24
C GLU A 582 4.92 -30.92 -40.98
N MET A 583 4.52 -30.06 -41.90
CA MET A 583 5.47 -29.12 -42.50
C MET A 583 5.72 -27.98 -41.52
N LEU A 584 6.95 -27.87 -41.04
CA LEU A 584 7.29 -26.81 -40.10
C LEU A 584 7.69 -25.56 -40.87
N GLY A 585 7.98 -24.49 -40.14
CA GLY A 585 8.29 -23.21 -40.76
C GLY A 585 9.78 -23.02 -40.97
N GLY A 586 10.12 -22.37 -42.06
CA GLY A 586 11.49 -21.97 -42.32
C GLY A 586 12.22 -22.92 -43.25
N GLU A 587 13.55 -22.80 -43.24
CA GLU A 587 14.38 -23.61 -44.12
C GLU A 587 15.66 -24.08 -43.44
N ILE A 588 15.71 -24.07 -42.10
CA ILE A 588 16.81 -24.70 -41.36
C ILE A 588 16.33 -26.02 -40.80
N ILE A 589 17.20 -27.01 -40.86
CA ILE A 589 16.93 -28.40 -40.51
C ILE A 589 16.42 -28.55 -39.08
N PRO A 590 15.57 -29.54 -38.80
CA PRO A 590 15.39 -29.97 -37.42
C PRO A 590 16.64 -30.72 -36.95
N ARG A 591 17.09 -30.41 -35.73
CA ARG A 591 18.24 -31.10 -35.16
C ARG A 591 17.88 -32.12 -34.10
N SER A 592 16.72 -31.99 -33.45
CA SER A 592 16.39 -32.91 -32.38
C SER A 592 14.88 -33.09 -32.29
N ILE A 593 14.42 -34.33 -32.36
CA ILE A 593 13.01 -34.68 -32.26
C ILE A 593 12.86 -35.70 -31.13
N LEU A 594 11.72 -35.62 -30.43
CA LEU A 594 11.53 -36.43 -29.23
C LEU A 594 10.05 -36.63 -28.95
N MET A 595 9.69 -37.86 -28.59
CA MET A 595 8.35 -38.20 -28.10
C MET A 595 8.43 -38.42 -26.60
N THR A 596 7.56 -37.75 -25.84
CA THR A 596 7.50 -37.92 -24.40
C THR A 596 6.06 -37.77 -23.92
N THR A 597 5.87 -38.04 -22.62
CA THR A 597 4.58 -37.98 -21.96
C THR A 597 4.69 -37.08 -20.72
N PHE A 598 3.89 -36.02 -20.68
CA PHE A 598 3.85 -35.11 -19.52
C PHE A 598 2.50 -35.24 -18.84
N GLU A 599 2.52 -35.60 -17.56
CA GLU A 599 1.33 -35.81 -16.74
C GLU A 599 0.27 -36.62 -17.48
N SER A 600 0.68 -37.81 -17.93
CA SER A 600 -0.22 -38.74 -18.63
C SER A 600 -0.85 -38.09 -19.85
N SER A 601 0.00 -37.51 -20.70
CA SER A 601 -0.41 -36.93 -21.96
C SER A 601 0.78 -36.88 -22.89
N HIS A 602 0.62 -37.37 -24.11
CA HIS A 602 1.75 -37.57 -25.02
C HIS A 602 1.95 -36.35 -25.91
N TYR A 603 3.21 -35.93 -26.04
CA TYR A 603 3.59 -34.85 -26.95
C TYR A 603 4.68 -35.30 -27.90
N LEU A 604 4.82 -34.56 -29.00
CA LEU A 604 5.97 -34.68 -29.89
C LEU A 604 6.74 -33.36 -29.86
N LEU A 605 8.00 -33.42 -29.47
CA LEU A 605 8.86 -32.24 -29.44
C LEU A 605 9.86 -32.32 -30.58
N CYS A 606 10.15 -31.17 -31.18
CA CYS A 606 11.06 -31.10 -32.32
C CYS A 606 11.71 -29.73 -32.35
N ALA A 607 13.00 -29.69 -32.00
CA ALA A 607 13.75 -28.44 -32.00
C ALA A 607 14.46 -28.26 -33.34
N LEU A 608 14.36 -27.05 -33.89
CA LEU A 608 15.06 -26.74 -35.13
C LEU A 608 16.37 -26.03 -34.82
N GLY A 609 17.10 -25.72 -35.89
CA GLY A 609 18.42 -25.11 -35.72
C GLY A 609 18.36 -23.73 -35.11
N ASP A 610 17.41 -22.90 -35.56
CA ASP A 610 17.36 -21.52 -35.09
C ASP A 610 16.68 -21.38 -33.74
N GLY A 611 17.06 -22.24 -32.79
CA GLY A 611 16.58 -22.12 -31.42
C GLY A 611 15.12 -22.47 -31.25
N ALA A 612 14.37 -22.47 -32.34
CA ALA A 612 12.92 -22.67 -32.27
C ALA A 612 12.60 -24.12 -31.90
N LEU A 613 11.46 -24.30 -31.23
CA LEU A 613 11.01 -25.61 -30.77
C LEU A 613 9.49 -25.64 -30.91
N PHE A 614 8.99 -26.51 -31.77
CA PHE A 614 7.56 -26.80 -31.76
C PHE A 614 7.28 -27.98 -30.85
N TYR A 615 6.05 -28.03 -30.33
CA TYR A 615 5.61 -29.17 -29.56
C TYR A 615 4.13 -29.41 -29.84
N PHE A 616 3.80 -30.61 -30.28
CA PHE A 616 2.45 -30.99 -30.65
C PHE A 616 1.90 -32.00 -29.64
N GLY A 617 0.58 -32.05 -29.54
CA GLY A 617 -0.07 -33.20 -28.96
C GLY A 617 0.04 -34.38 -29.90
N LEU A 618 0.57 -35.50 -29.42
CA LEU A 618 0.74 -36.70 -30.24
C LEU A 618 -0.15 -37.80 -29.70
N ASN A 619 -0.90 -38.43 -30.59
CA ASN A 619 -1.70 -39.62 -30.25
C ASN A 619 -0.88 -40.86 -30.60
N ILE A 620 -0.56 -41.65 -29.58
CA ILE A 620 0.35 -42.78 -29.75
C ILE A 620 -0.29 -43.98 -30.42
N GLU A 621 -1.55 -43.89 -30.83
CA GLU A 621 -2.22 -44.97 -31.56
C GLU A 621 -2.49 -44.64 -33.01
N THR A 622 -2.65 -43.36 -33.35
CA THR A 622 -2.92 -42.95 -34.73
C THR A 622 -1.83 -42.07 -35.32
N GLY A 623 -0.91 -41.55 -34.51
CA GLY A 623 0.16 -40.72 -35.02
C GLY A 623 -0.22 -39.29 -35.35
N LEU A 624 -1.39 -38.83 -34.93
CA LEU A 624 -1.82 -37.47 -35.22
C LEU A 624 -0.98 -36.48 -34.43
N LEU A 625 -0.62 -35.37 -35.08
CA LEU A 625 0.02 -34.23 -34.43
C LEU A 625 -0.96 -33.07 -34.41
N SER A 626 -1.33 -32.65 -33.20
CA SER A 626 -2.33 -31.61 -33.03
C SER A 626 -1.80 -30.53 -32.09
N ASP A 627 -2.48 -29.38 -32.11
CA ASP A 627 -2.24 -28.29 -31.16
C ASP A 627 -0.81 -27.77 -31.27
N ARG A 628 -0.39 -27.49 -32.51
CA ARG A 628 0.93 -26.96 -32.78
C ARG A 628 1.18 -25.68 -32.00
N LYS A 629 2.29 -25.67 -31.24
CA LYS A 629 2.73 -24.49 -30.52
C LYS A 629 4.23 -24.31 -30.72
N LYS A 630 4.67 -23.07 -30.73
CA LYS A 630 6.08 -22.75 -30.99
C LYS A 630 6.60 -21.80 -29.92
N VAL A 631 7.78 -22.12 -29.38
CA VAL A 631 8.53 -21.23 -28.51
C VAL A 631 9.99 -21.29 -28.94
N THR A 632 10.75 -20.26 -28.55
CA THR A 632 12.17 -20.15 -28.91
C THR A 632 13.02 -20.21 -27.65
N LEU A 633 14.12 -20.97 -27.72
CA LEU A 633 14.95 -21.29 -26.57
C LEU A 633 16.42 -20.98 -26.85
N GLY A 634 16.69 -19.84 -27.47
CA GLY A 634 18.04 -19.42 -27.78
C GLY A 634 18.33 -19.45 -29.26
N THR A 635 19.62 -19.53 -29.59
CA THR A 635 20.08 -19.57 -30.97
C THR A 635 20.79 -20.87 -31.30
N GLN A 636 21.75 -21.29 -30.49
CA GLN A 636 22.43 -22.56 -30.73
C GLN A 636 21.41 -23.69 -30.78
N PRO A 637 21.42 -24.52 -31.82
CA PRO A 637 20.35 -25.51 -31.98
C PRO A 637 20.22 -26.42 -30.77
N THR A 638 18.99 -26.79 -30.47
CA THR A 638 18.64 -27.40 -29.19
C THR A 638 18.68 -28.92 -29.24
N VAL A 639 19.29 -29.51 -28.22
CA VAL A 639 19.34 -30.96 -28.06
C VAL A 639 18.33 -31.34 -26.98
N LEU A 640 17.37 -32.19 -27.33
CA LEU A 640 16.40 -32.67 -26.36
C LEU A 640 16.88 -33.98 -25.75
N ARG A 641 16.56 -34.17 -24.46
CA ARG A 641 17.02 -35.34 -23.71
C ARG A 641 16.21 -35.48 -22.42
N THR A 642 15.73 -36.68 -22.14
CA THR A 642 14.71 -36.92 -21.12
C THR A 642 15.33 -37.40 -19.80
N PHE A 643 14.70 -36.99 -18.70
CA PHE A 643 15.00 -37.50 -17.38
C PHE A 643 13.76 -37.41 -16.49
N ARG A 644 13.60 -38.39 -15.61
CA ARG A 644 12.48 -38.45 -14.68
C ARG A 644 12.97 -38.11 -13.27
N SER A 645 12.03 -37.67 -12.41
CA SER A 645 12.41 -37.17 -11.09
C SER A 645 11.92 -38.05 -9.94
N LEU A 646 10.61 -38.20 -9.76
CA LEU A 646 10.06 -39.12 -8.78
C LEU A 646 9.21 -40.19 -9.45
N SER A 647 8.16 -39.76 -10.16
CA SER A 647 7.53 -40.52 -11.23
C SER A 647 7.23 -39.62 -12.41
N THR A 648 7.40 -38.31 -12.26
CA THR A 648 7.28 -37.33 -13.33
C THR A 648 8.43 -37.53 -14.33
N THR A 649 8.29 -36.90 -15.50
CA THR A 649 9.37 -36.87 -16.48
C THR A 649 9.58 -35.44 -16.96
N ASN A 650 10.81 -35.17 -17.39
CA ASN A 650 11.20 -33.84 -17.83
C ASN A 650 12.05 -33.97 -19.08
N VAL A 651 12.15 -32.88 -19.83
CA VAL A 651 13.01 -32.80 -21.00
C VAL A 651 13.98 -31.66 -20.80
N PHE A 652 15.26 -31.98 -20.75
CA PHE A 652 16.32 -30.98 -20.60
C PHE A 652 16.78 -30.61 -22.01
N ALA A 653 16.64 -29.33 -22.35
CA ALA A 653 16.88 -28.83 -23.69
C ALA A 653 18.24 -28.14 -23.73
N CYS A 654 19.25 -28.84 -24.24
CA CYS A 654 20.60 -28.29 -24.32
C CYS A 654 20.68 -27.23 -25.40
N SER A 655 21.25 -26.07 -25.05
CA SER A 655 21.42 -24.96 -25.98
C SER A 655 22.33 -23.93 -25.32
N ASP A 656 22.51 -22.80 -26.02
CA ASP A 656 23.21 -21.67 -25.40
C ASP A 656 22.43 -21.10 -24.23
N ARG A 657 21.12 -21.36 -24.16
CA ARG A 657 20.32 -21.10 -22.96
C ARG A 657 19.68 -22.42 -22.56
N PRO A 658 20.31 -23.18 -21.66
CA PRO A 658 19.71 -24.44 -21.22
C PRO A 658 18.35 -24.21 -20.57
N THR A 659 17.44 -25.16 -20.82
CA THR A 659 16.05 -25.04 -20.39
C THR A 659 15.55 -26.41 -19.95
N VAL A 660 14.64 -26.43 -18.98
CA VAL A 660 14.01 -27.65 -18.49
C VAL A 660 12.51 -27.55 -18.77
N ILE A 661 11.99 -28.54 -19.48
CA ILE A 661 10.58 -28.58 -19.86
C ILE A 661 9.88 -29.61 -18.99
N TYR A 662 8.85 -29.18 -18.27
CA TYR A 662 8.01 -30.10 -17.49
C TYR A 662 6.57 -29.62 -17.58
N SER A 663 5.71 -30.18 -16.75
CA SER A 663 4.29 -29.87 -16.79
C SER A 663 3.79 -29.50 -15.40
N SER A 664 2.79 -28.62 -15.37
CA SER A 664 2.20 -28.13 -14.14
C SER A 664 0.73 -27.89 -14.40
N ASN A 665 -0.13 -28.76 -13.88
CA ASN A 665 -1.57 -28.76 -14.17
C ASN A 665 -1.81 -28.76 -15.68
N HIS A 666 -1.09 -29.65 -16.36
CA HIS A 666 -1.30 -29.93 -17.79
C HIS A 666 -1.00 -28.73 -18.67
N LYS A 667 -0.15 -27.83 -18.19
CA LYS A 667 0.41 -26.74 -18.99
C LYS A 667 1.92 -26.80 -18.87
N LEU A 668 2.61 -26.79 -20.01
CA LEU A 668 4.04 -27.04 -20.00
C LEU A 668 4.83 -25.83 -19.48
N VAL A 669 5.84 -26.11 -18.68
CA VAL A 669 6.71 -25.09 -18.12
C VAL A 669 8.00 -25.10 -18.92
N PHE A 670 8.51 -23.91 -19.25
CA PHE A 670 9.84 -23.75 -19.83
C PHE A 670 10.63 -22.86 -18.88
N SER A 671 11.47 -23.47 -18.06
CA SER A 671 12.16 -22.79 -16.96
C SER A 671 13.66 -22.70 -17.25
N ASN A 672 14.21 -21.50 -17.07
CA ASN A 672 15.63 -21.27 -17.23
C ASN A 672 16.44 -22.16 -16.29
N VAL A 673 17.63 -22.56 -16.73
CA VAL A 673 18.58 -23.32 -15.94
C VAL A 673 19.73 -22.39 -15.57
N ASN A 674 20.17 -22.43 -14.31
CA ASN A 674 21.12 -21.43 -13.84
C ASN A 674 22.55 -21.73 -14.27
N LEU A 675 22.77 -22.07 -15.55
CA LEU A 675 24.07 -22.44 -16.08
C LEU A 675 24.37 -21.63 -17.34
N LYS A 676 25.60 -21.80 -17.82
CA LYS A 676 26.15 -20.91 -18.85
C LYS A 676 25.70 -21.32 -20.25
N GLU A 677 26.13 -22.50 -20.71
CA GLU A 677 25.58 -23.09 -21.92
C GLU A 677 25.89 -24.58 -21.89
N VAL A 678 24.84 -25.39 -21.74
CA VAL A 678 24.99 -26.85 -21.70
C VAL A 678 24.76 -27.40 -23.08
N ASN A 679 25.67 -28.27 -23.54
CA ASN A 679 25.60 -28.84 -24.87
C ASN A 679 25.04 -30.26 -24.89
N TYR A 680 25.45 -31.12 -23.96
CA TYR A 680 24.99 -32.49 -23.92
C TYR A 680 24.77 -32.91 -22.48
N MET A 681 23.85 -33.85 -22.28
CA MET A 681 23.30 -34.10 -20.97
C MET A 681 22.75 -35.52 -20.90
N CYS A 682 22.74 -36.08 -19.70
CA CYS A 682 22.08 -37.36 -19.45
C CYS A 682 21.75 -37.44 -17.97
N PRO A 683 20.83 -38.32 -17.59
CA PRO A 683 20.66 -38.65 -16.18
C PRO A 683 21.72 -39.64 -15.73
N LEU A 684 22.08 -39.57 -14.45
CA LEU A 684 23.00 -40.57 -13.92
C LEU A 684 22.67 -40.80 -12.45
N ASN A 685 22.15 -41.99 -12.16
CA ASN A 685 21.96 -42.46 -10.79
C ASN A 685 23.09 -43.44 -10.51
N SER A 686 24.20 -42.91 -10.03
CA SER A 686 25.32 -43.73 -9.58
C SER A 686 25.18 -44.08 -8.11
N ASP A 687 26.02 -45.00 -7.64
CA ASP A 687 26.10 -45.23 -6.20
C ASP A 687 26.71 -44.04 -5.49
N GLY A 688 27.53 -43.26 -6.18
CA GLY A 688 28.10 -42.04 -5.65
C GLY A 688 27.48 -40.77 -6.17
N TYR A 689 26.44 -40.84 -6.99
CA TYR A 689 25.71 -39.67 -7.46
C TYR A 689 24.23 -40.01 -7.66
N PRO A 690 23.51 -40.41 -6.62
CA PRO A 690 22.11 -40.83 -6.82
C PRO A 690 21.22 -39.68 -7.26
N ASP A 691 20.33 -39.97 -8.21
CA ASP A 691 19.42 -39.00 -8.79
C ASP A 691 20.14 -37.70 -9.16
N SER A 692 21.11 -37.85 -10.06
CA SER A 692 21.97 -36.74 -10.48
C SER A 692 21.93 -36.62 -12.00
N LEU A 693 22.70 -35.65 -12.51
CA LEU A 693 22.79 -35.37 -13.94
C LEU A 693 24.26 -35.29 -14.34
N ALA A 694 24.49 -35.26 -15.65
CA ALA A 694 25.84 -35.15 -16.19
C ALA A 694 25.79 -34.24 -17.42
N LEU A 695 26.59 -33.18 -17.40
CA LEU A 695 26.52 -32.13 -18.42
C LEU A 695 27.92 -31.81 -18.92
N ALA A 696 27.98 -31.26 -20.13
CA ALA A 696 29.25 -30.96 -20.80
C ALA A 696 29.18 -29.56 -21.38
N ASN A 697 29.94 -28.63 -20.80
CA ASN A 697 29.85 -27.21 -21.13
C ASN A 697 30.80 -26.79 -22.25
N ASN A 698 31.26 -27.72 -23.08
CA ASN A 698 32.25 -27.59 -24.15
C ASN A 698 33.68 -27.52 -23.62
N SER A 699 33.90 -27.34 -22.32
CA SER A 699 35.25 -27.43 -21.75
C SER A 699 35.28 -28.44 -20.61
N THR A 700 34.31 -28.34 -19.72
CA THR A 700 34.24 -29.13 -18.51
C THR A 700 33.09 -30.12 -18.61
N LEU A 701 33.18 -31.18 -17.81
CA LEU A 701 32.08 -32.10 -17.62
C LEU A 701 31.68 -32.07 -16.15
N THR A 702 30.44 -31.66 -15.88
CA THR A 702 29.98 -31.42 -14.52
C THR A 702 28.86 -32.40 -14.14
N ILE A 703 28.81 -32.74 -12.86
CA ILE A 703 27.85 -33.69 -12.32
C ILE A 703 27.23 -33.09 -11.07
N GLY A 704 25.90 -33.12 -10.99
CA GLY A 704 25.25 -32.61 -9.81
C GLY A 704 23.80 -33.00 -9.75
N THR A 705 23.11 -32.46 -8.75
CA THR A 705 21.70 -32.68 -8.53
C THR A 705 20.91 -31.45 -8.96
N ILE A 706 19.70 -31.67 -9.47
CA ILE A 706 18.83 -30.60 -9.93
C ILE A 706 17.58 -30.58 -9.05
N ASP A 707 17.01 -29.38 -8.87
CA ASP A 707 15.81 -29.27 -8.04
C ASP A 707 14.56 -29.54 -8.85
N GLU A 708 13.47 -29.84 -8.14
CA GLU A 708 12.27 -30.36 -8.78
C GLU A 708 11.55 -29.27 -9.57
N ILE A 709 11.19 -28.17 -8.91
CA ILE A 709 10.41 -27.10 -9.50
C ILE A 709 11.25 -25.83 -9.48
N GLN A 710 10.86 -24.85 -10.30
CA GLN A 710 11.59 -23.60 -10.34
C GLN A 710 11.18 -22.70 -9.18
N LYS A 711 12.18 -22.07 -8.56
CA LYS A 711 12.01 -21.16 -7.44
C LYS A 711 12.76 -19.88 -7.73
N LEU A 712 12.65 -18.91 -6.82
CA LEU A 712 13.47 -17.72 -6.88
C LEU A 712 14.81 -18.00 -6.23
N HIS A 713 15.90 -17.60 -6.90
CA HIS A 713 17.25 -17.86 -6.43
C HIS A 713 17.93 -16.54 -6.13
N ILE A 714 18.53 -16.44 -4.95
CA ILE A 714 19.02 -15.17 -4.43
C ILE A 714 20.53 -15.27 -4.24
N ARG A 715 21.27 -14.42 -4.94
CA ARG A 715 22.71 -14.27 -4.81
C ARG A 715 22.98 -12.98 -4.03
N THR A 716 23.81 -13.07 -2.99
CA THR A 716 24.01 -11.98 -2.05
C THR A 716 25.39 -11.36 -2.23
N VAL A 717 25.42 -10.05 -2.45
CA VAL A 717 26.65 -9.27 -2.45
C VAL A 717 26.71 -8.46 -1.16
N PRO A 718 27.48 -8.87 -0.16
CA PRO A 718 27.59 -8.05 1.05
C PRO A 718 28.31 -6.74 0.77
N LEU A 719 27.86 -5.70 1.47
CA LEU A 719 28.45 -4.37 1.35
C LEU A 719 28.95 -3.81 2.67
N TYR A 720 28.39 -4.27 3.80
CA TYR A 720 28.75 -3.78 5.13
C TYR A 720 28.49 -2.29 5.29
N GLU A 721 27.67 -1.74 4.39
CA GLU A 721 27.14 -0.38 4.46
C GLU A 721 25.66 -0.41 4.14
N SER A 722 25.03 0.76 4.24
CA SER A 722 23.63 0.92 3.90
C SER A 722 23.51 1.31 2.43
N PRO A 723 23.06 0.41 1.55
CA PRO A 723 22.70 0.85 0.20
C PRO A 723 21.38 1.60 0.23
N ARG A 724 21.28 2.61 -0.62
CA ARG A 724 20.09 3.46 -0.63
C ARG A 724 19.39 3.50 -1.97
N LYS A 725 20.12 3.58 -3.09
CA LYS A 725 19.52 3.62 -4.41
C LYS A 725 20.41 2.86 -5.38
N ILE A 726 19.79 2.31 -6.42
CA ILE A 726 20.51 1.57 -7.45
C ILE A 726 19.93 1.92 -8.82
N CYS A 727 20.81 2.02 -9.81
CA CYS A 727 20.41 2.08 -11.20
C CYS A 727 21.51 1.44 -12.04
N TYR A 728 21.13 1.03 -13.25
CA TYR A 728 21.99 0.23 -14.12
C TYR A 728 22.41 1.03 -15.34
N GLN A 729 23.69 0.98 -15.66
CA GLN A 729 24.25 1.55 -16.89
C GLN A 729 24.64 0.41 -17.83
N GLU A 730 23.78 0.14 -18.81
CA GLU A 730 24.08 -0.89 -19.79
C GLU A 730 25.40 -0.62 -20.51
N VAL A 731 25.62 0.62 -20.94
CA VAL A 731 26.73 0.91 -21.84
C VAL A 731 28.08 0.71 -21.15
N SER A 732 28.15 0.89 -19.83
CA SER A 732 29.38 0.64 -19.09
C SER A 732 29.29 -0.64 -18.26
N GLN A 733 28.24 -1.45 -18.47
CA GLN A 733 28.12 -2.79 -17.90
C GLN A 733 28.42 -2.82 -16.41
N CYS A 734 27.82 -1.86 -15.69
CA CYS A 734 27.99 -1.76 -14.25
C CYS A 734 26.75 -1.12 -13.65
N PHE A 735 26.62 -1.23 -12.34
CA PHE A 735 25.53 -0.62 -11.60
C PHE A 735 26.02 0.62 -10.85
N GLY A 736 25.12 1.58 -10.69
CA GLY A 736 25.35 2.71 -9.81
C GLY A 736 24.56 2.51 -8.52
N VAL A 737 25.25 2.68 -7.40
CA VAL A 737 24.66 2.41 -6.08
C VAL A 737 25.07 3.53 -5.13
N LEU A 738 24.09 4.20 -4.54
CA LEU A 738 24.33 5.16 -3.47
C LEU A 738 24.35 4.43 -2.14
N SER A 739 25.34 4.76 -1.30
CA SER A 739 25.42 4.13 0.01
C SER A 739 25.93 5.14 1.03
N SER A 740 25.70 4.80 2.30
CA SER A 740 26.25 5.54 3.42
C SER A 740 26.81 4.56 4.44
N ARG A 741 27.86 4.98 5.11
CA ARG A 741 28.41 4.26 6.24
C ARG A 741 28.44 5.19 7.45
N ILE A 742 28.43 4.58 8.63
CA ILE A 742 28.47 5.34 9.88
C ILE A 742 29.91 5.40 10.38
N GLU A 743 30.36 6.60 10.72
CA GLU A 743 31.64 6.79 11.37
C GLU A 743 31.44 7.53 12.68
N VAL A 744 32.42 7.39 13.58
CA VAL A 744 32.35 7.98 14.91
C VAL A 744 33.52 8.94 15.07
N GLN A 745 33.24 10.10 15.66
CA GLN A 745 34.26 11.12 15.85
C GLN A 745 35.18 10.76 17.02
N ASP A 746 36.48 10.98 16.82
CA ASP A 746 37.52 10.60 17.77
C ASP A 746 38.28 11.85 18.22
N THR A 747 39.20 11.66 19.19
CA THR A 747 39.93 12.81 19.76
C THR A 747 40.69 13.61 18.72
N SER A 748 41.01 13.00 17.57
CA SER A 748 41.70 13.73 16.51
C SER A 748 40.82 14.81 15.88
N GLY A 749 39.54 14.86 16.21
CA GLY A 749 38.60 15.75 15.57
C GLY A 749 37.94 15.18 14.34
N GLY A 750 38.49 14.10 13.78
CA GLY A 750 37.95 13.46 12.60
C GLY A 750 37.04 12.30 12.94
N THR A 751 36.75 11.50 11.92
CA THR A 751 35.81 10.40 12.05
C THR A 751 36.49 9.08 11.70
N THR A 752 36.01 8.01 12.33
CA THR A 752 36.57 6.67 12.15
C THR A 752 35.43 5.71 11.83
N ALA A 753 35.61 4.93 10.77
CA ALA A 753 34.67 3.86 10.44
C ALA A 753 34.79 2.72 11.43
N LEU A 754 33.67 2.01 11.65
CA LEU A 754 33.66 0.90 12.59
C LEU A 754 34.23 -0.38 12.01
N ARG A 755 34.23 -0.50 10.68
CA ARG A 755 34.58 -1.73 9.99
C ARG A 755 34.82 -1.40 8.53
N PRO A 756 35.69 -2.12 7.83
CA PRO A 756 35.82 -1.90 6.39
C PRO A 756 34.52 -2.24 5.69
N SER A 757 34.29 -1.60 4.55
CA SER A 757 33.06 -1.80 3.81
C SER A 757 33.27 -1.33 2.37
N ALA A 758 32.21 -1.49 1.57
CA ALA A 758 32.32 -1.33 0.12
C ALA A 758 32.98 0.00 -0.26
N SER A 759 32.58 1.09 0.36
CA SER A 759 33.11 2.40 -0.01
C SER A 759 34.51 2.65 0.52
N THR A 760 34.99 1.85 1.47
CA THR A 760 36.34 2.00 1.99
C THR A 760 37.32 0.99 1.40
N GLN A 761 36.85 0.06 0.58
CA GLN A 761 37.70 -0.97 0.00
C GLN A 761 37.54 -1.05 -1.51
N ALA A 762 37.15 0.04 -2.15
CA ALA A 762 36.96 0.02 -3.59
C ALA A 762 38.30 -0.12 -4.31
N LEU A 763 38.23 -0.59 -5.56
CA LEU A 763 39.44 -0.74 -6.36
C LEU A 763 40.10 0.61 -6.60
N SER A 764 39.31 1.59 -7.05
CA SER A 764 39.73 2.98 -7.10
C SER A 764 38.71 3.81 -6.33
N SER A 765 39.08 5.06 -6.03
CA SER A 765 38.19 5.90 -5.24
C SER A 765 38.55 7.37 -5.45
N SER A 766 37.59 8.23 -5.09
CA SER A 766 37.76 9.68 -5.19
C SER A 766 36.99 10.34 -4.06
N VAL A 767 37.22 11.64 -3.89
CA VAL A 767 36.53 12.44 -2.89
C VAL A 767 36.16 13.78 -3.53
N SER A 768 34.99 14.29 -3.18
CA SER A 768 34.45 15.49 -3.84
C SER A 768 35.36 16.68 -3.67
N SER A 769 35.62 17.38 -4.78
CA SER A 769 36.43 18.60 -4.79
C SER A 769 35.60 19.86 -4.58
N SER A 770 34.30 19.73 -4.39
CA SER A 770 33.38 20.86 -4.46
C SER A 770 33.67 21.89 -3.37
N LYS A 771 33.78 23.16 -3.79
CA LYS A 771 33.86 24.30 -2.90
C LYS A 771 32.52 24.99 -2.73
N LEU A 772 31.42 24.28 -3.00
CA LEU A 772 30.14 24.92 -3.25
C LEU A 772 29.45 25.40 -1.98
N PHE A 773 29.86 24.93 -0.81
CA PHE A 773 29.28 25.35 0.45
C PHE A 773 30.36 25.79 1.44
N SER A 774 31.27 26.63 0.95
CA SER A 774 32.34 27.16 1.81
C SER A 774 31.84 28.33 2.64
N SER A 775 31.36 29.39 1.98
CA SER A 775 30.94 30.59 2.70
C SER A 775 29.73 30.33 3.60
N SER A 776 28.90 29.35 3.25
CA SER A 776 27.68 29.10 3.99
C SER A 776 27.99 28.77 5.46
N THR A 777 26.98 28.97 6.31
CA THR A 777 27.17 28.98 7.75
C THR A 777 27.79 27.69 8.26
N ALA A 778 28.69 27.83 9.24
CA ALA A 778 29.22 26.68 9.95
C ALA A 778 28.23 26.24 11.03
N PRO A 779 27.67 25.04 10.95
CA PRO A 779 26.60 24.65 11.87
C PRO A 779 27.11 24.14 13.21
N HIS A 780 26.20 23.60 14.01
CA HIS A 780 26.55 22.99 15.30
C HIS A 780 27.62 21.93 15.10
N GLU A 781 28.76 22.12 15.74
CA GLU A 781 29.88 21.19 15.59
C GLU A 781 29.54 19.84 16.21
N THR A 782 30.13 18.79 15.64
CA THR A 782 29.93 17.44 16.16
C THR A 782 30.88 17.18 17.32
N SER A 783 30.44 16.28 18.22
CA SER A 783 31.15 16.00 19.45
C SER A 783 31.79 14.62 19.38
N PHE A 784 32.80 14.42 20.24
CA PHE A 784 33.51 13.14 20.26
C PHE A 784 32.53 12.04 20.65
N GLY A 785 32.68 10.88 20.00
CA GLY A 785 31.82 9.75 20.26
C GLY A 785 30.51 9.77 19.51
N GLU A 786 30.21 10.85 18.79
CA GLU A 786 28.97 10.96 18.05
C GLU A 786 29.13 10.44 16.63
N GLU A 787 28.01 10.00 16.06
CA GLU A 787 28.00 9.35 14.76
C GLU A 787 27.68 10.34 13.64
N VAL A 788 28.29 10.11 12.48
CA VAL A 788 28.06 10.89 11.28
C VAL A 788 27.94 9.92 10.11
N GLU A 789 27.25 10.35 9.06
CA GLU A 789 27.05 9.55 7.87
C GLU A 789 27.95 10.06 6.75
N VAL A 790 28.67 9.15 6.11
CA VAL A 790 29.48 9.45 4.95
C VAL A 790 28.83 8.77 3.75
N HIS A 791 28.50 9.55 2.73
CA HIS A 791 27.73 9.06 1.60
C HIS A 791 28.62 8.89 0.38
N ASN A 792 28.31 7.88 -0.42
CA ASN A 792 29.19 7.45 -1.49
C ASN A 792 28.38 7.03 -2.70
N LEU A 793 28.88 7.38 -3.88
CA LEU A 793 28.47 6.76 -5.13
C LEU A 793 29.37 5.56 -5.38
N LEU A 794 28.76 4.38 -5.48
CA LEU A 794 29.51 3.16 -5.79
C LEU A 794 29.28 2.77 -7.25
N ILE A 795 30.36 2.42 -7.94
CA ILE A 795 30.31 1.91 -9.30
C ILE A 795 30.65 0.43 -9.23
N ILE A 796 29.67 -0.42 -9.52
CA ILE A 796 29.73 -1.84 -9.22
C ILE A 796 29.61 -2.64 -10.51
N ASP A 797 30.61 -3.47 -10.79
CA ASP A 797 30.68 -4.22 -12.03
C ASP A 797 29.52 -5.22 -12.14
N GLN A 798 28.90 -5.27 -13.33
CA GLN A 798 27.71 -6.10 -13.48
C GLN A 798 28.02 -7.59 -13.48
N HIS A 799 29.29 -7.98 -13.64
CA HIS A 799 29.65 -9.40 -13.66
C HIS A 799 30.24 -9.86 -12.33
N THR A 800 31.32 -9.23 -11.88
CA THR A 800 31.96 -9.63 -10.63
C THR A 800 31.30 -9.02 -9.41
N PHE A 801 30.49 -7.97 -9.59
CA PHE A 801 29.89 -7.21 -8.49
C PHE A 801 30.96 -6.67 -7.53
N GLU A 802 32.16 -6.47 -8.05
CA GLU A 802 33.17 -5.73 -7.32
C GLU A 802 32.84 -4.24 -7.34
N VAL A 803 33.27 -3.53 -6.30
CA VAL A 803 33.15 -2.08 -6.27
C VAL A 803 34.32 -1.54 -7.11
N LEU A 804 34.04 -1.20 -8.37
CA LEU A 804 35.09 -0.65 -9.22
C LEU A 804 35.56 0.70 -8.72
N HIS A 805 34.62 1.55 -8.29
CA HIS A 805 34.96 2.89 -7.87
C HIS A 805 34.01 3.34 -6.76
N ALA A 806 34.53 4.10 -5.82
CA ALA A 806 33.75 4.71 -4.75
C ALA A 806 34.06 6.19 -4.70
N HIS A 807 33.04 7.02 -4.86
CA HIS A 807 33.18 8.47 -4.81
C HIS A 807 32.52 8.99 -3.53
N GLN A 808 33.32 9.62 -2.68
CA GLN A 808 32.84 10.12 -1.39
C GLN A 808 32.32 11.54 -1.56
N PHE A 809 31.11 11.77 -1.07
CA PHE A 809 30.49 13.09 -1.20
C PHE A 809 30.97 14.01 -0.08
N LEU A 810 30.49 15.25 -0.11
CA LEU A 810 30.95 16.25 0.85
C LEU A 810 30.54 15.87 2.27
N GLN A 811 31.26 16.43 3.23
CA GLN A 811 30.90 16.28 4.63
C GLN A 811 29.48 16.77 4.87
N ASN A 812 28.67 15.95 5.55
CA ASN A 812 27.28 16.20 5.89
C ASN A 812 26.34 16.13 4.68
N GLU A 813 26.81 15.67 3.54
CA GLU A 813 25.99 15.58 2.34
C GLU A 813 25.39 14.18 2.24
N TYR A 814 24.06 14.10 2.14
CA TYR A 814 23.35 12.86 1.87
C TYR A 814 23.14 12.69 0.38
N ALA A 815 23.45 11.50 -0.15
CA ALA A 815 23.08 11.16 -1.52
C ALA A 815 21.68 10.58 -1.51
N LEU A 816 20.74 11.27 -2.18
CA LEU A 816 19.33 10.96 -2.06
C LEU A 816 18.72 10.30 -3.29
N SER A 817 19.20 10.63 -4.49
CA SER A 817 18.56 10.11 -5.69
C SER A 817 19.60 9.92 -6.78
N LEU A 818 19.30 9.02 -7.71
CA LEU A 818 20.28 8.55 -8.67
C LEU A 818 19.56 8.20 -9.97
N VAL A 819 20.13 8.66 -11.09
CA VAL A 819 19.63 8.33 -12.42
C VAL A 819 20.81 8.05 -13.33
N SER A 820 20.63 7.10 -14.24
CA SER A 820 21.56 6.86 -15.33
C SER A 820 20.84 7.14 -16.65
N CYS A 821 21.37 8.08 -17.43
CA CYS A 821 20.69 8.53 -18.64
C CYS A 821 21.65 9.38 -19.46
N LYS A 822 21.21 9.69 -20.67
CA LYS A 822 21.83 10.72 -21.50
C LYS A 822 20.85 11.87 -21.68
N LEU A 823 21.39 13.07 -21.80
CA LEU A 823 20.59 14.29 -21.80
C LEU A 823 20.89 15.14 -23.03
N GLY A 824 19.84 15.76 -23.58
CA GLY A 824 20.01 16.68 -24.68
C GLY A 824 20.64 16.05 -25.90
N LYS A 825 21.49 16.81 -26.58
CA LYS A 825 22.24 16.32 -27.72
C LYS A 825 23.47 15.52 -27.33
N ASP A 826 23.81 15.52 -26.03
CA ASP A 826 25.03 14.89 -25.56
C ASP A 826 24.91 13.36 -25.69
N PRO A 827 25.86 12.69 -26.35
CA PRO A 827 25.79 11.24 -26.48
C PRO A 827 26.36 10.45 -25.31
N ASN A 828 27.02 11.11 -24.36
CA ASN A 828 27.54 10.42 -23.20
C ASN A 828 26.40 9.99 -22.27
N THR A 829 26.59 8.86 -21.60
CA THR A 829 25.69 8.40 -20.56
C THR A 829 26.27 8.74 -19.20
N TYR A 830 25.49 9.41 -18.37
CA TYR A 830 25.96 9.94 -17.10
C TYR A 830 25.25 9.29 -15.92
N PHE A 831 25.95 9.28 -14.78
CA PHE A 831 25.34 9.02 -13.47
C PHE A 831 25.04 10.37 -12.82
N ILE A 832 23.77 10.64 -12.54
CA ILE A 832 23.34 11.91 -11.97
C ILE A 832 22.87 11.65 -10.54
N VAL A 833 23.32 12.49 -9.62
CA VAL A 833 23.09 12.28 -8.18
C VAL A 833 22.49 13.55 -7.59
N GLY A 834 21.39 13.38 -6.86
CA GLY A 834 20.78 14.47 -6.12
C GLY A 834 21.10 14.33 -4.64
N THR A 835 21.47 15.44 -4.02
CA THR A 835 21.94 15.42 -2.64
C THR A 835 21.22 16.47 -1.80
N ALA A 836 21.51 16.41 -0.50
CA ALA A 836 21.10 17.41 0.47
C ALA A 836 22.23 17.60 1.46
N MET A 837 22.40 18.83 1.94
CA MET A 837 23.27 19.10 3.07
C MET A 837 22.43 18.92 4.32
N VAL A 838 22.68 17.85 5.05
CA VAL A 838 21.85 17.44 6.18
C VAL A 838 22.61 17.76 7.45
N TYR A 839 22.15 18.77 8.16
CA TYR A 839 22.70 19.12 9.46
C TYR A 839 21.71 18.71 10.55
N PRO A 840 22.17 18.03 11.59
CA PRO A 840 21.23 17.28 12.45
C PRO A 840 20.31 18.15 13.29
N GLU A 841 20.69 19.39 13.56
CA GLU A 841 19.88 20.31 14.36
C GLU A 841 18.86 21.07 13.53
N GLU A 842 18.96 20.98 12.21
CA GLU A 842 18.20 21.78 11.27
C GLU A 842 16.94 21.01 10.90
N ALA A 843 15.82 21.72 10.72
CA ALA A 843 14.55 21.02 10.54
C ALA A 843 14.43 20.39 9.16
N GLU A 844 15.11 20.96 8.16
CA GLU A 844 14.95 20.59 6.77
C GLU A 844 16.17 21.11 6.04
N PRO A 845 16.77 20.34 5.13
CA PRO A 845 17.89 20.89 4.36
C PRO A 845 17.43 22.07 3.52
N LYS A 846 18.26 23.10 3.52
CA LYS A 846 18.05 24.27 2.67
C LYS A 846 19.11 24.37 1.58
N GLN A 847 19.99 23.37 1.49
CA GLN A 847 21.08 23.32 0.54
C GLN A 847 21.10 21.94 -0.13
N GLY A 848 21.61 21.90 -1.35
CA GLY A 848 21.73 20.63 -2.05
C GLY A 848 22.46 20.80 -3.36
N ARG A 849 22.74 19.66 -4.01
CA ARG A 849 23.45 19.63 -5.28
C ARG A 849 22.81 18.61 -6.21
N ILE A 850 22.86 18.91 -7.50
CA ILE A 850 22.70 17.91 -8.56
C ILE A 850 24.05 17.80 -9.25
N VAL A 851 24.59 16.58 -9.28
CA VAL A 851 25.97 16.34 -9.69
C VAL A 851 25.98 15.33 -10.81
N VAL A 852 26.55 15.70 -11.95
CA VAL A 852 26.64 14.84 -13.12
C VAL A 852 28.02 14.20 -13.16
N PHE A 853 28.06 12.88 -13.08
CA PHE A 853 29.27 12.09 -13.23
C PHE A 853 29.21 11.32 -14.55
N GLN A 854 30.38 10.90 -15.03
CA GLN A 854 30.40 9.81 -16.00
C GLN A 854 31.56 8.88 -15.68
N TYR A 855 31.31 7.60 -15.85
CA TYR A 855 32.28 6.54 -15.57
C TYR A 855 32.75 5.99 -16.90
N SER A 856 33.93 6.40 -17.34
CA SER A 856 34.45 6.03 -18.65
C SER A 856 35.87 5.50 -18.50
N ASP A 857 36.12 4.34 -19.10
CA ASP A 857 37.46 3.73 -19.17
C ASP A 857 38.05 3.50 -17.78
N GLY A 858 37.18 3.14 -16.83
CA GLY A 858 37.60 2.78 -15.49
C GLY A 858 37.77 3.93 -14.52
N LYS A 859 37.50 5.17 -14.93
CA LYS A 859 37.63 6.33 -14.06
C LYS A 859 36.32 7.11 -14.04
N LEU A 860 36.01 7.69 -12.88
CA LEU A 860 34.82 8.50 -12.70
C LEU A 860 35.22 9.97 -12.70
N GLN A 861 34.54 10.77 -13.52
CA GLN A 861 34.82 12.20 -13.59
C GLN A 861 33.56 12.98 -13.24
N THR A 862 33.77 14.13 -12.61
CA THR A 862 32.68 15.06 -12.34
C THR A 862 32.51 15.97 -13.55
N VAL A 863 31.37 15.86 -14.22
CA VAL A 863 31.13 16.60 -15.45
C VAL A 863 30.53 17.97 -15.18
N ALA A 864 29.59 18.05 -14.23
CA ALA A 864 28.91 19.31 -13.98
C ALA A 864 28.32 19.28 -12.57
N GLU A 865 27.88 20.46 -12.13
CA GLU A 865 27.46 20.69 -10.76
C GLU A 865 26.41 21.78 -10.77
N LYS A 866 25.41 21.66 -9.89
CA LYS A 866 24.35 22.65 -9.80
C LYS A 866 23.92 22.76 -8.35
N GLU A 867 23.97 23.98 -7.80
CA GLU A 867 23.55 24.22 -6.43
C GLU A 867 22.05 24.47 -6.40
N VAL A 868 21.35 23.73 -5.53
CA VAL A 868 19.92 23.92 -5.36
C VAL A 868 19.65 24.30 -3.91
N LYS A 869 18.39 24.59 -3.60
CA LYS A 869 18.00 25.18 -2.31
C LYS A 869 17.23 24.19 -1.44
N GLY A 870 17.67 22.93 -1.45
CA GLY A 870 17.04 21.92 -0.63
C GLY A 870 17.42 20.52 -1.09
N ALA A 871 16.74 19.55 -0.49
CA ALA A 871 17.02 18.14 -0.72
C ALA A 871 16.42 17.66 -2.04
N VAL A 872 17.22 16.92 -2.80
CA VAL A 872 16.81 16.42 -4.11
C VAL A 872 16.33 14.99 -3.90
N TYR A 873 15.04 14.83 -3.61
CA TYR A 873 14.52 13.51 -3.23
C TYR A 873 14.33 12.59 -4.43
N SER A 874 14.04 13.14 -5.61
CA SER A 874 13.71 12.30 -6.74
C SER A 874 14.21 12.95 -8.03
N MET A 875 14.67 12.11 -8.95
CA MET A 875 15.08 12.54 -10.28
C MET A 875 14.65 11.50 -11.29
N VAL A 876 14.23 11.96 -12.46
CA VAL A 876 13.79 11.09 -13.55
C VAL A 876 14.27 11.67 -14.87
N GLU A 877 14.76 10.80 -15.76
CA GLU A 877 15.00 11.23 -17.13
C GLU A 877 13.66 11.54 -17.79
N PHE A 878 13.53 12.73 -18.35
CA PHE A 878 12.27 13.21 -18.91
C PHE A 878 12.55 13.82 -20.28
N ASN A 879 12.48 12.98 -21.31
CA ASN A 879 12.56 13.43 -22.71
C ASN A 879 13.88 14.15 -22.99
N GLY A 880 14.97 13.52 -22.57
CA GLY A 880 16.28 14.14 -22.71
C GLY A 880 16.54 15.28 -21.75
N LYS A 881 15.65 15.51 -20.79
CA LYS A 881 15.78 16.54 -19.78
C LYS A 881 15.84 15.92 -18.40
N LEU A 882 16.26 16.71 -17.42
CA LEU A 882 16.37 16.24 -16.04
C LEU A 882 15.21 16.81 -15.24
N LEU A 883 14.34 15.92 -14.76
CA LEU A 883 13.24 16.27 -13.88
C LEU A 883 13.64 15.93 -12.45
N ALA A 884 13.52 16.91 -11.55
CA ALA A 884 13.99 16.75 -10.18
C ALA A 884 13.02 17.42 -9.22
N SER A 885 13.01 16.93 -7.98
CA SER A 885 12.18 17.49 -6.92
C SER A 885 13.09 18.03 -5.83
N ILE A 886 13.00 19.33 -5.56
CA ILE A 886 13.81 20.00 -4.54
C ILE A 886 12.87 20.54 -3.48
N ASN A 887 12.66 19.72 -2.46
CA ASN A 887 11.93 19.89 -1.19
C ASN A 887 10.42 20.06 -1.31
N SER A 888 9.98 20.89 -2.21
CA SER A 888 8.55 21.10 -2.39
C SER A 888 8.26 21.60 -3.78
N THR A 889 9.29 21.75 -4.60
CA THR A 889 9.17 22.21 -5.97
C THR A 889 9.55 21.06 -6.88
N VAL A 890 8.90 20.99 -8.03
CA VAL A 890 9.29 20.08 -9.09
C VAL A 890 9.92 20.94 -10.18
N ARG A 891 11.12 20.57 -10.62
CA ARG A 891 11.88 21.39 -11.55
C ARG A 891 12.35 20.55 -12.73
N LEU A 892 12.22 21.10 -13.92
CA LEU A 892 12.70 20.50 -15.14
C LEU A 892 13.95 21.25 -15.61
N TYR A 893 15.03 20.52 -15.85
CA TYR A 893 16.30 21.10 -16.28
C TYR A 893 16.61 20.68 -17.71
N GLU A 894 17.29 21.57 -18.43
CA GLU A 894 17.79 21.29 -19.76
C GLU A 894 19.31 21.22 -19.74
N TRP A 895 19.85 20.32 -20.57
CA TRP A 895 21.29 20.08 -20.66
C TRP A 895 21.83 20.87 -21.84
N THR A 896 22.52 21.98 -21.56
CA THR A 896 23.01 22.86 -22.60
C THR A 896 24.14 22.20 -23.39
N THR A 897 24.49 22.81 -24.52
CA THR A 897 25.65 22.36 -25.28
C THR A 897 26.96 22.65 -24.56
N GLU A 898 26.97 23.53 -23.57
CA GLU A 898 28.12 23.73 -22.71
C GLU A 898 28.23 22.68 -21.62
N LYS A 899 27.24 21.78 -21.52
CA LYS A 899 27.13 20.77 -20.47
C LYS A 899 26.96 21.37 -19.08
N GLU A 900 25.94 22.21 -18.91
CA GLU A 900 25.45 22.66 -17.62
C GLU A 900 23.94 22.48 -17.59
N LEU A 901 23.39 22.33 -16.38
CA LEU A 901 21.95 22.23 -16.21
C LEU A 901 21.34 23.63 -16.11
N ARG A 902 20.32 23.88 -16.91
CA ARG A 902 19.67 25.18 -16.97
C ARG A 902 18.16 24.96 -16.91
N THR A 903 17.50 25.62 -15.97
CA THR A 903 16.12 25.29 -15.63
C THR A 903 15.16 25.79 -16.69
N GLU A 904 14.14 24.99 -16.99
CA GLU A 904 13.10 25.38 -17.93
C GLU A 904 11.80 25.77 -17.26
N CYS A 905 11.40 25.07 -16.20
CA CYS A 905 10.13 25.39 -15.56
C CYS A 905 10.05 24.76 -14.18
N ASN A 906 9.26 25.40 -13.32
CA ASN A 906 9.08 24.99 -11.94
C ASN A 906 7.61 24.77 -11.65
N HIS A 907 7.35 23.90 -10.67
CA HIS A 907 6.02 23.70 -10.09
C HIS A 907 6.15 23.81 -8.58
N TYR A 908 5.17 24.40 -7.92
CA TYR A 908 5.32 24.78 -6.52
C TYR A 908 4.23 24.24 -5.59
N ASN A 909 3.21 23.57 -6.11
CA ASN A 909 2.09 23.14 -5.27
C ASN A 909 2.38 21.78 -4.62
N ASN A 910 3.26 21.83 -3.62
CA ASN A 910 3.62 20.63 -2.88
C ASN A 910 3.91 21.00 -1.43
N ILE A 911 3.68 20.05 -0.53
CA ILE A 911 4.27 20.12 0.79
C ILE A 911 5.72 19.64 0.74
N MET A 912 5.90 18.41 0.29
CA MET A 912 7.22 17.83 0.06
C MET A 912 7.10 16.86 -1.11
N ALA A 913 7.75 17.17 -2.23
CA ALA A 913 7.67 16.34 -3.43
C ALA A 913 8.70 15.23 -3.29
N LEU A 914 8.24 14.09 -2.78
CA LEU A 914 9.15 12.98 -2.46
C LEU A 914 9.40 12.05 -3.64
N TYR A 915 8.37 11.77 -4.44
CA TYR A 915 8.42 10.70 -5.41
C TYR A 915 7.98 11.18 -6.78
N LEU A 916 8.72 10.77 -7.81
CA LEU A 916 8.46 11.15 -9.19
C LEU A 916 8.43 9.92 -10.08
N LYS A 917 7.45 9.88 -10.98
CA LYS A 917 7.41 8.94 -12.09
C LYS A 917 6.85 9.67 -13.29
N THR A 918 7.24 9.24 -14.50
CA THR A 918 6.79 9.89 -15.72
C THR A 918 6.35 8.86 -16.76
N LYS A 919 5.41 9.28 -17.60
CA LYS A 919 5.02 8.54 -18.79
C LYS A 919 4.65 9.55 -19.87
N GLY A 920 5.34 9.51 -21.00
CA GLY A 920 5.14 10.53 -22.02
C GLY A 920 5.53 11.88 -21.48
N ASP A 921 4.66 12.87 -21.70
CA ASP A 921 4.85 14.19 -21.11
C ASP A 921 4.18 14.34 -19.76
N PHE A 922 3.62 13.25 -19.21
CA PHE A 922 2.96 13.33 -17.92
C PHE A 922 3.92 13.02 -16.78
N ILE A 923 3.66 13.64 -15.63
CA ILE A 923 4.51 13.53 -14.46
C ILE A 923 3.62 13.24 -13.26
N LEU A 924 3.89 12.15 -12.56
CA LEU A 924 3.21 11.81 -11.33
C LEU A 924 4.07 12.23 -10.14
N VAL A 925 3.52 13.06 -9.26
CA VAL A 925 4.23 13.56 -8.10
C VAL A 925 3.61 12.96 -6.84
N GLY A 926 4.45 12.42 -5.97
CA GLY A 926 4.02 11.86 -4.70
C GLY A 926 4.46 12.75 -3.56
N ASP A 927 3.53 13.06 -2.67
CA ASP A 927 3.72 14.06 -1.64
C ASP A 927 3.87 13.41 -0.26
N LEU A 928 4.52 14.16 0.65
CA LEU A 928 4.63 13.72 2.04
C LEU A 928 3.28 13.40 2.63
N MET A 929 2.31 14.30 2.48
CA MET A 929 1.00 14.13 3.11
C MET A 929 -0.18 14.27 2.17
N ARG A 930 -0.09 15.03 1.07
CA ARG A 930 -1.24 15.33 0.21
C ARG A 930 -1.11 14.52 -1.06
N SER A 931 -1.81 13.38 -1.11
CA SER A 931 -1.32 12.17 -1.73
C SER A 931 -0.60 12.30 -3.07
N VAL A 932 -1.30 12.60 -4.16
CA VAL A 932 -0.68 12.56 -5.48
C VAL A 932 -1.26 13.64 -6.37
N LEU A 933 -0.52 13.92 -7.44
CA LEU A 933 -0.71 15.10 -8.28
C LEU A 933 -0.18 14.77 -9.67
N LEU A 934 -0.92 15.17 -10.70
CA LEU A 934 -0.58 14.87 -12.08
C LEU A 934 -0.21 16.14 -12.81
N LEU A 935 1.01 16.17 -13.36
CA LEU A 935 1.48 17.28 -14.18
C LEU A 935 1.61 16.84 -15.63
N ALA A 936 1.53 17.83 -16.52
CA ALA A 936 1.83 17.64 -17.93
C ALA A 936 2.79 18.73 -18.35
N TYR A 937 3.84 18.34 -19.08
CA TYR A 937 4.72 19.31 -19.71
C TYR A 937 4.06 19.81 -20.99
N LYS A 938 3.82 21.12 -21.05
CA LYS A 938 3.23 21.75 -22.23
C LYS A 938 4.34 22.28 -23.12
N PRO A 939 4.70 21.55 -24.19
CA PRO A 939 5.94 21.89 -24.91
C PRO A 939 5.85 23.16 -25.74
N MET A 940 4.65 23.59 -26.13
CA MET A 940 4.54 24.84 -26.89
C MET A 940 4.50 26.06 -25.99
N GLU A 941 4.67 25.87 -24.69
CA GLU A 941 4.88 26.97 -23.76
C GLU A 941 6.10 26.78 -22.88
N GLY A 942 6.69 25.59 -22.86
CA GLY A 942 7.87 25.34 -22.05
C GLY A 942 7.64 25.49 -20.56
N ASN A 943 6.51 25.01 -20.06
CA ASN A 943 6.24 25.03 -18.63
C ASN A 943 5.30 23.88 -18.29
N PHE A 944 4.86 23.85 -17.03
CA PHE A 944 4.05 22.78 -16.49
C PHE A 944 2.57 23.18 -16.49
N GLU A 945 1.71 22.19 -16.71
CA GLU A 945 0.28 22.34 -16.48
C GLU A 945 -0.15 21.27 -15.47
N GLU A 946 -0.84 21.72 -14.42
CA GLU A 946 -1.32 20.82 -13.39
C GLU A 946 -2.65 20.23 -13.83
N ILE A 947 -2.66 18.93 -14.11
CA ILE A 947 -3.80 18.30 -14.77
C ILE A 947 -4.90 17.97 -13.77
N ALA A 948 -4.54 17.39 -12.62
CA ALA A 948 -5.52 16.93 -11.65
C ALA A 948 -4.80 16.57 -10.36
N ARG A 949 -5.56 16.56 -9.27
CA ARG A 949 -5.01 16.25 -7.95
C ARG A 949 -5.92 15.28 -7.21
N ASP A 950 -5.33 14.61 -6.24
CA ASP A 950 -6.02 13.89 -5.19
C ASP A 950 -5.75 14.63 -3.88
N PHE A 951 -6.80 15.15 -3.27
CA PHE A 951 -6.64 16.00 -2.09
C PHE A 951 -6.63 15.22 -0.78
N ASN A 952 -6.89 13.91 -0.82
CA ASN A 952 -6.92 13.12 0.40
C ASN A 952 -5.55 13.08 1.07
N PRO A 953 -5.51 13.01 2.40
CA PRO A 953 -4.23 12.98 3.13
C PRO A 953 -3.63 11.58 3.22
N ASN A 954 -3.08 11.09 2.10
CA ASN A 954 -2.35 9.83 2.08
C ASN A 954 -0.86 10.13 2.20
N TRP A 955 -0.24 9.60 3.25
CA TRP A 955 1.19 9.78 3.48
C TRP A 955 1.95 8.82 2.57
N MET A 956 2.30 9.30 1.39
CA MET A 956 2.84 8.44 0.34
C MET A 956 4.20 7.86 0.72
N SER A 957 4.44 6.64 0.25
CA SER A 957 5.75 6.01 0.34
C SER A 957 6.31 5.55 -1.00
N ALA A 958 5.48 5.41 -2.03
CA ALA A 958 5.91 5.09 -3.38
C ALA A 958 4.73 5.29 -4.32
N VAL A 959 5.04 5.55 -5.59
CA VAL A 959 4.05 5.86 -6.61
C VAL A 959 4.42 5.12 -7.89
N GLU A 960 3.45 5.00 -8.80
CA GLU A 960 3.71 4.37 -10.08
C GLU A 960 2.59 4.69 -11.06
N ILE A 961 2.96 4.90 -12.31
CA ILE A 961 2.02 5.09 -13.41
C ILE A 961 1.73 3.72 -14.03
N LEU A 962 0.48 3.29 -13.97
CA LEU A 962 0.12 2.01 -14.59
C LEU A 962 -0.17 2.19 -16.08
N ASP A 963 -0.83 3.28 -16.44
CA ASP A 963 -1.05 3.67 -17.82
C ASP A 963 -1.46 5.14 -17.80
N ASP A 964 -1.75 5.69 -18.99
CA ASP A 964 -1.97 7.13 -19.12
C ASP A 964 -3.06 7.66 -18.19
N ASP A 965 -3.96 6.80 -17.71
CA ASP A 965 -5.12 7.24 -16.93
C ASP A 965 -5.10 6.76 -15.49
N ASN A 966 -4.26 5.80 -15.13
CA ASN A 966 -4.35 5.09 -13.86
C ASN A 966 -3.04 5.22 -13.10
N PHE A 967 -3.12 5.51 -11.80
CA PHE A 967 -1.95 5.81 -11.00
C PHE A 967 -2.01 5.05 -9.68
N LEU A 968 -0.94 4.31 -9.39
CA LEU A 968 -0.87 3.41 -8.24
C LEU A 968 -0.15 4.08 -7.09
N GLY A 969 -0.71 3.96 -5.89
CA GLY A 969 -0.13 4.57 -4.70
C GLY A 969 0.01 3.59 -3.57
N ALA A 970 1.10 3.74 -2.82
CA ALA A 970 1.31 3.05 -1.55
C ALA A 970 1.60 4.08 -0.48
N GLU A 971 1.08 3.85 0.72
CA GLU A 971 1.15 4.86 1.78
C GLU A 971 1.52 4.22 3.10
N ASN A 972 1.76 5.07 4.11
CA ASN A 972 2.43 4.66 5.33
C ASN A 972 1.56 3.81 6.25
N ALA A 973 0.32 3.50 5.87
CA ALA A 973 -0.54 2.62 6.65
C ALA A 973 -0.71 1.26 6.01
N PHE A 974 0.18 0.90 5.07
CA PHE A 974 0.23 -0.42 4.44
C PHE A 974 -0.94 -0.65 3.49
N ASN A 975 -1.48 0.41 2.90
CA ASN A 975 -2.56 0.31 1.93
C ASN A 975 -2.08 0.68 0.53
N LEU A 976 -2.77 0.17 -0.47
CA LEU A 976 -2.60 0.55 -1.86
C LEU A 976 -3.85 1.29 -2.33
N PHE A 977 -3.68 2.20 -3.29
CA PHE A 977 -4.83 2.83 -3.92
C PHE A 977 -4.48 3.22 -5.35
N VAL A 978 -5.52 3.36 -6.17
CA VAL A 978 -5.39 3.72 -7.58
C VAL A 978 -6.26 4.93 -7.86
N CYS A 979 -5.69 5.92 -8.53
CA CYS A 979 -6.39 7.13 -8.93
C CYS A 979 -6.54 7.17 -10.45
N GLN A 980 -7.67 7.72 -10.91
CA GLN A 980 -7.91 7.93 -12.34
C GLN A 980 -8.17 9.41 -12.61
N LYS A 981 -7.55 9.90 -13.69
CA LYS A 981 -8.03 11.14 -14.26
C LYS A 981 -9.18 10.84 -15.21
N ASP A 982 -10.02 11.83 -15.44
CA ASP A 982 -11.09 11.75 -16.42
C ASP A 982 -10.93 12.94 -17.34
N SER A 983 -10.17 12.74 -18.43
CA SER A 983 -10.06 13.78 -19.45
C SER A 983 -11.41 14.08 -20.05
N ALA A 984 -12.22 13.04 -20.27
CA ALA A 984 -13.59 13.21 -20.78
C ALA A 984 -14.53 13.49 -19.59
N ALA A 985 -14.36 14.68 -19.02
CA ALA A 985 -15.24 15.22 -18.00
C ALA A 985 -15.75 16.57 -18.49
N THR A 986 -17.00 16.89 -18.18
CA THR A 986 -17.66 18.01 -18.82
C THR A 986 -17.29 19.36 -18.23
N THR A 987 -16.63 19.41 -17.08
CA THR A 987 -16.21 20.66 -16.45
C THR A 987 -14.76 20.55 -16.03
N ASP A 988 -14.16 21.70 -15.69
CA ASP A 988 -12.78 21.69 -15.22
C ASP A 988 -12.68 21.17 -13.78
N GLU A 989 -13.73 21.33 -12.98
CA GLU A 989 -13.71 20.79 -11.62
C GLU A 989 -13.60 19.27 -11.66
N GLU A 990 -14.46 18.62 -12.45
CA GLU A 990 -14.37 17.17 -12.62
C GLU A 990 -13.01 16.78 -13.20
N ARG A 991 -12.59 17.48 -14.25
CA ARG A 991 -11.38 17.11 -15.00
C ARG A 991 -10.13 17.18 -14.14
N GLN A 992 -10.15 17.98 -13.08
CA GLN A 992 -8.97 18.31 -12.30
C GLN A 992 -8.96 17.60 -10.95
N HIS A 993 -9.80 16.57 -10.81
CA HIS A 993 -9.90 15.77 -9.59
C HIS A 993 -9.65 14.32 -9.95
N LEU A 994 -8.64 13.73 -9.31
CA LEU A 994 -8.34 12.31 -9.48
C LEU A 994 -9.17 11.54 -8.47
N GLN A 995 -10.11 10.72 -8.96
CA GLN A 995 -10.95 9.95 -8.06
C GLN A 995 -10.29 8.62 -7.70
N GLU A 996 -10.19 8.37 -6.39
CA GLU A 996 -9.74 7.09 -5.89
C GLU A 996 -10.74 6.01 -6.29
N VAL A 997 -10.31 5.09 -7.15
CA VAL A 997 -11.17 4.04 -7.69
C VAL A 997 -10.61 2.66 -7.38
N GLY A 998 -9.66 2.57 -6.44
CA GLY A 998 -9.11 1.31 -6.02
C GLY A 998 -8.52 1.41 -4.63
N LEU A 999 -8.84 0.46 -3.76
CA LEU A 999 -8.37 0.47 -2.37
C LEU A 999 -8.07 -0.96 -1.96
N PHE A 1000 -7.02 -1.14 -1.16
CA PHE A 1000 -6.56 -2.48 -0.80
C PHE A 1000 -5.52 -2.42 0.32
N HIS A 1001 -5.72 -3.19 1.38
CA HIS A 1001 -4.77 -3.27 2.48
C HIS A 1001 -3.77 -4.39 2.19
N LEU A 1002 -2.53 -4.01 1.91
CA LEU A 1002 -1.48 -4.96 1.59
C LEU A 1002 -0.79 -5.54 2.81
N GLY A 1003 -0.72 -4.78 3.91
CA GLY A 1003 -0.01 -5.25 5.08
C GLY A 1003 1.49 -5.22 4.96
N GLU A 1004 2.03 -4.63 3.89
CA GLU A 1004 3.44 -4.37 3.73
C GLU A 1004 3.65 -2.88 3.52
N PHE A 1005 4.90 -2.44 3.68
CA PHE A 1005 5.25 -1.04 3.52
C PHE A 1005 6.17 -0.94 2.31
N VAL A 1006 5.68 -0.31 1.24
CA VAL A 1006 6.30 -0.37 -0.07
C VAL A 1006 7.26 0.80 -0.23
N ASN A 1007 8.51 0.49 -0.63
CA ASN A 1007 9.51 1.50 -0.89
C ASN A 1007 9.74 1.77 -2.37
N VAL A 1008 9.36 0.85 -3.25
CA VAL A 1008 9.73 0.99 -4.66
C VAL A 1008 8.79 0.19 -5.56
N PHE A 1009 8.28 0.85 -6.60
CA PHE A 1009 7.65 0.20 -7.73
C PHE A 1009 8.58 0.28 -8.93
N CYS A 1010 8.52 -0.73 -9.80
CA CYS A 1010 9.13 -0.58 -11.11
C CYS A 1010 8.54 -1.60 -12.08
N HIS A 1011 8.35 -1.16 -13.32
CA HIS A 1011 7.81 -2.02 -14.36
C HIS A 1011 8.84 -3.07 -14.76
N GLY A 1012 8.41 -4.32 -14.78
CA GLY A 1012 9.30 -5.41 -15.10
C GLY A 1012 8.69 -6.73 -14.69
N SER A 1013 9.35 -7.81 -15.12
CA SER A 1013 8.84 -9.14 -14.86
C SER A 1013 10.01 -10.10 -14.70
N LEU A 1014 9.86 -11.04 -13.78
CA LEU A 1014 10.87 -12.07 -13.56
C LEU A 1014 10.59 -13.33 -14.34
N VAL A 1015 9.50 -13.37 -15.13
CA VAL A 1015 9.22 -14.50 -15.99
C VAL A 1015 9.67 -14.15 -17.40
N MET A 1016 10.30 -15.11 -18.06
CA MET A 1016 10.49 -14.99 -19.51
C MET A 1016 9.13 -14.85 -20.17
N GLN A 1017 9.04 -13.93 -21.13
CA GLN A 1017 7.78 -13.70 -21.84
C GLN A 1017 8.05 -13.78 -23.33
N ASN A 1018 7.77 -14.94 -23.92
CA ASN A 1018 7.64 -15.10 -25.36
C ASN A 1018 6.20 -15.50 -25.65
N LEU A 1019 5.68 -15.01 -26.77
CA LEU A 1019 4.24 -15.00 -27.01
C LEU A 1019 3.51 -14.36 -25.83
N PRO A 1025 -4.47 -12.82 -20.51
CA PRO A 1025 -5.30 -12.88 -19.30
C PRO A 1025 -5.00 -11.74 -18.34
N THR A 1026 -3.95 -10.99 -18.65
CA THR A 1026 -3.34 -10.09 -17.67
C THR A 1026 -2.45 -9.09 -18.40
N GLN A 1027 -2.57 -7.82 -18.04
CA GLN A 1027 -1.87 -6.74 -18.73
C GLN A 1027 -0.96 -5.99 -17.76
N GLY A 1028 0.25 -5.70 -18.21
CA GLY A 1028 1.21 -4.97 -17.41
C GLY A 1028 1.89 -5.83 -16.36
N SER A 1029 2.98 -5.31 -15.83
CA SER A 1029 3.73 -6.01 -14.78
C SER A 1029 4.50 -4.98 -13.97
N VAL A 1030 4.05 -4.73 -12.74
CA VAL A 1030 4.70 -3.80 -11.83
C VAL A 1030 5.18 -4.59 -10.62
N LEU A 1031 6.48 -4.62 -10.40
CA LEU A 1031 7.04 -5.26 -9.22
C LEU A 1031 7.22 -4.23 -8.10
N PHE A 1032 7.32 -4.73 -6.87
CA PHE A 1032 7.38 -3.82 -5.74
C PHE A 1032 8.07 -4.49 -4.56
N GLY A 1033 8.85 -3.71 -3.82
CA GLY A 1033 9.62 -4.20 -2.72
C GLY A 1033 9.28 -3.51 -1.42
N THR A 1034 9.41 -4.25 -0.32
CA THR A 1034 8.85 -3.84 0.96
C THR A 1034 9.91 -3.93 2.06
N VAL A 1035 9.60 -3.29 3.19
CA VAL A 1035 10.50 -3.26 4.33
C VAL A 1035 10.76 -4.67 4.87
N ASN A 1036 9.76 -5.54 4.79
CA ASN A 1036 9.91 -6.91 5.28
C ASN A 1036 10.60 -7.82 4.27
N GLY A 1037 11.04 -7.30 3.13
CA GLY A 1037 11.65 -8.14 2.12
C GLY A 1037 10.66 -8.88 1.25
N MET A 1038 9.37 -8.58 1.39
CA MET A 1038 8.37 -9.16 0.52
C MET A 1038 8.39 -8.47 -0.84
N ILE A 1039 8.35 -9.27 -1.89
CA ILE A 1039 8.29 -8.76 -3.26
C ILE A 1039 6.93 -9.13 -3.84
N GLY A 1040 6.18 -8.11 -4.27
CA GLY A 1040 4.87 -8.30 -4.82
C GLY A 1040 4.77 -7.86 -6.27
N LEU A 1041 3.60 -8.13 -6.84
CA LEU A 1041 3.34 -7.91 -8.26
C LEU A 1041 1.94 -7.35 -8.42
N VAL A 1042 1.81 -6.28 -9.19
CA VAL A 1042 0.52 -5.67 -9.51
C VAL A 1042 0.34 -5.72 -11.03
N THR A 1043 -0.88 -6.04 -11.46
CA THR A 1043 -1.19 -6.07 -12.88
C THR A 1043 -2.66 -5.70 -13.07
N SER A 1044 -3.04 -5.55 -14.33
CA SER A 1044 -4.38 -5.09 -14.70
C SER A 1044 -5.22 -6.22 -15.25
N LEU A 1045 -6.53 -6.09 -15.09
CA LEU A 1045 -7.50 -7.04 -15.60
C LEU A 1045 -8.58 -6.31 -16.37
N SER A 1046 -9.22 -7.02 -17.29
CA SER A 1046 -10.47 -6.54 -17.86
C SER A 1046 -11.57 -6.68 -16.82
N GLU A 1047 -12.68 -5.98 -17.07
CA GLU A 1047 -13.83 -6.13 -16.17
C GLU A 1047 -14.35 -7.56 -16.19
N SER A 1048 -14.25 -8.24 -17.34
CA SER A 1048 -14.63 -9.64 -17.43
C SER A 1048 -13.90 -10.49 -16.40
N TRP A 1049 -12.57 -10.34 -16.34
CA TRP A 1049 -11.78 -11.17 -15.43
C TRP A 1049 -11.96 -10.75 -13.98
N TYR A 1050 -11.99 -9.44 -13.72
CA TYR A 1050 -12.15 -8.97 -12.35
C TYR A 1050 -13.43 -9.49 -11.73
N ASN A 1051 -14.55 -9.43 -12.47
CA ASN A 1051 -15.82 -9.91 -11.93
C ASN A 1051 -15.77 -11.42 -11.68
N LEU A 1052 -15.11 -12.16 -12.56
CA LEU A 1052 -15.01 -13.61 -12.37
C LEU A 1052 -14.22 -13.94 -11.11
N LEU A 1053 -13.07 -13.29 -10.92
CA LEU A 1053 -12.23 -13.62 -9.78
C LEU A 1053 -12.75 -13.00 -8.48
N LEU A 1054 -13.48 -11.89 -8.57
CA LEU A 1054 -14.16 -11.36 -7.38
C LEU A 1054 -15.23 -12.33 -6.91
N ASP A 1055 -15.95 -12.93 -7.86
CA ASP A 1055 -16.87 -14.01 -7.53
C ASP A 1055 -16.13 -15.19 -6.90
N MET A 1056 -15.00 -15.59 -7.51
CA MET A 1056 -14.20 -16.68 -6.97
C MET A 1056 -13.77 -16.40 -5.54
N GLN A 1057 -13.44 -15.14 -5.24
CA GLN A 1057 -12.88 -14.81 -3.94
C GLN A 1057 -13.89 -15.04 -2.83
N ASN A 1058 -15.12 -14.54 -3.00
CA ASN A 1058 -16.15 -14.73 -1.99
C ASN A 1058 -16.52 -16.19 -1.83
N ARG A 1059 -16.44 -16.97 -2.91
CA ARG A 1059 -16.67 -18.41 -2.80
C ARG A 1059 -15.53 -19.11 -2.09
N LEU A 1060 -14.28 -18.71 -2.39
CA LEU A 1060 -13.14 -19.27 -1.68
C LEU A 1060 -13.19 -18.95 -0.20
N ASN A 1061 -13.71 -17.77 0.15
CA ASN A 1061 -13.69 -17.33 1.55
C ASN A 1061 -14.66 -18.13 2.41
N LYS A 1062 -15.76 -18.62 1.83
CA LYS A 1062 -16.67 -19.46 2.59
C LYS A 1062 -16.11 -20.86 2.85
N VAL A 1063 -15.12 -21.27 2.05
CA VAL A 1063 -14.61 -22.63 2.11
C VAL A 1063 -13.29 -22.71 2.88
N ILE A 1064 -12.41 -21.73 2.71
CA ILE A 1064 -11.10 -21.75 3.35
C ILE A 1064 -11.24 -21.31 4.80
N LYS A 1065 -10.69 -22.11 5.71
CA LYS A 1065 -10.64 -21.71 7.11
C LYS A 1065 -9.46 -20.77 7.33
N SER A 1066 -9.72 -19.64 7.98
CA SER A 1066 -8.67 -18.67 8.28
C SER A 1066 -8.21 -18.88 9.72
N VAL A 1067 -6.90 -18.85 9.92
CA VAL A 1067 -6.34 -19.01 11.26
C VAL A 1067 -6.79 -17.85 12.12
N GLY A 1068 -7.25 -18.16 13.34
CA GLY A 1068 -7.83 -17.16 14.20
C GLY A 1068 -9.23 -16.71 13.80
N LYS A 1069 -9.78 -17.25 12.71
CA LYS A 1069 -11.11 -16.91 12.23
C LYS A 1069 -11.23 -15.41 11.95
N ILE A 1070 -10.30 -14.92 11.13
CA ILE A 1070 -10.30 -13.53 10.66
C ILE A 1070 -10.97 -13.49 9.30
N GLU A 1071 -11.92 -12.57 9.13
CA GLU A 1071 -12.61 -12.42 7.84
C GLU A 1071 -11.67 -11.84 6.81
N HIS A 1072 -11.59 -12.49 5.63
CA HIS A 1072 -10.67 -12.02 4.60
C HIS A 1072 -11.01 -10.61 4.14
N SER A 1073 -12.29 -10.25 4.09
CA SER A 1073 -12.65 -8.90 3.67
C SER A 1073 -12.27 -7.87 4.73
N PHE A 1074 -12.28 -8.26 6.01
CA PHE A 1074 -11.81 -7.36 7.06
C PHE A 1074 -10.31 -7.12 6.94
N TRP A 1075 -9.55 -8.16 6.63
CA TRP A 1075 -8.10 -8.05 6.51
C TRP A 1075 -7.71 -7.13 5.37
N ARG A 1076 -8.33 -7.31 4.21
CA ARG A 1076 -7.98 -6.54 3.03
C ARG A 1076 -8.67 -5.19 2.96
N SER A 1077 -9.41 -4.80 4.00
CA SER A 1077 -10.08 -3.50 3.97
C SER A 1077 -9.08 -2.37 4.13
N PHE A 1078 -9.25 -1.34 3.31
CA PHE A 1078 -8.43 -0.15 3.42
C PHE A 1078 -8.63 0.49 4.78
N HIS A 1079 -7.53 0.68 5.52
CA HIS A 1079 -7.63 1.09 6.92
C HIS A 1079 -6.53 2.08 7.25
N THR A 1080 -6.95 3.25 7.73
CA THR A 1080 -6.07 4.24 8.35
C THR A 1080 -6.79 4.77 9.59
N GLU A 1081 -6.16 5.71 10.28
CA GLU A 1081 -6.84 6.36 11.40
C GLU A 1081 -7.83 7.43 10.94
N ARG A 1082 -7.90 7.71 9.62
CA ARG A 1082 -8.91 8.61 9.09
C ARG A 1082 -10.18 7.89 8.65
N LYS A 1083 -10.04 6.70 8.07
CA LYS A 1083 -11.22 5.98 7.56
C LYS A 1083 -10.90 4.51 7.40
N THR A 1084 -11.96 3.69 7.34
CA THR A 1084 -11.86 2.28 7.03
C THR A 1084 -12.93 1.92 6.02
N GLU A 1085 -12.52 1.43 4.86
CA GLU A 1085 -13.45 1.07 3.80
C GLU A 1085 -13.10 -0.30 3.24
N PRO A 1086 -14.09 -1.05 2.76
CA PRO A 1086 -13.79 -2.31 2.08
C PRO A 1086 -12.94 -2.07 0.83
N ALA A 1087 -12.18 -3.10 0.46
CA ALA A 1087 -11.39 -3.03 -0.76
C ALA A 1087 -12.29 -3.04 -1.99
N THR A 1088 -11.85 -2.31 -3.02
CA THR A 1088 -12.46 -2.38 -4.34
C THR A 1088 -11.36 -2.29 -5.39
N GLY A 1089 -11.61 -2.91 -6.54
CA GLY A 1089 -10.68 -2.84 -7.65
C GLY A 1089 -9.44 -3.67 -7.51
N PHE A 1090 -9.37 -4.55 -6.51
CA PHE A 1090 -8.17 -5.33 -6.25
C PHE A 1090 -8.55 -6.78 -6.01
N ILE A 1091 -8.02 -7.67 -6.84
CA ILE A 1091 -8.09 -9.11 -6.60
C ILE A 1091 -6.89 -9.52 -5.78
N ASP A 1092 -7.13 -10.22 -4.68
CA ASP A 1092 -6.06 -10.78 -3.84
C ASP A 1092 -5.57 -12.05 -4.54
N GLY A 1093 -4.50 -11.89 -5.32
CA GLY A 1093 -3.96 -13.03 -6.06
C GLY A 1093 -3.55 -14.17 -5.17
N ASP A 1094 -3.05 -13.87 -3.97
CA ASP A 1094 -2.67 -14.94 -3.05
C ASP A 1094 -3.88 -15.80 -2.67
N LEU A 1095 -5.05 -15.18 -2.52
CA LEU A 1095 -6.25 -15.95 -2.24
C LEU A 1095 -6.65 -16.80 -3.45
N ILE A 1096 -6.62 -16.20 -4.64
CA ILE A 1096 -6.95 -16.93 -5.86
C ILE A 1096 -6.04 -18.14 -6.02
N GLU A 1097 -4.75 -17.98 -5.74
CA GLU A 1097 -3.82 -19.07 -5.95
C GLU A 1097 -4.00 -20.19 -4.93
N SER A 1098 -4.49 -19.88 -3.73
CA SER A 1098 -4.73 -20.92 -2.74
C SER A 1098 -5.82 -21.90 -3.18
N PHE A 1099 -6.55 -21.56 -4.25
CA PHE A 1099 -7.51 -22.50 -4.84
C PHE A 1099 -6.84 -23.81 -5.22
N LEU A 1100 -5.64 -23.75 -5.78
CA LEU A 1100 -4.94 -24.96 -6.21
C LEU A 1100 -4.55 -25.86 -5.04
N ASP A 1101 -4.64 -25.39 -3.81
CA ASP A 1101 -4.20 -26.13 -2.64
C ASP A 1101 -5.34 -26.78 -1.86
N ILE A 1102 -6.59 -26.40 -2.12
CA ILE A 1102 -7.71 -27.00 -1.39
C ILE A 1102 -8.01 -28.38 -1.94
N SER A 1103 -8.66 -29.21 -1.12
CA SER A 1103 -9.06 -30.53 -1.55
C SER A 1103 -10.12 -30.43 -2.65
N ARG A 1104 -10.14 -31.43 -3.52
CA ARG A 1104 -11.07 -31.39 -4.66
C ARG A 1104 -12.53 -31.43 -4.23
N PRO A 1105 -12.90 -32.01 -3.06
CA PRO A 1105 -14.25 -31.76 -2.53
C PRO A 1105 -14.51 -30.27 -2.33
N LYS A 1106 -13.66 -29.61 -1.53
CA LYS A 1106 -13.75 -28.16 -1.38
C LYS A 1106 -13.75 -27.46 -2.73
N MET A 1107 -12.92 -27.95 -3.66
CA MET A 1107 -12.83 -27.36 -4.98
C MET A 1107 -14.15 -27.45 -5.72
N GLN A 1108 -14.87 -28.57 -5.58
CA GLN A 1108 -16.19 -28.72 -6.18
C GLN A 1108 -17.19 -27.77 -5.54
N GLU A 1109 -17.13 -27.60 -4.22
CA GLU A 1109 -18.11 -26.78 -3.53
C GLU A 1109 -17.99 -25.32 -3.96
N VAL A 1110 -16.77 -24.86 -4.21
CA VAL A 1110 -16.56 -23.47 -4.65
C VAL A 1110 -17.13 -23.26 -6.05
N VAL A 1111 -16.93 -24.23 -6.94
CA VAL A 1111 -17.28 -24.05 -8.36
C VAL A 1111 -18.78 -24.16 -8.63
N ALA A 1112 -19.56 -24.64 -7.66
CA ALA A 1112 -20.98 -24.88 -7.92
C ALA A 1112 -21.70 -23.59 -8.30
N ASN A 1113 -22.66 -23.72 -9.22
CA ASN A 1113 -23.58 -22.65 -9.64
C ASN A 1113 -22.82 -21.49 -10.29
N LEU A 1114 -22.06 -21.82 -11.34
CA LEU A 1114 -21.05 -20.91 -11.88
C LEU A 1114 -20.84 -21.20 -13.36
N GLN A 1115 -20.84 -20.14 -14.18
CA GLN A 1115 -20.76 -20.26 -15.64
C GLN A 1115 -19.87 -19.17 -16.20
N TYR A 1116 -19.13 -19.50 -17.27
CA TYR A 1116 -18.35 -18.55 -18.04
C TYR A 1116 -17.97 -19.19 -19.36
N ASP A 1117 -17.43 -18.38 -20.27
CA ASP A 1117 -16.98 -18.87 -21.57
C ASP A 1117 -15.85 -19.88 -21.39
N GLU A 1125 -21.66 -24.35 -18.15
CA GLU A 1125 -21.31 -24.27 -16.73
C GLU A 1125 -19.87 -23.83 -16.53
N ALA A 1126 -19.29 -24.32 -15.43
CA ALA A 1126 -17.87 -24.19 -15.15
C ALA A 1126 -17.56 -25.33 -14.19
N THR A 1127 -16.55 -26.12 -14.52
CA THR A 1127 -16.19 -27.24 -13.68
C THR A 1127 -14.97 -26.88 -12.85
N ALA A 1128 -14.61 -27.78 -11.95
CA ALA A 1128 -13.38 -27.63 -11.18
C ALA A 1128 -12.17 -27.53 -12.11
N ASP A 1129 -12.20 -28.28 -13.22
CA ASP A 1129 -11.06 -28.29 -14.13
C ASP A 1129 -10.92 -26.99 -14.90
N ASP A 1130 -12.03 -26.34 -15.25
CA ASP A 1130 -11.92 -25.07 -15.97
C ASP A 1130 -11.11 -24.06 -15.17
N LEU A 1131 -11.34 -23.99 -13.86
CA LEU A 1131 -10.71 -22.98 -13.02
C LEU A 1131 -9.31 -23.37 -12.56
N ILE A 1132 -8.97 -24.66 -12.56
CA ILE A 1132 -7.56 -25.02 -12.40
C ILE A 1132 -6.76 -24.51 -13.59
N LYS A 1133 -7.35 -24.59 -14.78
CA LYS A 1133 -6.71 -24.01 -15.96
C LYS A 1133 -6.62 -22.49 -15.85
N VAL A 1134 -7.57 -21.85 -15.17
CA VAL A 1134 -7.51 -20.40 -15.00
C VAL A 1134 -6.44 -20.02 -13.99
N VAL A 1135 -6.48 -20.60 -12.79
CA VAL A 1135 -5.57 -20.21 -11.73
C VAL A 1135 -4.14 -20.59 -12.07
N GLU A 1136 -3.94 -21.77 -12.68
CA GLU A 1136 -2.61 -22.15 -13.12
C GLU A 1136 -2.04 -21.16 -14.12
N GLU A 1137 -2.88 -20.69 -15.06
CA GLU A 1137 -2.45 -19.65 -15.98
C GLU A 1137 -2.05 -18.39 -15.23
N LEU A 1138 -2.77 -18.06 -14.15
CA LEU A 1138 -2.46 -16.86 -13.40
C LEU A 1138 -1.12 -16.95 -12.69
N THR A 1139 -0.74 -18.13 -12.22
CA THR A 1139 0.52 -18.27 -11.50
C THR A 1139 1.74 -17.96 -12.37
N ARG A 1140 1.59 -18.01 -13.70
CA ARG A 1140 2.72 -17.84 -14.60
C ARG A 1140 3.17 -16.40 -14.76
N ILE A 1141 2.44 -15.43 -14.20
CA ILE A 1141 2.86 -14.05 -14.30
C ILE A 1141 4.05 -13.77 -13.38
N HIS A 1142 4.30 -14.63 -12.41
CA HIS A 1142 5.44 -14.50 -11.51
C HIS A 1142 6.19 -15.82 -11.38
N ALA B 2 14.03 9.45 16.61
CA ALA B 2 13.35 10.68 16.24
C ALA B 2 14.35 11.78 15.88
N PRO B 3 14.95 11.68 14.69
CA PRO B 3 15.87 12.73 14.25
C PRO B 3 15.16 14.05 13.99
N ILE B 4 15.83 15.15 14.36
CA ILE B 4 15.22 16.48 14.21
C ILE B 4 15.01 16.81 12.74
N ASN B 5 16.00 16.51 11.88
CA ASN B 5 15.94 16.86 10.46
C ASN B 5 15.02 15.89 9.72
N PHE B 6 14.15 16.46 8.89
CA PHE B 6 13.19 15.67 8.12
C PHE B 6 13.89 14.62 7.26
N THR B 7 14.96 15.02 6.56
CA THR B 7 15.60 14.11 5.61
C THR B 7 16.12 12.86 6.30
N SER B 8 16.62 13.01 7.53
CA SER B 8 17.06 11.85 8.29
C SER B 8 15.88 10.96 8.68
N ARG B 9 14.75 11.57 9.04
CA ARG B 9 13.57 10.79 9.39
C ARG B 9 13.04 10.01 8.19
N LEU B 10 13.04 10.64 7.01
CA LEU B 10 12.52 9.97 5.82
C LEU B 10 13.35 8.74 5.47
N ASN B 11 14.68 8.85 5.59
CA ASN B 11 15.53 7.69 5.32
C ASN B 11 15.28 6.57 6.33
N ARG B 12 15.25 6.91 7.62
CA ARG B 12 15.01 5.92 8.65
C ARG B 12 13.67 5.22 8.45
N ARG B 13 12.69 5.89 7.86
CA ARG B 13 11.39 5.27 7.66
C ARG B 13 11.47 4.11 6.67
N ALA B 14 12.27 4.26 5.61
CA ALA B 14 12.31 3.24 4.57
C ALA B 14 12.99 1.97 5.05
N SER B 15 13.90 2.07 6.01
CA SER B 15 14.73 0.94 6.41
C SER B 15 14.58 0.53 7.87
N PHE B 16 14.29 1.46 8.77
CA PHE B 16 14.27 1.06 10.17
C PHE B 16 13.07 1.64 10.92
N PRO B 17 11.83 1.48 10.43
CA PRO B 17 10.72 2.00 11.23
C PRO B 17 10.40 1.10 12.43
N ASP B 23 8.10 11.38 18.88
CA ASP B 23 8.00 10.55 17.68
C ASP B 23 8.23 11.38 16.42
N GLY B 24 8.44 10.69 15.30
CA GLY B 24 8.68 11.39 14.04
C GLY B 24 7.45 12.09 13.51
N GLY B 25 6.27 11.55 13.77
CA GLY B 25 5.04 12.22 13.35
C GLY B 25 4.89 13.60 13.97
N CYS B 26 5.36 13.75 15.21
CA CYS B 26 5.33 15.07 15.86
C CYS B 26 6.20 16.08 15.12
N PHE B 27 7.42 15.66 14.77
CA PHE B 27 8.30 16.55 14.00
C PHE B 27 7.71 16.85 12.63
N ASP B 28 7.08 15.85 12.00
CA ASP B 28 6.42 16.08 10.73
C ASP B 28 5.31 17.12 10.86
N ARG B 29 4.58 17.09 11.98
CA ARG B 29 3.49 18.05 12.17
C ARG B 29 4.02 19.44 12.45
N HIS B 30 5.13 19.55 13.17
CA HIS B 30 5.76 20.85 13.38
C HIS B 30 6.14 21.50 12.06
N LEU B 31 6.57 20.71 11.08
CA LEU B 31 6.90 21.25 9.77
C LEU B 31 5.64 21.58 8.98
N ILE B 32 4.68 20.65 8.95
CA ILE B 32 3.51 20.82 8.11
C ILE B 32 2.62 21.93 8.63
N PHE B 33 2.22 21.85 9.90
CA PHE B 33 1.25 22.79 10.44
C PHE B 33 1.89 24.07 10.97
N SER B 34 3.08 24.41 10.50
CA SER B 34 3.64 25.74 10.65
C SER B 34 3.57 26.56 9.37
N ARG B 35 3.02 26.00 8.30
CA ARG B 35 3.02 26.63 6.99
C ARG B 35 1.60 26.79 6.49
N PHE B 36 1.22 28.02 6.15
CA PHE B 36 -0.08 28.31 5.55
C PHE B 36 0.11 29.32 4.44
N ARG B 37 -0.11 28.91 3.21
CA ARG B 37 -0.07 29.93 2.17
C ARG B 37 -1.48 30.27 1.72
N PRO B 38 -1.84 31.55 1.67
CA PRO B 38 -3.16 31.92 1.16
C PRO B 38 -3.27 31.65 -0.32
N ILE B 39 -4.41 31.10 -0.73
CA ILE B 39 -4.63 30.77 -2.13
C ILE B 39 -5.90 31.39 -2.71
N SER B 40 -6.90 31.71 -1.92
CA SER B 40 -8.17 32.22 -2.46
C SER B 40 -8.81 33.18 -1.48
N VAL B 41 -9.57 34.12 -2.02
CA VAL B 41 -10.42 35.01 -1.24
C VAL B 41 -11.84 34.85 -1.74
N PHE B 42 -12.78 34.75 -0.81
CA PHE B 42 -14.20 34.68 -1.12
C PHE B 42 -14.86 35.97 -0.69
N ARG B 43 -15.49 36.66 -1.64
CA ARG B 43 -16.18 37.91 -1.39
C ARG B 43 -17.66 37.73 -1.66
N GLU B 44 -18.48 38.31 -0.79
CA GLU B 44 -19.92 38.27 -0.98
C GLU B 44 -20.30 38.91 -2.30
N ALA B 45 -21.04 38.16 -3.12
CA ALA B 45 -21.40 38.64 -4.45
C ALA B 45 -22.27 39.88 -4.36
N ASN B 46 -21.98 40.85 -5.24
CA ASN B 46 -22.80 42.06 -5.43
C ASN B 46 -22.72 43.01 -4.24
N GLU B 47 -21.62 42.97 -3.48
CA GLU B 47 -21.43 43.86 -2.35
C GLU B 47 -20.04 44.47 -2.42
N ASP B 48 -19.98 45.80 -2.30
CA ASP B 48 -18.67 46.46 -2.23
C ASP B 48 -17.95 46.12 -0.94
N GLU B 49 -18.69 45.84 0.13
CA GLU B 49 -18.12 45.50 1.43
C GLU B 49 -18.77 44.20 1.90
N SER B 50 -18.00 43.12 1.87
CA SER B 50 -18.52 41.80 2.23
C SER B 50 -18.95 41.79 3.70
N GLY B 51 -19.94 40.95 3.99
CA GLY B 51 -20.48 40.89 5.34
C GLY B 51 -20.43 39.52 5.96
N PHE B 52 -19.41 38.75 5.64
CA PHE B 52 -19.31 37.39 6.16
C PHE B 52 -18.97 37.41 7.64
N THR B 53 -19.58 36.48 8.39
CA THR B 53 -19.40 36.41 9.83
C THR B 53 -19.01 35.02 10.32
N CYS B 54 -19.09 34.00 9.48
CA CYS B 54 -19.04 32.61 9.92
C CYS B 54 -18.69 31.73 8.75
N CYS B 55 -17.87 30.71 8.99
CA CYS B 55 -17.46 29.80 7.93
C CYS B 55 -17.49 28.36 8.42
N ALA B 56 -17.83 27.47 7.50
CA ALA B 56 -17.75 26.03 7.73
C ALA B 56 -17.74 25.36 6.36
N PHE B 57 -17.19 24.15 6.32
CA PHE B 57 -17.16 23.39 5.08
C PHE B 57 -18.38 22.49 4.95
N SER B 58 -18.80 22.27 3.71
CA SER B 58 -19.83 21.30 3.36
C SER B 58 -19.47 19.93 3.89
N ALA B 59 -20.46 19.04 4.02
CA ALA B 59 -20.19 17.70 4.54
C ALA B 59 -19.18 16.96 3.67
N ARG B 60 -19.39 16.97 2.35
CA ARG B 60 -18.38 16.50 1.42
C ARG B 60 -17.42 17.62 1.00
N GLU B 61 -17.44 18.73 1.74
CA GLU B 61 -16.53 19.87 1.62
C GLU B 61 -16.27 20.27 0.18
N ARG B 62 -17.26 20.12 -0.69
CA ARG B 62 -17.20 20.73 -2.01
C ARG B 62 -17.53 22.22 -1.96
N PHE B 63 -18.19 22.65 -0.90
CA PHE B 63 -18.65 24.02 -0.77
C PHE B 63 -18.18 24.62 0.54
N LEU B 64 -17.92 25.92 0.51
CA LEU B 64 -17.63 26.70 1.71
C LEU B 64 -18.91 27.39 2.12
N MET B 65 -19.34 27.15 3.36
CA MET B 65 -20.57 27.72 3.88
C MET B 65 -20.23 28.99 4.66
N LEU B 66 -20.78 30.12 4.22
CA LEU B 66 -20.44 31.43 4.76
C LEU B 66 -21.70 32.13 5.24
N GLY B 67 -21.81 32.33 6.54
CA GLY B 67 -22.90 33.11 7.08
C GLY B 67 -22.62 34.60 6.99
N THR B 68 -23.69 35.39 6.93
CA THR B 68 -23.59 36.82 6.72
C THR B 68 -24.16 37.59 7.90
N CYS B 69 -23.80 38.87 7.98
CA CYS B 69 -24.22 39.73 9.08
C CYS B 69 -25.72 39.99 9.07
N THR B 70 -26.43 39.64 8.01
CA THR B 70 -27.87 39.86 7.94
C THR B 70 -28.66 38.55 7.99
N GLY B 71 -28.05 37.48 8.47
CA GLY B 71 -28.73 36.22 8.65
C GLY B 71 -28.76 35.30 7.44
N GLN B 72 -28.13 35.70 6.34
CA GLN B 72 -28.08 34.82 5.18
C GLN B 72 -26.98 33.77 5.35
N LEU B 73 -27.14 32.67 4.61
CA LEU B 73 -26.13 31.63 4.51
C LEU B 73 -25.83 31.44 3.04
N LYS B 74 -24.60 31.77 2.64
CA LYS B 74 -24.19 31.74 1.25
C LYS B 74 -23.13 30.66 1.06
N LEU B 75 -23.36 29.78 0.08
CA LEU B 75 -22.50 28.64 -0.17
C LEU B 75 -21.75 28.85 -1.48
N TYR B 76 -20.43 28.70 -1.43
CA TYR B 76 -19.57 28.93 -2.58
C TYR B 76 -18.85 27.64 -2.95
N ASN B 77 -18.80 27.37 -4.26
CA ASN B 77 -17.93 26.32 -4.76
C ASN B 77 -16.48 26.67 -4.46
N VAL B 78 -15.79 25.76 -3.78
CA VAL B 78 -14.40 26.02 -3.38
C VAL B 78 -13.49 26.06 -4.60
N PHE B 79 -13.74 25.17 -5.58
CA PHE B 79 -12.85 25.07 -6.73
C PHE B 79 -12.96 26.29 -7.63
N SER B 80 -14.18 26.85 -7.77
CA SER B 80 -14.41 27.93 -8.71
C SER B 80 -14.63 29.28 -8.05
N GLY B 81 -15.03 29.32 -6.78
CA GLY B 81 -15.34 30.56 -6.10
C GLY B 81 -16.69 31.15 -6.41
N GLN B 82 -17.42 30.58 -7.37
CA GLN B 82 -18.73 31.12 -7.75
C GLN B 82 -19.80 30.70 -6.77
N GLU B 83 -20.72 31.61 -6.48
CA GLU B 83 -21.80 31.32 -5.53
C GLU B 83 -22.72 30.25 -6.10
N GLU B 84 -23.08 29.28 -5.26
CA GLU B 84 -23.95 28.17 -5.64
C GLU B 84 -25.36 28.30 -5.10
N ALA B 85 -25.53 28.81 -3.88
CA ALA B 85 -26.85 28.93 -3.29
C ALA B 85 -26.80 29.92 -2.13
N SER B 86 -27.96 30.49 -1.83
CA SER B 86 -28.14 31.40 -0.70
C SER B 86 -29.41 31.03 0.05
N TYR B 87 -29.37 31.21 1.37
CA TYR B 87 -30.49 30.84 2.22
C TYR B 87 -30.71 31.91 3.28
N ASN B 88 -31.97 32.07 3.68
CA ASN B 88 -32.37 33.01 4.72
C ASN B 88 -32.59 32.22 6.01
N CYS B 89 -31.74 32.45 7.00
CA CYS B 89 -31.74 31.67 8.24
C CYS B 89 -32.17 32.46 9.46
N HIS B 90 -31.73 33.71 9.61
CA HIS B 90 -31.97 34.47 10.83
C HIS B 90 -32.17 35.93 10.48
N ASN B 91 -32.52 36.71 11.50
CA ASN B 91 -32.66 38.16 11.39
C ASN B 91 -31.49 38.89 12.08
N SER B 92 -30.37 38.20 12.20
CA SER B 92 -29.15 38.78 12.75
C SER B 92 -27.97 37.95 12.25
N ALA B 93 -26.76 38.46 12.49
CA ALA B 93 -25.56 37.82 11.98
C ALA B 93 -25.48 36.36 12.39
N ILE B 94 -25.10 35.50 11.44
CA ILE B 94 -24.77 34.13 11.77
C ILE B 94 -23.51 34.11 12.61
N THR B 95 -23.56 33.39 13.73
CA THR B 95 -22.41 33.30 14.62
C THR B 95 -21.82 31.90 14.73
N HIS B 96 -22.48 30.89 14.18
CA HIS B 96 -21.98 29.52 14.24
C HIS B 96 -22.64 28.67 13.16
N LEU B 97 -21.88 27.72 12.64
CA LEU B 97 -22.36 26.77 11.65
C LEU B 97 -21.77 25.39 11.93
N GLU B 98 -22.58 24.35 11.74
CA GLU B 98 -22.13 22.97 11.95
C GLU B 98 -23.01 22.02 11.14
N PRO B 99 -22.54 21.57 9.99
CA PRO B 99 -23.26 20.52 9.26
C PRO B 99 -22.99 19.15 9.87
N SER B 100 -23.93 18.24 9.62
CA SER B 100 -23.77 16.85 10.05
C SER B 100 -22.82 16.11 9.11
N ARG B 101 -22.24 15.02 9.64
CA ARG B 101 -21.30 14.24 8.83
C ARG B 101 -21.98 13.61 7.63
N ASP B 102 -23.19 13.08 7.83
CA ASP B 102 -23.93 12.46 6.74
C ASP B 102 -24.38 13.44 5.68
N GLY B 103 -24.29 14.74 5.94
CA GLY B 103 -24.71 15.73 4.97
C GLY B 103 -26.19 15.99 4.90
N SER B 104 -26.94 15.65 5.94
CA SER B 104 -28.39 15.79 5.91
C SER B 104 -28.90 16.99 6.72
N LEU B 105 -28.15 17.45 7.72
CA LEU B 105 -28.63 18.51 8.60
C LEU B 105 -27.55 19.54 8.85
N LEU B 106 -27.99 20.71 9.35
CA LEU B 106 -27.11 21.82 9.64
C LEU B 106 -27.64 22.58 10.84
N LEU B 107 -26.73 22.95 11.75
CA LEU B 107 -27.06 23.78 12.90
C LEU B 107 -26.57 25.20 12.64
N THR B 108 -27.40 26.18 12.99
CA THR B 108 -27.05 27.59 12.86
C THR B 108 -27.28 28.30 14.19
N SER B 109 -26.61 29.43 14.36
CA SER B 109 -26.78 30.26 15.54
C SER B 109 -26.68 31.73 15.13
N ALA B 110 -27.59 32.55 15.64
CA ALA B 110 -27.66 33.96 15.31
C ALA B 110 -27.05 34.81 16.42
N THR B 111 -27.25 36.12 16.34
CA THR B 111 -26.69 37.05 17.31
C THR B 111 -27.71 37.48 18.36
N TRP B 112 -28.83 38.07 17.93
CA TRP B 112 -29.86 38.54 18.84
C TRP B 112 -31.27 38.15 18.45
N SER B 113 -31.55 37.86 17.18
CA SER B 113 -32.89 37.55 16.75
C SER B 113 -33.32 36.19 17.30
N GLN B 114 -34.63 35.98 17.35
CA GLN B 114 -35.07 34.68 17.80
C GLN B 114 -35.85 33.98 16.69
N PRO B 115 -35.63 32.67 16.48
CA PRO B 115 -34.79 31.81 17.32
C PRO B 115 -33.30 32.08 17.16
N LEU B 116 -32.55 31.99 18.27
CA LEU B 116 -31.11 32.16 18.21
C LEU B 116 -30.45 31.03 17.41
N SER B 117 -30.93 29.81 17.59
CA SER B 117 -30.36 28.64 16.94
C SER B 117 -31.47 27.84 16.25
N ALA B 118 -31.07 27.06 15.25
CA ALA B 118 -32.03 26.26 14.49
C ALA B 118 -31.31 25.08 13.85
N LEU B 119 -32.10 24.13 13.37
CA LEU B 119 -31.62 22.96 12.66
C LEU B 119 -32.29 22.91 11.30
N TRP B 120 -31.51 22.63 10.26
CA TRP B 120 -31.97 22.77 8.89
C TRP B 120 -31.71 21.48 8.11
N GLY B 121 -32.66 21.11 7.25
CA GLY B 121 -32.45 20.02 6.34
C GLY B 121 -31.63 20.44 5.13
N MET B 122 -30.89 19.49 4.56
CA MET B 122 -29.98 19.81 3.45
C MET B 122 -29.99 18.74 2.37
N LYS B 123 -31.11 18.03 2.19
CA LYS B 123 -31.19 17.02 1.14
C LYS B 123 -31.69 17.61 -0.18
N SER B 124 -32.89 18.18 -0.17
CA SER B 124 -33.57 18.60 -1.40
C SER B 124 -34.16 20.00 -1.24
N VAL B 125 -34.49 20.37 0.00
CA VAL B 125 -35.07 21.66 0.32
C VAL B 125 -34.46 22.14 1.63
N PHE B 126 -33.92 23.35 1.63
CA PHE B 126 -33.29 23.92 2.82
C PHE B 126 -34.39 24.58 3.64
N ASP B 127 -34.83 23.89 4.69
CA ASP B 127 -35.95 24.34 5.50
C ASP B 127 -35.64 24.07 6.97
N MET B 128 -36.38 24.75 7.84
CA MET B 128 -36.20 24.54 9.27
C MET B 128 -36.80 23.20 9.68
N LYS B 129 -36.04 22.43 10.45
CA LYS B 129 -36.54 21.20 11.06
C LYS B 129 -37.06 21.46 12.45
N HIS B 130 -36.28 22.18 13.26
CA HIS B 130 -36.65 22.55 14.62
C HIS B 130 -35.89 23.81 14.99
N SER B 131 -36.43 24.56 15.93
CA SER B 131 -35.79 25.78 16.41
C SER B 131 -35.55 25.69 17.90
N PHE B 132 -34.54 26.42 18.37
CA PHE B 132 -34.02 26.33 19.74
C PHE B 132 -34.02 27.73 20.36
N THR B 133 -35.20 28.32 20.34
CA THR B 133 -35.45 29.77 20.33
C THR B 133 -34.43 30.62 21.09
N GLU B 134 -34.05 30.24 22.29
CA GLU B 134 -33.15 31.06 23.10
C GLU B 134 -31.80 30.41 23.37
N ASP B 135 -31.46 29.34 22.65
CA ASP B 135 -30.13 28.76 22.72
C ASP B 135 -29.22 29.55 21.79
N HIS B 136 -28.28 30.31 22.36
CA HIS B 136 -27.39 31.13 21.54
C HIS B 136 -26.27 30.33 20.89
N TYR B 137 -25.92 29.16 21.46
CA TYR B 137 -24.97 28.26 20.84
C TYR B 137 -25.59 26.86 20.77
N VAL B 138 -25.19 26.11 19.74
CA VAL B 138 -25.82 24.83 19.43
C VAL B 138 -24.81 23.95 18.74
N GLU B 139 -24.90 22.63 18.99
CA GLU B 139 -23.84 21.72 18.62
C GLU B 139 -24.36 20.29 18.66
N PHE B 140 -23.85 19.46 17.75
CA PHE B 140 -24.27 18.06 17.68
C PHE B 140 -23.56 17.23 18.73
N SER B 141 -24.16 16.08 19.06
CA SER B 141 -23.47 15.05 19.82
C SER B 141 -22.37 14.45 18.96
N LYS B 142 -21.34 13.92 19.62
CA LYS B 142 -20.12 13.53 18.91
C LYS B 142 -20.21 12.13 18.30
N HIS B 143 -20.39 11.11 19.14
CA HIS B 143 -20.34 9.72 18.68
C HIS B 143 -21.39 9.44 17.61
N SER B 144 -22.66 9.51 18.00
CA SER B 144 -23.78 9.44 17.07
C SER B 144 -24.40 10.83 17.01
N GLN B 145 -24.53 11.38 15.81
CA GLN B 145 -25.13 12.70 15.63
C GLN B 145 -26.64 12.54 15.58
N ASP B 146 -27.19 12.18 16.74
CA ASP B 146 -28.61 11.96 16.94
C ASP B 146 -29.26 13.02 17.81
N ARG B 147 -28.48 13.78 18.56
CA ARG B 147 -29.01 14.74 19.53
C ARG B 147 -28.30 16.07 19.37
N VAL B 148 -28.94 17.11 19.89
CA VAL B 148 -28.47 18.49 19.77
C VAL B 148 -28.32 19.05 21.17
N ILE B 149 -27.19 19.69 21.46
CA ILE B 149 -26.95 20.31 22.76
C ILE B 149 -26.82 21.81 22.56
N GLY B 150 -27.73 22.56 23.18
CA GLY B 150 -27.71 24.01 23.11
C GLY B 150 -27.42 24.64 24.45
N THR B 151 -27.04 25.93 24.45
CA THR B 151 -26.67 26.62 25.67
C THR B 151 -27.46 27.91 25.80
N LYS B 152 -28.06 28.13 26.97
CA LYS B 152 -28.72 29.38 27.32
C LYS B 152 -28.07 29.88 28.61
N GLY B 153 -27.09 30.76 28.49
CA GLY B 153 -26.39 31.28 29.64
C GLY B 153 -25.56 30.23 30.36
N ASP B 154 -26.02 29.81 31.53
CA ASP B 154 -25.36 28.78 32.31
C ASP B 154 -26.07 27.43 32.21
N ILE B 155 -27.16 27.35 31.45
CA ILE B 155 -27.98 26.15 31.37
C ILE B 155 -27.65 25.41 30.08
N ALA B 156 -27.72 24.07 30.14
CA ALA B 156 -27.52 23.21 28.97
C ALA B 156 -28.80 22.47 28.67
N HIS B 157 -29.18 22.46 27.39
CA HIS B 157 -30.35 21.72 26.93
C HIS B 157 -29.94 20.68 25.90
N ILE B 158 -30.54 19.50 25.98
CA ILE B 158 -30.28 18.42 25.04
C ILE B 158 -31.60 18.05 24.38
N TYR B 159 -31.62 18.07 23.05
CA TYR B 159 -32.80 17.72 22.27
C TYR B 159 -32.49 16.54 21.38
N ASP B 160 -33.53 16.01 20.74
CA ASP B 160 -33.43 14.89 19.81
C ASP B 160 -33.73 15.43 18.42
N ILE B 161 -32.90 15.04 17.44
CA ILE B 161 -32.87 15.72 16.14
C ILE B 161 -34.05 15.34 15.27
N GLN B 162 -34.90 14.41 15.74
CA GLN B 162 -36.11 14.08 15.00
C GLN B 162 -37.38 14.50 15.73
N THR B 163 -37.53 14.17 17.02
CA THR B 163 -38.70 14.67 17.74
C THR B 163 -38.62 16.19 17.92
N GLY B 164 -37.42 16.71 18.16
CA GLY B 164 -37.22 18.09 18.52
C GLY B 164 -37.38 18.39 19.99
N ASN B 165 -37.83 17.43 20.79
CA ASN B 165 -38.19 17.69 22.17
C ASN B 165 -36.99 17.65 23.10
N LYS B 166 -37.07 18.44 24.17
CA LYS B 166 -36.00 18.62 25.15
C LYS B 166 -35.86 17.35 25.99
N LEU B 167 -34.80 16.58 25.73
CA LEU B 167 -34.65 15.31 26.44
C LEU B 167 -34.22 15.53 27.90
N LEU B 168 -33.35 16.49 28.16
CA LEU B 168 -33.02 16.84 29.54
C LEU B 168 -32.43 18.24 29.62
N THR B 169 -32.24 18.69 30.85
CA THR B 169 -31.76 20.03 31.17
C THR B 169 -30.72 19.91 32.26
N LEU B 170 -29.50 20.38 32.00
CA LEU B 170 -28.40 20.29 32.95
C LEU B 170 -28.08 21.67 33.50
N PHE B 171 -28.23 21.83 34.82
CA PHE B 171 -27.83 23.05 35.50
C PHE B 171 -27.77 22.78 37.00
N ASN B 172 -26.82 23.43 37.65
CA ASN B 172 -26.60 23.27 39.09
C ASN B 172 -26.12 24.63 39.61
N PRO B 173 -27.01 25.44 40.17
CA PRO B 173 -26.60 26.79 40.59
C PRO B 173 -25.56 26.80 41.69
N ASP B 174 -25.37 25.69 42.40
CA ASP B 174 -24.36 25.64 43.45
C ASP B 174 -22.95 25.48 42.87
N LEU B 175 -22.82 24.71 41.80
CA LEU B 175 -21.51 24.44 41.21
C LEU B 175 -21.18 25.36 40.05
N ALA B 176 -22.17 26.07 39.49
CA ALA B 176 -21.97 26.78 38.24
C ALA B 176 -20.91 27.88 38.39
N ASN B 177 -20.23 28.15 37.29
CA ASN B 177 -19.20 29.18 37.23
C ASN B 177 -19.66 30.43 36.49
N ASN B 178 -20.85 30.40 35.87
CA ASN B 178 -21.40 31.56 35.16
C ASN B 178 -20.45 32.07 34.09
N TYR B 179 -19.84 31.14 33.35
CA TYR B 179 -18.81 31.48 32.37
C TYR B 179 -19.36 32.38 31.29
N LYS B 180 -18.56 33.36 30.86
CA LYS B 180 -19.03 34.36 29.91
C LYS B 180 -19.42 33.70 28.59
N ARG B 181 -18.49 32.97 27.98
CA ARG B 181 -18.68 32.35 26.68
C ARG B 181 -19.03 30.87 26.80
N ASN B 182 -19.85 30.53 27.79
CA ASN B 182 -20.21 29.15 28.06
C ASN B 182 -20.77 28.46 26.82
N CYS B 183 -20.26 27.26 26.55
CA CYS B 183 -20.77 26.41 25.48
C CYS B 183 -20.75 24.97 25.98
N ALA B 184 -21.93 24.36 26.11
CA ALA B 184 -22.01 22.98 26.53
C ALA B 184 -21.68 22.05 25.37
N THR B 185 -21.06 20.92 25.69
CA THR B 185 -20.60 20.01 24.65
C THR B 185 -20.50 18.59 25.19
N PHE B 186 -20.53 17.64 24.28
CA PHE B 186 -20.36 16.22 24.59
C PHE B 186 -18.87 15.84 24.53
N ASN B 187 -18.54 14.77 25.24
CA ASN B 187 -17.29 14.08 25.03
C ASN B 187 -17.42 13.19 23.81
N PRO B 188 -16.32 12.63 23.28
CA PRO B 188 -16.42 11.83 22.05
C PRO B 188 -17.30 10.60 22.17
N THR B 189 -17.64 10.16 23.38
CA THR B 189 -18.49 8.99 23.57
C THR B 189 -19.93 9.34 23.88
N ASP B 190 -20.26 10.63 23.98
CA ASP B 190 -21.57 11.17 24.35
C ASP B 190 -21.98 10.79 25.77
N ASP B 191 -21.12 10.09 26.52
CA ASP B 191 -21.46 9.69 27.89
C ASP B 191 -21.39 10.87 28.84
N LEU B 192 -20.49 11.82 28.59
CA LEU B 192 -20.30 12.96 29.46
C LEU B 192 -20.66 14.25 28.73
N VAL B 193 -20.95 15.28 29.51
CA VAL B 193 -21.19 16.63 29.00
C VAL B 193 -20.50 17.61 29.94
N LEU B 194 -19.75 18.54 29.38
CA LEU B 194 -19.21 19.65 30.17
C LEU B 194 -20.03 20.90 29.88
N ASN B 195 -20.50 21.52 30.96
CA ASN B 195 -21.24 22.78 30.88
C ASN B 195 -20.75 23.66 32.01
N ASP B 196 -20.34 24.88 31.66
CA ASP B 196 -20.00 25.91 32.64
C ASP B 196 -18.90 25.45 33.59
N GLY B 197 -17.98 24.63 33.10
CA GLY B 197 -16.91 24.11 33.92
C GLY B 197 -17.29 22.95 34.81
N VAL B 198 -18.43 22.32 34.57
CA VAL B 198 -18.96 21.25 35.42
C VAL B 198 -19.14 20.01 34.55
N LEU B 199 -18.53 18.91 34.97
CA LEU B 199 -18.68 17.65 34.25
C LEU B 199 -19.96 16.96 34.67
N TRP B 200 -20.74 16.49 33.70
CA TRP B 200 -22.01 15.83 33.93
C TRP B 200 -21.95 14.41 33.42
N ASP B 201 -22.64 13.50 34.12
CA ASP B 201 -22.89 12.16 33.63
C ASP B 201 -24.27 12.15 32.97
N VAL B 202 -24.32 11.78 31.69
CA VAL B 202 -25.53 12.01 30.89
C VAL B 202 -26.65 11.06 31.31
N ARG B 203 -26.33 9.77 31.51
CA ARG B 203 -27.36 8.80 31.86
C ARG B 203 -28.02 9.16 33.19
N SER B 204 -27.21 9.47 34.20
CA SER B 204 -27.73 9.77 35.53
C SER B 204 -28.14 11.23 35.73
N ALA B 205 -27.86 12.09 34.75
CA ALA B 205 -28.17 13.52 34.84
C ALA B 205 -27.58 14.15 36.11
N GLN B 206 -26.50 13.56 36.61
CA GLN B 206 -25.87 14.01 37.84
C GLN B 206 -24.54 14.70 37.54
N ALA B 207 -24.23 15.73 38.31
CA ALA B 207 -22.98 16.46 38.15
C ALA B 207 -21.85 15.66 38.76
N ILE B 208 -20.86 15.29 37.95
CA ILE B 208 -19.76 14.46 38.43
C ILE B 208 -18.75 15.30 39.19
N HIS B 209 -18.42 16.48 38.68
CA HIS B 209 -17.28 17.23 39.18
C HIS B 209 -17.36 18.66 38.68
N LYS B 210 -16.94 19.61 39.53
CA LYS B 210 -16.88 21.01 39.18
C LYS B 210 -15.42 21.44 39.16
N PHE B 211 -14.95 21.92 38.02
CA PHE B 211 -13.58 22.38 37.90
C PHE B 211 -13.45 23.80 38.44
N ASP B 212 -12.25 24.13 38.93
CA ASP B 212 -12.02 25.42 39.54
C ASP B 212 -11.84 26.51 38.48
N LYS B 213 -12.24 27.72 38.86
CA LYS B 213 -12.37 28.84 37.92
C LYS B 213 -11.14 29.74 38.01
N PHE B 214 -10.22 29.60 37.06
CA PHE B 214 -9.08 30.49 36.91
C PHE B 214 -9.26 31.45 35.74
N ASN B 215 -10.45 31.49 35.16
CA ASN B 215 -10.72 32.23 33.94
C ASN B 215 -12.16 32.72 34.03
N MET B 216 -12.46 33.78 33.27
CA MET B 216 -13.82 34.30 33.31
C MET B 216 -14.66 33.91 32.11
N ASN B 217 -14.07 33.75 30.92
CA ASN B 217 -14.84 33.57 29.70
C ASN B 217 -15.02 32.12 29.27
N ILE B 218 -13.96 31.32 29.30
CA ILE B 218 -13.91 30.08 28.51
C ILE B 218 -14.58 28.94 29.27
N SER B 219 -15.47 28.23 28.60
CA SER B 219 -16.19 27.11 29.19
C SER B 219 -15.34 25.84 29.24
N GLY B 220 -14.74 25.48 28.11
CA GLY B 220 -13.92 24.27 28.05
C GLY B 220 -14.37 23.28 27.01
N VAL B 221 -13.45 22.43 26.55
CA VAL B 221 -13.75 21.41 25.55
C VAL B 221 -13.17 20.08 26.01
N PHE B 222 -13.73 19.02 25.46
CA PHE B 222 -13.14 17.69 25.63
C PHE B 222 -12.07 17.48 24.57
N HIS B 223 -10.94 16.94 24.99
CA HIS B 223 -9.95 16.53 24.00
C HIS B 223 -10.48 15.30 23.25
N PRO B 224 -10.28 15.25 21.93
CA PRO B 224 -10.78 14.08 21.18
C PRO B 224 -10.15 12.77 21.60
N ASN B 225 -9.03 12.80 22.34
CA ASN B 225 -8.40 11.56 22.81
C ASN B 225 -9.15 10.91 23.97
N GLY B 226 -10.20 11.55 24.49
CA GLY B 226 -10.98 11.00 25.58
C GLY B 226 -10.29 10.97 26.92
N LEU B 227 -9.10 11.58 27.04
CA LEU B 227 -8.33 11.50 28.26
C LEU B 227 -8.15 12.83 28.98
N GLU B 228 -8.39 13.95 28.31
CA GLU B 228 -8.14 15.26 28.90
C GLU B 228 -9.34 16.16 28.71
N VAL B 229 -9.37 17.23 29.51
CA VAL B 229 -10.39 18.27 29.44
C VAL B 229 -9.66 19.61 29.39
N ILE B 230 -9.94 20.39 28.36
CA ILE B 230 -9.25 21.66 28.12
C ILE B 230 -10.22 22.78 28.48
N ILE B 231 -9.99 23.40 29.62
CA ILE B 231 -10.52 24.71 29.90
C ILE B 231 -9.41 25.71 29.60
N ASN B 232 -9.73 27.01 29.57
CA ASN B 232 -8.74 28.02 29.20
C ASN B 232 -7.45 27.82 29.96
N THR B 233 -6.39 27.54 29.21
CA THR B 233 -5.01 27.49 29.72
C THR B 233 -4.78 26.35 30.70
N GLU B 234 -5.83 25.61 31.05
CA GLU B 234 -5.73 24.52 32.00
C GLU B 234 -6.15 23.22 31.33
N ILE B 235 -5.32 22.21 31.47
CA ILE B 235 -5.58 20.87 30.93
C ILE B 235 -5.76 19.94 32.12
N TRP B 236 -6.98 19.41 32.26
CA TRP B 236 -7.34 18.55 33.38
C TRP B 236 -7.38 17.11 32.93
N ASP B 237 -6.76 16.22 33.72
CA ASP B 237 -6.91 14.79 33.49
C ASP B 237 -8.37 14.40 33.71
N LEU B 238 -8.97 13.78 32.70
CA LEU B 238 -10.39 13.44 32.76
C LEU B 238 -10.70 12.37 33.80
N ARG B 239 -9.71 11.56 34.17
CA ARG B 239 -9.92 10.49 35.13
C ARG B 239 -9.67 10.94 36.56
N THR B 240 -8.53 11.57 36.83
CA THR B 240 -8.13 11.92 38.18
C THR B 240 -8.59 13.31 38.60
N PHE B 241 -8.84 14.20 37.64
CA PHE B 241 -9.22 15.60 37.83
C PHE B 241 -8.02 16.44 38.28
N HIS B 242 -6.81 15.90 38.19
CA HIS B 242 -5.60 16.66 38.50
C HIS B 242 -5.22 17.56 37.33
N LEU B 243 -4.58 18.68 37.66
CA LEU B 243 -4.08 19.60 36.65
C LEU B 243 -2.85 19.00 35.97
N LEU B 244 -2.95 18.75 34.66
CA LEU B 244 -1.86 18.13 33.93
C LEU B 244 -0.86 19.16 33.40
N HIS B 245 -1.34 20.17 32.68
CA HIS B 245 -0.48 21.22 32.16
C HIS B 245 -1.16 22.56 32.35
N THR B 246 -0.35 23.62 32.22
CA THR B 246 -0.85 24.98 32.09
C THR B 246 -0.17 25.61 30.89
N VAL B 247 -0.97 26.16 29.98
CA VAL B 247 -0.41 26.72 28.75
C VAL B 247 -0.95 28.13 28.55
N PRO B 248 -0.11 29.14 28.76
CA PRO B 248 -0.60 30.53 28.66
C PRO B 248 -1.04 30.93 27.25
N ALA B 249 -0.55 30.24 26.21
CA ALA B 249 -0.86 30.65 24.85
C ALA B 249 -2.32 30.43 24.50
N LEU B 250 -2.96 29.40 25.08
CA LEU B 250 -4.36 29.12 24.79
C LEU B 250 -5.31 30.13 25.43
N ASP B 251 -4.80 31.18 26.05
CA ASP B 251 -5.64 32.11 26.81
C ASP B 251 -6.73 32.71 25.92
N GLN B 252 -7.98 32.42 26.26
CA GLN B 252 -9.16 33.04 25.66
C GLN B 252 -9.33 32.70 24.19
N CYS B 253 -8.76 31.59 23.73
CA CYS B 253 -8.79 31.23 22.32
C CYS B 253 -9.88 30.19 22.04
N ARG B 254 -10.70 30.45 21.03
CA ARG B 254 -11.48 29.40 20.41
C ARG B 254 -10.54 28.32 19.88
N VAL B 255 -10.69 27.09 20.37
CA VAL B 255 -9.78 26.00 20.03
C VAL B 255 -10.53 24.97 19.20
N VAL B 256 -10.00 24.69 18.01
CA VAL B 256 -10.50 23.68 17.09
C VAL B 256 -9.47 22.57 17.00
N PHE B 257 -9.93 21.35 16.74
CA PHE B 257 -9.07 20.23 16.45
C PHE B 257 -9.20 19.85 14.99
N ASN B 258 -8.11 19.38 14.40
CA ASN B 258 -8.21 18.80 13.07
C ASN B 258 -8.94 17.46 13.15
N HIS B 259 -9.29 16.92 11.98
CA HIS B 259 -10.18 15.77 11.92
C HIS B 259 -9.63 14.57 12.71
N THR B 260 -8.32 14.34 12.64
CA THR B 260 -7.70 13.23 13.34
C THR B 260 -7.27 13.56 14.76
N GLY B 261 -7.48 14.79 15.20
CA GLY B 261 -7.21 15.15 16.59
C GLY B 261 -5.75 15.13 17.00
N THR B 262 -4.84 15.47 16.10
CA THR B 262 -3.40 15.61 16.39
C THR B 262 -2.89 17.04 16.29
N VAL B 263 -3.69 17.99 15.81
CA VAL B 263 -3.33 19.41 15.77
C VAL B 263 -4.46 20.21 16.39
N MET B 264 -4.10 21.29 17.10
CA MET B 264 -5.05 22.16 17.78
C MET B 264 -4.86 23.58 17.26
N TYR B 265 -5.90 24.11 16.63
CA TYR B 265 -5.89 25.53 16.28
C TYR B 265 -6.47 26.35 17.43
N GLY B 266 -6.07 27.61 17.47
CA GLY B 266 -6.63 28.57 18.39
C GLY B 266 -6.52 29.95 17.80
N ALA B 267 -7.62 30.71 17.79
CA ALA B 267 -7.63 32.07 17.28
C ALA B 267 -8.14 33.01 18.35
N MET B 268 -7.57 34.21 18.41
CA MET B 268 -8.06 35.22 19.34
C MET B 268 -9.47 35.64 18.97
N LYS B 283 -7.97 51.63 20.05
CA LYS B 283 -7.48 50.27 19.83
C LYS B 283 -8.62 49.31 19.51
N SER B 284 -8.25 48.09 19.08
CA SER B 284 -9.14 47.06 18.58
C SER B 284 -9.27 45.91 19.58
N PRO B 285 -10.44 45.30 19.70
CA PRO B 285 -10.65 44.23 20.69
C PRO B 285 -10.44 42.82 20.17
N PHE B 286 -10.22 42.63 18.88
CA PHE B 286 -10.14 41.29 18.30
C PHE B 286 -8.69 40.91 18.04
N GLY B 287 -8.50 39.72 17.49
CA GLY B 287 -7.16 39.20 17.26
C GLY B 287 -6.75 39.18 15.81
N SER B 288 -5.45 39.15 15.57
CA SER B 288 -4.90 39.13 14.23
C SER B 288 -4.24 37.82 13.86
N SER B 289 -4.20 36.84 14.78
CA SER B 289 -3.41 35.65 14.55
C SER B 289 -4.13 34.41 15.05
N PHE B 290 -3.65 33.26 14.60
CA PHE B 290 -4.03 31.97 15.14
C PHE B 290 -2.77 31.16 15.42
N ARG B 291 -2.86 30.28 16.40
CA ARG B 291 -1.75 29.43 16.78
C ARG B 291 -2.10 27.97 16.50
N THR B 292 -1.07 27.17 16.18
CA THR B 292 -1.21 25.73 16.10
C THR B 292 -0.40 25.09 17.21
N PHE B 293 -0.91 23.97 17.72
CA PHE B 293 -0.26 23.21 18.77
C PHE B 293 -0.29 21.74 18.43
N ASN B 294 0.78 21.03 18.76
CA ASN B 294 0.73 19.57 18.76
C ASN B 294 -0.31 19.13 19.77
N ALA B 295 -1.37 18.46 19.31
CA ALA B 295 -2.47 18.13 20.22
C ALA B 295 -2.06 17.13 21.31
N THR B 296 -1.00 16.36 21.09
CA THR B 296 -0.68 15.28 22.01
C THR B 296 0.22 15.70 23.16
N ASP B 297 0.92 16.84 23.04
CA ASP B 297 1.71 17.35 24.16
C ASP B 297 1.65 18.87 24.29
N TYR B 298 0.80 19.54 23.52
CA TYR B 298 0.46 20.95 23.64
C TYR B 298 1.64 21.90 23.41
N LYS B 299 2.75 21.41 22.86
CA LYS B 299 3.82 22.34 22.53
C LYS B 299 3.41 23.17 21.31
N PRO B 300 3.69 24.46 21.32
CA PRO B 300 3.27 25.32 20.20
C PRO B 300 4.05 24.99 18.95
N ILE B 301 3.36 24.98 17.82
CA ILE B 301 3.97 24.72 16.52
C ILE B 301 4.33 26.02 15.81
N ALA B 302 3.37 26.93 15.70
CA ALA B 302 3.61 28.20 15.03
C ALA B 302 2.53 29.19 15.40
N THR B 303 2.84 30.46 15.22
CA THR B 303 1.90 31.56 15.38
C THR B 303 1.84 32.28 14.03
N ILE B 304 0.73 32.12 13.32
CA ILE B 304 0.57 32.68 11.98
C ILE B 304 -0.14 34.00 12.12
N ASP B 305 0.51 35.09 11.72
CA ASP B 305 -0.03 36.42 11.90
C ASP B 305 -0.64 36.91 10.59
N VAL B 306 -1.97 36.83 10.51
CA VAL B 306 -2.71 37.62 9.54
C VAL B 306 -2.65 39.08 9.97
N LYS B 307 -2.61 39.98 8.99
CA LYS B 307 -2.50 41.39 9.32
C LYS B 307 -3.86 41.98 9.69
N ARG B 308 -4.90 41.16 9.68
CA ARG B 308 -6.28 41.60 9.71
C ARG B 308 -6.94 41.05 10.97
N ASN B 309 -8.11 41.61 11.30
CA ASN B 309 -8.91 41.06 12.39
C ASN B 309 -9.56 39.77 11.94
N ILE B 310 -9.56 38.78 12.82
CA ILE B 310 -10.14 37.47 12.55
C ILE B 310 -11.44 37.35 13.35
N PHE B 311 -12.43 36.68 12.77
CA PHE B 311 -13.68 36.44 13.45
C PHE B 311 -14.12 34.98 13.47
N ASP B 312 -13.60 34.15 12.57
CA ASP B 312 -13.89 32.73 12.59
C ASP B 312 -12.78 32.00 11.85
N LEU B 313 -12.64 30.71 12.14
CA LEU B 313 -11.83 29.84 11.32
C LEU B 313 -12.36 28.43 11.44
N CYS B 314 -12.00 27.60 10.46
CA CYS B 314 -12.41 26.21 10.43
C CYS B 314 -11.49 25.47 9.47
N THR B 315 -11.31 24.19 9.72
CA THR B 315 -10.52 23.32 8.86
C THR B 315 -11.44 22.32 8.18
N ASP B 316 -10.94 21.73 7.10
CA ASP B 316 -11.65 20.62 6.48
C ASP B 316 -11.23 19.32 7.15
N THR B 317 -11.86 18.21 6.76
CA THR B 317 -11.48 16.93 7.32
C THR B 317 -10.23 16.34 6.68
N LYS B 318 -9.75 16.95 5.60
CA LYS B 318 -8.60 16.43 4.86
C LYS B 318 -7.30 17.10 5.25
N ASP B 319 -7.33 18.03 6.22
CA ASP B 319 -6.19 18.89 6.54
C ASP B 319 -5.60 19.52 5.29
N CYS B 320 -6.46 19.83 4.31
CA CYS B 320 -6.02 20.49 3.10
C CYS B 320 -6.19 22.00 3.21
N TYR B 321 -7.39 22.46 3.51
CA TYR B 321 -7.71 23.87 3.54
C TYR B 321 -8.00 24.33 4.95
N LEU B 322 -7.68 25.59 5.21
CA LEU B 322 -8.10 26.31 6.40
C LEU B 322 -8.80 27.57 5.95
N ALA B 323 -10.06 27.73 6.35
CA ALA B 323 -10.84 28.92 6.01
C ALA B 323 -10.82 29.85 7.20
N VAL B 324 -10.42 31.10 6.97
CA VAL B 324 -10.38 32.13 8.00
C VAL B 324 -11.20 33.31 7.51
N ILE B 325 -11.97 33.90 8.41
CA ILE B 325 -12.82 35.03 8.08
C ILE B 325 -12.15 36.28 8.61
N GLU B 326 -11.71 37.13 7.69
CA GLU B 326 -10.78 38.21 7.98
C GLU B 326 -11.40 39.54 7.60
N ASN B 327 -11.21 40.53 8.47
CA ASN B 327 -11.67 41.90 8.20
C ASN B 327 -10.63 42.62 7.35
N GLN B 328 -11.03 43.06 6.17
CA GLN B 328 -10.11 43.76 5.28
C GLN B 328 -9.73 45.12 5.85
N GLY B 329 -8.48 45.51 5.65
CA GLY B 329 -8.02 46.83 6.03
C GLY B 329 -7.28 46.84 7.36
N SER B 330 -7.23 48.04 7.94
CA SER B 330 -6.53 48.22 9.21
C SER B 330 -7.27 47.52 10.34
N MET B 331 -6.52 47.11 11.35
CA MET B 331 -7.10 46.40 12.48
C MET B 331 -7.99 47.32 13.33
N ASP B 332 -7.43 48.45 13.76
CA ASP B 332 -8.20 49.38 14.59
C ASP B 332 -9.26 50.13 13.80
N ALA B 333 -9.18 50.14 12.48
CA ALA B 333 -10.18 50.83 11.68
C ALA B 333 -11.53 50.13 11.78
N LEU B 334 -11.54 48.80 11.81
CA LEU B 334 -12.76 48.01 11.83
C LEU B 334 -13.69 48.40 10.69
N ASN B 335 -13.18 48.32 9.47
CA ASN B 335 -14.02 48.48 8.30
C ASN B 335 -15.12 47.41 8.31
N MET B 336 -16.14 47.61 7.47
CA MET B 336 -17.18 46.59 7.41
C MET B 336 -16.80 45.44 6.49
N ASP B 337 -15.88 45.66 5.55
CA ASP B 337 -15.51 44.64 4.57
C ASP B 337 -14.86 43.44 5.28
N THR B 338 -15.61 42.35 5.38
CA THR B 338 -15.14 41.12 6.03
C THR B 338 -15.27 39.98 5.04
N VAL B 339 -14.13 39.39 4.66
CA VAL B 339 -14.10 38.33 3.66
C VAL B 339 -13.72 37.02 4.32
N CYS B 340 -13.75 35.93 3.54
CA CYS B 340 -13.21 34.65 3.96
C CYS B 340 -12.04 34.30 3.05
N ARG B 341 -10.92 33.91 3.66
CA ARG B 341 -9.69 33.63 2.93
C ARG B 341 -9.28 32.18 3.16
N LEU B 342 -9.01 31.46 2.08
CA LEU B 342 -8.57 30.07 2.15
C LEU B 342 -7.06 30.00 2.20
N TYR B 343 -6.54 29.18 3.11
CA TYR B 343 -5.13 28.82 3.13
C TYR B 343 -4.99 27.34 2.82
N GLU B 344 -3.86 26.97 2.24
CA GLU B 344 -3.52 25.57 2.03
C GLU B 344 -2.53 25.15 3.11
N VAL B 345 -2.87 24.11 3.86
CA VAL B 345 -2.07 23.70 5.01
C VAL B 345 -0.77 23.07 4.53
N GLY B 346 0.33 23.40 5.21
CA GLY B 346 1.61 22.78 4.95
C GLY B 346 2.36 23.34 3.77
N ARG B 347 1.95 24.49 3.24
CA ARG B 347 2.45 25.01 1.99
C ARG B 347 2.96 26.42 2.20
N GLN B 348 4.07 26.76 1.53
CA GLN B 348 4.72 28.05 1.73
C GLN B 348 5.11 28.65 0.38
N ARG B 349 5.41 29.95 0.42
CA ARG B 349 5.89 30.68 -0.74
C ARG B 349 7.40 30.83 -0.64
N LEU B 350 8.10 30.53 -1.73
CA LEU B 350 9.53 30.73 -1.84
C LEU B 350 9.81 32.10 -2.44
N ALA B 351 11.08 32.53 -2.32
CA ALA B 351 11.46 33.84 -2.86
C ALA B 351 11.37 33.85 -4.38
N GLU B 352 11.78 32.76 -5.01
CA GLU B 352 11.75 32.65 -6.47
C GLU B 352 10.32 32.72 -6.99
N GLU B 353 9.37 32.37 -6.15
CA GLU B 353 7.96 32.39 -6.54
C GLU B 353 7.50 33.80 -6.86
N LEU B 354 7.58 34.69 -5.89
CA LEU B 354 7.18 36.08 -6.08
C LEU B 354 8.05 36.77 -7.11
N ALA B 355 7.53 36.92 -8.32
CA ALA B 355 8.26 37.57 -9.41
C ALA B 355 7.54 38.83 -9.88
N ASN C 1 -32.90 3.81 -24.78
CA ASN C 1 -32.79 3.71 -23.33
C ASN C 1 -33.29 4.98 -22.64
N ILE C 2 -34.40 5.54 -23.14
CA ILE C 2 -34.89 6.80 -22.58
C ILE C 2 -35.18 6.66 -21.09
N PHE C 3 -35.57 5.47 -20.64
CA PHE C 3 -35.73 5.23 -19.21
C PHE C 3 -34.43 5.50 -18.47
N GLU C 4 -33.34 4.87 -18.90
CA GLU C 4 -32.06 5.09 -18.23
C GLU C 4 -31.66 6.55 -18.31
N MET C 5 -31.86 7.18 -19.47
CA MET C 5 -31.55 8.60 -19.64
C MET C 5 -32.14 9.44 -18.51
N LEU C 6 -33.44 9.26 -18.26
CA LEU C 6 -34.10 10.04 -17.22
C LEU C 6 -33.82 9.51 -15.82
N ARG C 7 -33.38 8.27 -15.69
CA ARG C 7 -32.91 7.77 -14.40
C ARG C 7 -31.69 8.55 -13.93
N ILE C 8 -30.87 9.03 -14.86
CA ILE C 8 -29.70 9.83 -14.50
C ILE C 8 -30.03 11.32 -14.52
N ASP C 9 -30.89 11.76 -15.44
CA ASP C 9 -31.21 13.18 -15.53
C ASP C 9 -32.17 13.62 -14.41
N HIS C 10 -33.18 12.82 -14.10
CA HIS C 10 -34.19 13.17 -13.12
C HIS C 10 -34.08 12.40 -11.81
N GLY C 11 -33.60 11.16 -11.85
CA GLY C 11 -33.54 10.34 -10.67
C GLY C 11 -34.68 9.36 -10.60
N LEU C 12 -34.42 8.23 -9.94
CA LEU C 12 -35.41 7.18 -9.75
C LEU C 12 -35.54 6.89 -8.27
N ARG C 13 -36.78 6.84 -7.78
CA ARG C 13 -37.04 6.50 -6.39
C ARG C 13 -38.12 5.42 -6.36
N LEU C 14 -37.92 4.43 -5.49
CA LEU C 14 -38.74 3.23 -5.47
C LEU C 14 -39.78 3.24 -4.37
N LYS C 15 -39.63 4.11 -3.37
CA LYS C 15 -40.61 4.30 -2.31
C LYS C 15 -41.31 5.64 -2.52
N ILE C 16 -42.60 5.70 -2.17
CA ILE C 16 -43.37 6.92 -2.36
C ILE C 16 -42.65 8.09 -1.68
N TYR C 17 -42.69 9.25 -2.34
CA TYR C 17 -42.04 10.44 -1.81
C TYR C 17 -42.84 11.66 -2.24
N LYS C 18 -42.51 12.80 -1.64
CA LYS C 18 -43.14 14.07 -1.98
C LYS C 18 -42.23 14.87 -2.89
N ASP C 19 -42.81 15.53 -3.88
CA ASP C 19 -42.05 16.36 -4.80
C ASP C 19 -41.95 17.78 -4.22
N THR C 20 -41.41 18.72 -5.00
CA THR C 20 -41.17 20.07 -4.48
C THR C 20 -42.44 20.86 -4.23
N GLU C 21 -43.60 20.36 -4.65
CA GLU C 21 -44.88 20.99 -4.34
C GLU C 21 -45.62 20.29 -3.21
N GLY C 22 -45.07 19.20 -2.66
CA GLY C 22 -45.73 18.45 -1.63
C GLY C 22 -46.60 17.31 -2.12
N TYR C 23 -46.69 17.11 -3.43
CA TYR C 23 -47.55 16.08 -4.00
C TYR C 23 -46.85 14.72 -3.96
N TYR C 24 -47.66 13.66 -3.90
CA TYR C 24 -47.12 12.32 -3.76
C TYR C 24 -46.68 11.76 -5.12
N THR C 25 -45.47 11.19 -5.15
CA THR C 25 -44.78 10.84 -6.39
C THR C 25 -44.06 9.51 -6.20
N ILE C 26 -43.87 8.78 -7.31
CA ILE C 26 -43.16 7.50 -7.33
C ILE C 26 -42.39 7.39 -8.64
N GLY C 27 -41.43 6.47 -8.66
CA GLY C 27 -40.73 6.14 -9.89
C GLY C 27 -39.80 7.26 -10.31
N ILE C 28 -39.92 7.68 -11.57
CA ILE C 28 -39.26 8.88 -12.07
C ILE C 28 -40.34 9.94 -12.20
N GLY C 29 -40.48 10.77 -11.17
CA GLY C 29 -41.36 11.93 -11.20
C GLY C 29 -42.79 11.64 -11.63
N HIS C 30 -43.30 10.46 -11.30
CA HIS C 30 -44.67 10.09 -11.65
C HIS C 30 -45.61 10.54 -10.53
N LEU C 31 -46.37 11.60 -10.80
CA LEU C 31 -47.32 12.12 -9.82
C LEU C 31 -48.45 11.12 -9.59
N LEU C 32 -48.60 10.68 -8.35
CA LEU C 32 -49.66 9.73 -8.03
C LEU C 32 -50.98 10.43 -7.75
N THR C 33 -50.93 11.53 -7.01
CA THR C 33 -52.12 12.30 -6.65
C THR C 33 -51.68 13.60 -5.99
N LYS C 34 -52.50 14.63 -6.13
CA LYS C 34 -52.30 15.87 -5.39
C LYS C 34 -52.95 15.85 -4.02
N SER C 35 -53.63 14.77 -3.68
CA SER C 35 -54.27 14.65 -2.38
C SER C 35 -53.22 14.62 -1.27
N PRO C 36 -53.55 15.14 -0.08
CA PRO C 36 -52.65 15.02 1.07
C PRO C 36 -52.72 13.68 1.78
N SER C 37 -53.59 12.77 1.31
CA SER C 37 -53.71 11.45 1.91
C SER C 37 -52.67 10.51 1.32
N LEU C 38 -51.80 9.95 2.16
CA LEU C 38 -50.87 8.93 1.69
C LEU C 38 -51.62 7.66 1.29
N ASN C 39 -52.77 7.39 1.92
CA ASN C 39 -53.55 6.23 1.54
C ASN C 39 -54.23 6.44 0.19
N ALA C 40 -54.63 7.68 -0.13
CA ALA C 40 -55.10 7.97 -1.47
C ALA C 40 -53.99 7.80 -2.50
N ALA C 41 -52.75 8.09 -2.10
CA ALA C 41 -51.61 7.88 -3.00
C ALA C 41 -51.28 6.41 -3.12
N LYS C 42 -51.35 5.66 -2.01
CA LYS C 42 -51.01 4.25 -2.05
C LYS C 42 -52.00 3.43 -2.86
N SER C 43 -53.23 3.89 -3.02
CA SER C 43 -54.21 3.17 -3.82
C SER C 43 -54.12 3.51 -5.30
N GLU C 44 -53.77 4.75 -5.65
CA GLU C 44 -53.52 5.09 -7.04
C GLU C 44 -52.34 4.30 -7.59
N LEU C 45 -51.30 4.14 -6.77
CA LEU C 45 -50.17 3.29 -7.17
C LEU C 45 -50.57 1.83 -7.23
N ASP C 46 -51.47 1.41 -6.33
CA ASP C 46 -51.91 0.02 -6.32
C ASP C 46 -52.80 -0.32 -7.50
N LYS C 47 -53.49 0.67 -8.08
CA LYS C 47 -54.24 0.40 -9.30
C LYS C 47 -53.33 0.51 -10.53
N ALA C 48 -52.50 1.55 -10.58
CA ALA C 48 -51.57 1.70 -11.69
C ALA C 48 -50.72 0.45 -11.88
N ILE C 49 -49.98 0.08 -10.85
CA ILE C 49 -49.22 -1.15 -10.85
C ILE C 49 -50.15 -2.31 -10.46
N GLY C 50 -49.84 -3.51 -10.96
CA GLY C 50 -50.82 -4.59 -10.93
C GLY C 50 -51.27 -4.95 -9.53
N ARG C 51 -50.34 -5.07 -8.60
CA ARG C 51 -50.60 -5.64 -7.29
C ARG C 51 -50.83 -4.55 -6.24
N ASN C 52 -50.99 -5.00 -4.99
CA ASN C 52 -50.93 -4.12 -3.83
C ASN C 52 -49.47 -3.97 -3.41
N THR C 53 -49.03 -2.72 -3.23
CA THR C 53 -47.61 -2.42 -3.07
C THR C 53 -47.22 -1.84 -1.72
N ASN C 54 -48.16 -1.21 -0.99
CA ASN C 54 -47.83 -0.44 0.21
C ASN C 54 -46.79 0.65 -0.08
N GLY C 55 -46.78 1.16 -1.31
CA GLY C 55 -45.95 2.29 -1.64
C GLY C 55 -44.50 1.99 -1.93
N VAL C 56 -44.17 0.76 -2.30
CA VAL C 56 -42.79 0.39 -2.65
C VAL C 56 -42.83 -0.48 -3.90
N ILE C 57 -42.02 -0.13 -4.89
CA ILE C 57 -41.98 -0.79 -6.19
C ILE C 57 -40.54 -1.05 -6.57
N THR C 58 -40.33 -1.98 -7.49
CA THR C 58 -38.99 -2.31 -7.97
C THR C 58 -38.83 -1.78 -9.40
N LYS C 59 -37.57 -1.51 -9.78
CA LYS C 59 -37.22 -0.82 -11.02
C LYS C 59 -38.06 -1.24 -12.21
N ASP C 60 -38.34 -2.54 -12.34
CA ASP C 60 -39.20 -3.00 -13.43
C ASP C 60 -40.59 -2.39 -13.34
N GLU C 61 -41.09 -2.21 -12.11
CA GLU C 61 -42.37 -1.52 -11.93
C GLU C 61 -42.27 -0.07 -12.40
N ALA C 62 -41.19 0.61 -12.02
CA ALA C 62 -41.08 2.04 -12.31
C ALA C 62 -40.98 2.29 -13.82
N GLU C 63 -40.30 1.40 -14.55
CA GLU C 63 -40.17 1.63 -15.99
C GLU C 63 -41.50 1.46 -16.70
N LYS C 64 -42.29 0.47 -16.30
CA LYS C 64 -43.64 0.36 -16.85
C LYS C 64 -44.43 1.64 -16.60
N LEU C 65 -44.33 2.17 -15.38
CA LEU C 65 -44.93 3.48 -15.10
C LEU C 65 -44.29 4.58 -15.95
N PHE C 66 -42.97 4.54 -16.12
CA PHE C 66 -42.30 5.59 -16.88
C PHE C 66 -42.74 5.60 -18.34
N ASN C 67 -42.76 4.42 -18.97
CA ASN C 67 -43.07 4.37 -20.39
C ASN C 67 -44.47 4.88 -20.69
N GLN C 68 -45.42 4.69 -19.77
CA GLN C 68 -46.75 5.27 -19.97
C GLN C 68 -46.71 6.79 -19.85
N ASP C 69 -45.86 7.31 -18.96
CA ASP C 69 -45.65 8.76 -18.90
C ASP C 69 -45.03 9.27 -20.19
N VAL C 70 -44.05 8.54 -20.72
CA VAL C 70 -43.50 8.88 -22.03
C VAL C 70 -44.57 8.76 -23.09
N ASP C 71 -45.32 7.66 -23.08
CA ASP C 71 -46.46 7.50 -23.98
C ASP C 71 -47.42 8.66 -23.85
N ALA C 72 -47.75 9.06 -22.63
CA ALA C 72 -48.64 10.20 -22.45
C ALA C 72 -47.99 11.50 -22.92
N ALA C 73 -46.67 11.62 -22.75
CA ALA C 73 -46.00 12.87 -23.14
C ALA C 73 -45.89 12.99 -24.66
N VAL C 74 -45.68 11.89 -25.37
CA VAL C 74 -45.57 11.99 -26.83
C VAL C 74 -46.93 12.33 -27.44
N ARG C 75 -48.01 11.75 -26.89
CA ARG C 75 -49.35 12.16 -27.32
C ARG C 75 -49.55 13.67 -27.17
N GLY C 76 -48.94 14.28 -26.16
CA GLY C 76 -49.01 15.73 -26.03
C GLY C 76 -48.21 16.43 -27.10
N ILE C 77 -47.04 15.91 -27.45
CA ILE C 77 -46.24 16.48 -28.53
C ILE C 77 -46.93 16.25 -29.87
N LEU C 78 -47.36 15.00 -30.13
CA LEU C 78 -48.02 14.66 -31.38
C LEU C 78 -49.26 15.51 -31.64
N ARG C 79 -49.84 16.11 -30.60
CA ARG C 79 -51.03 16.95 -30.73
C ARG C 79 -50.69 18.43 -30.54
N ASN C 80 -49.43 18.82 -30.73
CA ASN C 80 -48.99 20.19 -30.54
C ASN C 80 -48.71 20.83 -31.89
N ALA C 81 -49.08 22.10 -32.02
CA ALA C 81 -48.84 22.82 -33.27
C ALA C 81 -47.35 23.11 -33.46
N LYS C 82 -46.65 23.48 -32.39
CA LYS C 82 -45.27 23.93 -32.46
C LYS C 82 -44.25 22.82 -32.23
N LEU C 83 -44.70 21.60 -31.95
CA LEU C 83 -43.78 20.52 -31.58
C LEU C 83 -43.92 19.28 -32.45
N LYS C 84 -45.11 19.02 -33.01
CA LYS C 84 -45.26 17.87 -33.91
C LYS C 84 -44.35 17.95 -35.15
N PRO C 85 -44.13 19.11 -35.79
CA PRO C 85 -43.18 19.15 -36.91
C PRO C 85 -41.82 18.57 -36.57
N VAL C 86 -41.20 19.06 -35.51
CA VAL C 86 -39.82 18.69 -35.21
C VAL C 86 -39.72 17.36 -34.47
N TYR C 87 -40.81 16.87 -33.85
CA TYR C 87 -40.74 15.55 -33.25
C TYR C 87 -40.64 14.47 -34.32
N ASP C 88 -41.37 14.63 -35.43
CA ASP C 88 -41.27 13.70 -36.54
C ASP C 88 -39.94 13.83 -37.28
N SER C 89 -39.25 14.96 -37.13
CA SER C 89 -38.02 15.22 -37.86
C SER C 89 -36.83 14.44 -37.32
N LEU C 90 -36.92 13.86 -36.13
CA LEU C 90 -35.79 13.25 -35.46
C LEU C 90 -35.97 11.74 -35.35
N ASP C 91 -34.84 11.04 -35.27
CA ASP C 91 -34.81 9.62 -34.98
C ASP C 91 -35.21 9.37 -33.53
N ALA C 92 -35.12 8.10 -33.12
CA ALA C 92 -35.51 7.72 -31.77
C ALA C 92 -34.66 8.42 -30.72
N VAL C 93 -33.34 8.41 -30.90
CA VAL C 93 -32.45 8.90 -29.83
C VAL C 93 -32.62 10.40 -29.62
N ARG C 94 -32.76 11.17 -30.71
CA ARG C 94 -32.85 12.61 -30.56
C ARG C 94 -34.23 13.09 -30.16
N ARG C 95 -35.29 12.32 -30.45
CA ARG C 95 -36.60 12.71 -29.92
C ARG C 95 -36.73 12.39 -28.44
N ALA C 96 -36.06 11.33 -27.98
CA ALA C 96 -36.00 11.06 -26.54
C ALA C 96 -35.30 12.17 -25.79
N ALA C 97 -34.52 13.00 -26.47
CA ALA C 97 -33.92 14.17 -25.83
C ALA C 97 -34.87 15.36 -25.82
N LEU C 98 -35.82 15.41 -26.76
CA LEU C 98 -36.86 16.43 -26.71
C LEU C 98 -37.96 16.04 -25.73
N ILE C 99 -38.26 14.75 -25.62
CA ILE C 99 -39.11 14.27 -24.54
C ILE C 99 -38.50 14.62 -23.19
N ASN C 100 -37.16 14.59 -23.11
CA ASN C 100 -36.47 15.01 -21.89
C ASN C 100 -36.79 16.46 -21.55
N MET C 101 -36.88 17.32 -22.57
CA MET C 101 -37.10 18.74 -22.31
C MET C 101 -38.52 19.02 -21.86
N VAL C 102 -39.51 18.38 -22.51
CA VAL C 102 -40.90 18.63 -22.13
C VAL C 102 -41.18 18.07 -20.75
N PHE C 103 -40.46 17.02 -20.33
CA PHE C 103 -40.57 16.55 -18.96
C PHE C 103 -40.06 17.59 -17.97
N GLN C 104 -39.09 18.42 -18.38
CA GLN C 104 -38.50 19.39 -17.47
C GLN C 104 -39.34 20.66 -17.37
N MET C 105 -39.52 21.36 -18.49
CA MET C 105 -40.10 22.70 -18.49
C MET C 105 -41.50 22.73 -19.10
N GLY C 106 -42.20 21.61 -19.11
CA GLY C 106 -43.51 21.54 -19.72
C GLY C 106 -43.42 21.60 -21.23
N GLU C 107 -44.41 21.03 -21.92
CA GLU C 107 -44.39 21.06 -23.37
C GLU C 107 -44.66 22.47 -23.91
N THR C 108 -45.23 23.35 -23.09
CA THR C 108 -45.41 24.74 -23.50
C THR C 108 -44.12 25.53 -23.35
N GLY C 109 -43.33 25.24 -22.32
CA GLY C 109 -42.04 25.90 -22.18
C GLY C 109 -41.07 25.51 -23.27
N VAL C 110 -41.10 24.24 -23.68
CA VAL C 110 -40.27 23.81 -24.79
C VAL C 110 -40.67 24.52 -26.08
N ALA C 111 -41.97 24.74 -26.26
CA ALA C 111 -42.48 25.47 -27.41
C ALA C 111 -41.91 26.88 -27.51
N GLY C 112 -41.24 27.37 -26.46
CA GLY C 112 -40.66 28.70 -26.52
C GLY C 112 -39.45 28.81 -27.42
N PHE C 113 -38.67 27.73 -27.56
CA PHE C 113 -37.41 27.76 -28.29
C PHE C 113 -37.66 27.70 -29.81
N THR C 114 -38.44 28.68 -30.27
CA THR C 114 -38.95 28.66 -31.65
C THR C 114 -37.83 28.49 -32.66
N ASN C 115 -36.90 29.45 -32.69
CA ASN C 115 -35.81 29.36 -33.66
C ASN C 115 -34.80 28.29 -33.29
N SER C 116 -34.79 27.83 -32.04
CA SER C 116 -33.95 26.68 -31.68
C SER C 116 -34.51 25.40 -32.29
N LEU C 117 -35.84 25.24 -32.30
CA LEU C 117 -36.42 24.05 -32.89
C LEU C 117 -36.39 24.10 -34.42
N ARG C 118 -36.43 25.30 -35.01
CA ARG C 118 -36.40 25.41 -36.47
C ARG C 118 -35.12 24.82 -37.06
N MET C 119 -34.05 24.95 -36.29
CA MET C 119 -32.75 24.46 -36.70
C MET C 119 -32.60 22.98 -36.51
N LEU C 120 -33.34 22.45 -35.56
CA LEU C 120 -33.28 21.07 -35.29
C LEU C 120 -33.95 20.31 -36.37
N GLN C 121 -35.08 20.81 -36.83
CA GLN C 121 -35.83 20.15 -37.86
C GLN C 121 -34.98 20.05 -39.04
N GLN C 122 -34.59 21.21 -39.53
CA GLN C 122 -33.64 21.32 -40.63
C GLN C 122 -32.40 20.51 -40.40
N LYS C 123 -32.32 19.77 -39.33
CA LYS C 123 -31.16 18.95 -39.03
C LYS C 123 -29.84 19.70 -38.95
N ARG C 124 -29.89 20.97 -38.63
CA ARG C 124 -28.70 21.75 -38.46
C ARG C 124 -28.31 21.58 -36.99
N TRP C 125 -27.52 20.56 -36.70
CA TRP C 125 -27.36 20.14 -35.31
C TRP C 125 -26.38 21.02 -34.54
N ASP C 126 -25.22 21.31 -35.13
CA ASP C 126 -24.21 22.09 -34.41
C ASP C 126 -24.73 23.49 -34.11
N GLU C 127 -25.41 24.13 -35.06
CA GLU C 127 -25.91 25.47 -34.83
C GLU C 127 -27.04 25.48 -33.81
N ALA C 128 -27.86 24.42 -33.78
CA ALA C 128 -28.90 24.34 -32.75
C ALA C 128 -28.30 24.18 -31.36
N ALA C 129 -27.19 23.44 -31.26
CA ALA C 129 -26.54 23.25 -29.97
C ALA C 129 -26.08 24.57 -29.37
N VAL C 130 -25.53 25.46 -30.21
CA VAL C 130 -24.96 26.70 -29.70
C VAL C 130 -26.05 27.67 -29.27
N ASN C 131 -27.15 27.74 -30.03
CA ASN C 131 -28.25 28.61 -29.62
C ASN C 131 -29.01 28.03 -28.44
N LEU C 132 -28.97 26.71 -28.24
CA LEU C 132 -29.66 26.11 -27.11
C LEU C 132 -28.97 26.45 -25.79
N ALA C 133 -27.65 26.60 -25.80
CA ALA C 133 -26.93 26.95 -24.58
C ALA C 133 -27.24 28.37 -24.12
N LYS C 134 -27.78 29.22 -24.99
CA LYS C 134 -28.12 30.59 -24.62
C LYS C 134 -29.57 30.66 -24.15
N SER C 135 -29.80 29.97 -23.04
CA SER C 135 -31.09 29.98 -22.37
C SER C 135 -30.86 29.81 -20.89
N ARG C 136 -31.78 30.36 -20.09
CA ARG C 136 -31.71 30.13 -18.65
C ARG C 136 -31.89 28.66 -18.32
N TRP C 137 -32.55 27.91 -19.20
CA TRP C 137 -32.60 26.45 -19.06
C TRP C 137 -31.20 25.88 -18.96
N TYR C 138 -30.30 26.33 -19.84
CA TYR C 138 -28.91 25.91 -19.77
C TYR C 138 -28.22 26.49 -18.54
N ASN C 139 -28.45 27.77 -18.24
CA ASN C 139 -27.72 28.42 -17.17
C ASN C 139 -28.22 28.03 -15.79
N GLN C 140 -29.42 27.46 -15.68
CA GLN C 140 -29.88 27.03 -14.37
C GLN C 140 -29.56 25.58 -14.06
N THR C 141 -29.75 24.70 -15.03
CA THR C 141 -29.43 23.28 -14.89
C THR C 141 -28.42 22.95 -15.98
N PRO C 142 -27.18 23.44 -15.83
CA PRO C 142 -26.21 23.22 -16.91
C PRO C 142 -25.80 21.77 -17.07
N ASN C 143 -25.76 20.99 -15.99
CA ASN C 143 -25.43 19.58 -16.11
C ASN C 143 -26.39 18.88 -17.06
N ARG C 144 -27.68 18.85 -16.71
CA ARG C 144 -28.67 18.17 -17.54
C ARG C 144 -28.64 18.70 -18.98
N ALA C 145 -28.64 20.03 -19.12
CA ALA C 145 -28.81 20.62 -20.44
C ALA C 145 -27.71 20.18 -21.40
N LYS C 146 -26.45 20.32 -21.00
CA LYS C 146 -25.37 20.01 -21.93
C LYS C 146 -25.24 18.52 -22.22
N ARG C 147 -25.92 17.65 -21.47
CA ARG C 147 -25.95 16.23 -21.80
C ARG C 147 -27.12 15.89 -22.71
N VAL C 148 -28.21 16.66 -22.64
CA VAL C 148 -29.28 16.53 -23.62
C VAL C 148 -28.86 17.16 -24.94
N ILE C 149 -28.12 18.27 -24.87
CA ILE C 149 -27.72 18.98 -26.09
C ILE C 149 -26.72 18.15 -26.89
N THR C 150 -25.81 17.46 -26.21
CA THR C 150 -24.91 16.53 -26.90
C THR C 150 -25.67 15.36 -27.52
N THR C 151 -26.85 15.04 -27.01
CA THR C 151 -27.70 14.04 -27.65
C THR C 151 -28.36 14.60 -28.90
N PHE C 152 -28.86 15.84 -28.82
CA PHE C 152 -29.40 16.51 -30.00
C PHE C 152 -28.35 16.64 -31.09
N ARG C 153 -27.09 16.86 -30.70
CA ARG C 153 -26.06 17.22 -31.65
C ARG C 153 -25.50 16.02 -32.40
N THR C 154 -25.49 14.85 -31.76
CA THR C 154 -24.77 13.70 -32.25
C THR C 154 -25.63 12.44 -32.38
N GLY C 155 -26.86 12.46 -31.89
CA GLY C 155 -27.74 11.31 -32.01
C GLY C 155 -27.28 10.08 -31.26
N THR C 156 -26.48 10.24 -30.22
CA THR C 156 -26.03 9.12 -29.41
C THR C 156 -26.44 9.32 -27.96
N TRP C 157 -26.16 8.29 -27.15
CA TRP C 157 -26.34 8.34 -25.71
C TRP C 157 -25.04 8.60 -24.98
N ASP C 158 -24.04 9.17 -25.66
CA ASP C 158 -22.68 9.21 -25.12
C ASP C 158 -22.57 10.10 -23.89
N ALA C 159 -23.38 11.14 -23.80
CA ALA C 159 -23.37 11.98 -22.60
C ALA C 159 -23.91 11.26 -21.37
N TYR C 160 -24.32 10.00 -21.51
CA TYR C 160 -24.92 9.23 -20.44
C TYR C 160 -24.16 7.95 -20.12
N LYS C 161 -23.01 7.72 -20.75
CA LYS C 161 -22.29 6.47 -20.59
C LYS C 161 -21.10 6.65 -19.66
N ASN C 162 -20.86 5.64 -18.82
CA ASN C 162 -19.72 5.53 -17.90
C ASN C 162 -19.43 6.83 -17.11
N LEU C 163 -20.49 7.43 -16.60
CA LEU C 163 -20.34 8.66 -15.83
C LEU C 163 -19.74 8.39 -14.45
N ALA C 164 -19.19 9.43 -13.85
CA ALA C 164 -18.65 9.36 -12.50
C ALA C 164 -19.73 9.68 -11.48
N ALA C 165 -19.47 9.31 -10.22
CA ALA C 165 -20.40 9.61 -9.14
C ALA C 165 -20.63 11.11 -9.07
N ALA C 166 -21.90 11.49 -8.95
CA ALA C 166 -22.26 12.91 -9.00
C ALA C 166 -21.63 13.67 -7.86
N MET C 167 -21.11 14.86 -8.16
CA MET C 167 -20.52 15.69 -7.13
C MET C 167 -21.58 16.15 -6.14
N GLU C 168 -21.14 16.44 -4.92
CA GLU C 168 -22.06 16.85 -3.87
C GLU C 168 -22.90 18.04 -4.31
N ARG C 169 -24.20 17.93 -4.08
CA ARG C 169 -25.15 18.97 -4.42
C ARG C 169 -25.81 19.51 -3.15
N VAL C 170 -26.55 20.58 -3.32
CA VAL C 170 -27.02 21.39 -2.20
C VAL C 170 -28.39 21.97 -2.58
N PRO C 171 -29.30 22.18 -1.63
CA PRO C 171 -30.68 22.56 -1.98
C PRO C 171 -30.74 23.88 -2.71
N PRO C 172 -31.79 24.10 -3.50
CA PRO C 172 -31.92 25.37 -4.24
C PRO C 172 -32.03 26.56 -3.30
N SER C 173 -31.61 27.71 -3.80
CA SER C 173 -31.61 28.93 -2.99
C SER C 173 -33.02 29.31 -2.60
N HIS C 174 -33.12 30.00 -1.47
CA HIS C 174 -34.39 30.62 -1.11
C HIS C 174 -34.68 31.78 -2.04
N ARG C 175 -35.90 32.29 -1.93
CA ARG C 175 -36.23 33.52 -2.64
C ARG C 175 -35.49 34.69 -2.00
N PRO C 176 -34.93 35.60 -2.81
CA PRO C 176 -34.02 36.59 -2.23
C PRO C 176 -34.69 37.42 -1.19
N PRO C 177 -33.94 37.86 -0.16
CA PRO C 177 -34.52 38.75 0.85
C PRO C 177 -34.79 40.13 0.26
N TRP C 178 -35.58 40.91 1.01
CA TRP C 178 -36.02 42.21 0.52
C TRP C 178 -34.85 43.10 0.13
N HIS C 179 -33.74 43.01 0.86
CA HIS C 179 -32.56 43.83 0.59
C HIS C 179 -31.66 43.24 -0.48
N SER C 180 -32.15 42.30 -1.27
CA SER C 180 -31.39 41.82 -2.41
C SER C 180 -31.19 42.95 -3.41
N ARG C 181 -30.00 43.00 -4.01
CA ARG C 181 -29.57 44.19 -4.75
C ARG C 181 -29.95 44.17 -6.22
N VAL C 182 -30.66 43.14 -6.68
CA VAL C 182 -31.21 43.15 -8.04
C VAL C 182 -32.72 42.95 -8.01
N VAL C 183 -33.26 42.27 -6.99
CA VAL C 183 -34.72 42.19 -6.92
C VAL C 183 -35.21 43.46 -6.22
N PRO C 184 -36.12 44.20 -6.82
CA PRO C 184 -36.56 45.48 -6.25
C PRO C 184 -37.41 45.27 -5.01
N THR C 185 -37.65 46.39 -4.31
CA THR C 185 -38.37 46.39 -3.05
C THR C 185 -38.94 47.78 -2.83
N THR C 186 -39.64 47.95 -1.73
CA THR C 186 -40.38 49.17 -1.42
C THR C 186 -39.67 49.97 -0.32
N MET C 187 -40.15 51.20 -0.12
CA MET C 187 -39.54 52.07 0.87
C MET C 187 -40.08 51.82 2.27
N GLN C 188 -41.39 51.60 2.40
CA GLN C 188 -41.95 51.21 3.69
C GLN C 188 -41.27 49.97 4.23
N GLN C 189 -41.02 48.98 3.35
CA GLN C 189 -40.33 47.77 3.75
C GLN C 189 -38.93 48.07 4.24
N ALA C 190 -38.18 48.87 3.47
CA ALA C 190 -36.86 49.29 3.92
C ALA C 190 -36.95 50.10 5.21
N GLN C 191 -37.95 50.97 5.31
CA GLN C 191 -38.08 51.81 6.49
C GLN C 191 -38.47 50.99 7.72
N GLN C 192 -39.33 49.99 7.54
CA GLN C 192 -39.74 49.16 8.66
C GLN C 192 -38.58 48.36 9.21
N ALA C 193 -37.72 47.83 8.33
CA ALA C 193 -36.60 47.01 8.77
C ALA C 193 -35.65 47.82 9.64
N MET C 194 -35.38 49.07 9.26
CA MET C 194 -34.58 49.94 10.12
C MET C 194 -35.26 50.14 11.47
N TRP C 195 -36.57 50.38 11.46
CA TRP C 195 -37.32 50.52 12.72
C TRP C 195 -37.20 49.27 13.57
N ASP C 196 -37.38 48.09 12.95
CA ASP C 196 -37.26 46.83 13.68
C ASP C 196 -35.87 46.67 14.27
N LEU C 197 -34.84 46.76 13.42
CA LEU C 197 -33.47 46.61 13.89
C LEU C 197 -33.12 47.62 14.99
N ASN C 198 -33.75 48.79 14.97
CA ASN C 198 -33.40 49.83 15.93
C ASN C 198 -33.94 49.54 17.33
N GLU C 199 -35.04 48.79 17.43
CA GLU C 199 -35.46 48.27 18.73
C GLU C 199 -34.29 47.59 19.44
N GLU C 200 -33.63 46.66 18.75
CA GLU C 200 -32.49 45.96 19.33
C GLU C 200 -31.28 46.88 19.45
N ALA C 201 -31.01 47.66 18.39
CA ALA C 201 -29.79 48.46 18.36
C ALA C 201 -29.78 49.50 19.48
N GLU C 202 -30.94 50.12 19.74
CA GLU C 202 -30.99 51.17 20.76
C GLU C 202 -30.76 50.62 22.17
N LYS C 203 -30.93 49.32 22.38
CA LYS C 203 -30.61 48.72 23.67
C LYS C 203 -29.11 48.72 23.95
N HIS C 204 -28.28 48.84 22.92
CA HIS C 204 -26.84 48.72 23.06
C HIS C 204 -26.08 50.00 22.79
N PHE C 205 -26.64 50.92 22.01
CA PHE C 205 -25.94 52.14 21.62
C PHE C 205 -26.88 53.32 21.75
N SER C 206 -26.29 54.51 21.89
CA SER C 206 -27.06 55.74 21.95
C SER C 206 -27.63 56.07 20.58
N ARG C 207 -28.65 56.94 20.57
CA ARG C 207 -29.21 57.36 19.29
C ARG C 207 -28.23 58.23 18.51
N GLU C 208 -27.41 59.03 19.19
CA GLU C 208 -26.38 59.78 18.51
C GLU C 208 -25.41 58.86 17.78
N GLU C 209 -25.06 57.74 18.41
CA GLU C 209 -24.20 56.76 17.76
C GLU C 209 -24.85 56.20 16.50
N LEU C 210 -26.12 55.80 16.60
CA LEU C 210 -26.80 55.21 15.46
C LEU C 210 -26.99 56.23 14.34
N ARG C 211 -27.28 57.49 14.68
CA ARG C 211 -27.34 58.53 13.68
C ARG C 211 -26.00 58.70 12.97
N GLY C 212 -24.90 58.50 13.69
CA GLY C 212 -23.59 58.57 13.05
C GLY C 212 -23.44 57.56 11.93
N ILE C 213 -24.01 56.37 12.11
CA ILE C 213 -23.96 55.36 11.05
C ILE C 213 -24.85 55.78 9.89
N TRP C 214 -26.06 56.27 10.19
CA TRP C 214 -26.92 56.80 9.13
C TRP C 214 -26.20 57.89 8.35
N ASN C 215 -25.58 58.85 9.07
CA ASN C 215 -24.80 59.88 8.41
C ASN C 215 -23.67 59.28 7.59
N ASP C 216 -22.89 58.38 8.20
CA ASP C 216 -21.78 57.74 7.48
C ASP C 216 -22.26 57.08 6.20
N VAL C 217 -23.46 56.49 6.23
CA VAL C 217 -23.95 55.75 5.07
C VAL C 217 -24.43 56.71 3.98
N THR C 218 -25.20 57.74 4.35
CA THR C 218 -25.77 58.62 3.35
C THR C 218 -24.76 59.57 2.72
N GLU C 219 -23.55 59.67 3.27
CA GLU C 219 -22.54 60.57 2.74
C GLU C 219 -21.61 59.89 1.74
N LEU C 220 -21.86 58.65 1.41
CA LEU C 220 -21.15 57.96 0.36
C LEU C 220 -21.80 58.25 -0.99
N PRO C 221 -21.03 58.21 -2.07
CA PRO C 221 -21.59 58.51 -3.40
C PRO C 221 -22.52 57.40 -3.86
N ALA C 222 -23.60 57.80 -4.51
CA ALA C 222 -24.59 56.86 -5.04
C ALA C 222 -24.55 56.89 -6.56
N ASP C 223 -25.25 55.92 -7.15
CA ASP C 223 -25.48 55.89 -8.57
C ASP C 223 -26.07 57.22 -9.03
N PRO C 224 -25.40 57.97 -9.90
CA PRO C 224 -26.08 59.06 -10.61
C PRO C 224 -27.26 58.54 -11.41
N ASN C 225 -27.39 57.21 -11.54
CA ASN C 225 -28.48 56.53 -12.22
C ASN C 225 -29.72 56.37 -11.35
N TRP C 226 -29.57 56.39 -10.04
CA TRP C 226 -30.64 55.99 -9.14
C TRP C 226 -31.68 57.09 -9.01
N THR C 227 -32.93 56.68 -8.80
CA THR C 227 -33.95 57.61 -8.35
C THR C 227 -33.73 57.93 -6.88
N VAL C 228 -34.44 58.95 -6.39
CA VAL C 228 -34.35 59.32 -4.99
C VAL C 228 -34.85 58.18 -4.10
N ASP C 229 -35.90 57.48 -4.56
CA ASP C 229 -36.38 56.30 -3.85
C ASP C 229 -35.30 55.21 -3.82
N GLN C 230 -34.76 54.87 -4.98
CA GLN C 230 -33.74 53.82 -5.06
C GLN C 230 -32.52 54.17 -4.23
N ALA C 231 -32.16 55.46 -4.19
CA ALA C 231 -31.02 55.89 -3.39
C ALA C 231 -31.32 55.75 -1.90
N ALA C 232 -32.54 56.10 -1.48
CA ALA C 232 -32.90 55.99 -0.07
C ALA C 232 -32.96 54.54 0.37
N ILE C 233 -33.52 53.66 -0.47
CA ILE C 233 -33.54 52.24 -0.15
C ILE C 233 -32.11 51.70 -0.03
N ALA C 234 -31.20 52.23 -0.86
CA ALA C 234 -29.81 51.81 -0.79
C ALA C 234 -29.17 52.26 0.51
N CYS C 235 -29.56 53.45 1.02
CA CYS C 235 -29.01 53.92 2.28
C CYS C 235 -29.51 53.07 3.45
N ALA C 236 -30.76 52.64 3.41
CA ALA C 236 -31.30 51.81 4.47
C ALA C 236 -30.59 50.45 4.52
N ILE C 237 -30.33 49.86 3.35
CA ILE C 237 -29.71 48.54 3.31
C ILE C 237 -28.28 48.60 3.82
N ASP C 238 -27.53 49.63 3.42
CA ASP C 238 -26.19 49.81 3.96
C ASP C 238 -26.24 50.06 5.46
N TYR C 239 -27.21 50.85 5.92
CA TYR C 239 -27.36 51.08 7.35
C TYR C 239 -27.61 49.79 8.11
N ILE C 240 -28.44 48.91 7.55
CA ILE C 240 -28.76 47.66 8.24
C ILE C 240 -27.54 46.75 8.29
N ARG C 241 -26.83 46.64 7.17
CA ARG C 241 -25.58 45.87 7.16
C ARG C 241 -24.61 46.39 8.22
N ARG C 242 -24.36 47.71 8.22
CA ARG C 242 -23.43 48.29 9.18
C ARG C 242 -23.84 47.98 10.62
N THR C 243 -25.11 48.19 10.93
CA THR C 243 -25.57 48.07 12.32
C THR C 243 -25.57 46.62 12.78
N GLN C 244 -26.07 45.70 11.94
CA GLN C 244 -25.99 44.28 12.25
C GLN C 244 -24.55 43.84 12.43
N THR C 245 -23.64 44.39 11.62
CA THR C 245 -22.22 44.12 11.80
C THR C 245 -21.72 44.65 13.15
N LEU C 246 -22.19 45.84 13.55
CA LEU C 246 -21.77 46.39 14.82
C LEU C 246 -22.35 45.59 16.00
N LEU C 247 -23.60 45.12 15.85
CA LEU C 247 -24.18 44.26 16.87
C LEU C 247 -23.41 42.96 16.99
N PHE C 248 -23.03 42.37 15.85
CA PHE C 248 -22.29 41.12 15.86
C PHE C 248 -20.95 41.28 16.57
N ARG C 249 -20.21 42.33 16.25
CA ARG C 249 -18.93 42.58 16.91
C ARG C 249 -19.12 42.92 18.38
N HIS C 250 -20.21 43.62 18.71
CA HIS C 250 -20.46 43.98 20.10
C HIS C 250 -20.68 42.74 20.97
N TYR C 251 -21.54 41.83 20.52
CA TYR C 251 -21.76 40.60 21.27
C TYR C 251 -20.48 39.77 21.37
N ARG C 252 -19.70 39.72 20.29
CA ARG C 252 -18.42 39.03 20.33
C ARG C 252 -17.50 39.65 21.39
N GLU C 253 -17.47 40.98 21.47
CA GLU C 253 -16.67 41.63 22.49
C GLU C 253 -17.26 41.41 23.89
N GLY C 254 -18.57 41.25 23.98
CA GLY C 254 -19.23 41.07 25.27
C GLY C 254 -20.23 42.18 25.60
N CYS C 255 -21.51 41.83 25.63
CA CYS C 255 -22.59 42.77 25.88
C CYS C 255 -23.08 42.61 27.32
N TYR C 256 -22.81 43.62 28.15
CA TYR C 256 -23.41 43.71 29.47
C TYR C 256 -24.53 44.75 29.47
N HIS C 257 -25.64 44.36 28.85
CA HIS C 257 -26.85 45.18 28.85
C HIS C 257 -28.03 44.36 29.32
C1 GOL D . 26.18 -10.10 5.06
O1 GOL D . 26.65 -10.27 6.36
C2 GOL D . 24.75 -9.52 5.17
O2 GOL D . 24.18 -9.28 3.93
C3 GOL D . 23.97 -10.59 5.97
O3 GOL D . 22.88 -9.93 6.55
C1 GOL E . 11.08 8.30 -20.72
O1 GOL E . 9.92 7.75 -21.29
C2 GOL E . 10.75 9.76 -20.29
O2 GOL E . 11.70 10.65 -20.74
C3 GOL E . 9.34 10.05 -20.85
O3 GOL E . 8.64 10.71 -19.86
C1 GOL F . 14.59 -19.94 9.47
O1 GOL F . 14.22 -21.15 8.91
C2 GOL F . 13.68 -18.86 8.85
O2 GOL F . 14.23 -17.60 8.97
C3 GOL F . 13.50 -19.29 7.38
O3 GOL F . 12.13 -19.21 7.12
C1 GOL G . 21.32 -29.39 26.64
O1 GOL G . 21.19 -28.01 26.85
C2 GOL G . 20.65 -30.13 27.83
O2 GOL G . 20.96 -29.54 29.04
C3 GOL G . 19.13 -30.11 27.55
O3 GOL G . 18.81 -31.30 26.88
C1 GOL H . -5.30 -17.79 6.26
O1 GOL H . -5.40 -18.08 7.62
C2 GOL H . -4.90 -19.10 5.55
O2 GOL H . -5.69 -19.35 4.43
C3 GOL H . -3.40 -18.92 5.17
O3 GOL H . -3.33 -17.87 4.26
C1 GOL I . 15.58 3.97 -8.74
O1 GOL I . 16.49 4.97 -8.38
C2 GOL I . 14.17 4.60 -8.68
O2 GOL I . 13.25 3.88 -9.43
C3 GOL I . 13.81 4.62 -7.18
O3 GOL I . 12.41 4.63 -7.11
C1 GOL J . -16.91 25.14 15.01
O1 GOL J . -17.93 24.23 14.70
C2 GOL J . -17.18 26.41 14.17
O2 GOL J . -17.18 27.56 14.95
C3 GOL J . -16.05 26.42 13.11
O3 GOL J . -16.20 27.61 12.39
ZN ZN K . -25.15 45.22 24.48
C1 GOL L . -22.68 68.15 21.81
O1 GOL L . -23.23 67.81 23.06
C2 GOL L . -22.60 66.84 20.99
O2 GOL L . -22.13 67.07 19.71
C3 GOL L . -21.67 65.92 21.80
O3 GOL L . -21.65 64.69 21.15
#